data_2KK4
#
_entry.id   2KK4
#
_entity_poly.entity_id   1
_entity_poly.type   'polypeptide(L)'
_entity_poly.pdbx_seq_one_letter_code
;QGHMDLICMYVFKGEESFGESIDVYGDYLIVKVGTEFLAVPKKSIKSVEDGRIVIGEFDEEEARELGRKWLEEKSKPVTL
EELKSYGFGEEGEGS
;
_entity_poly.pdbx_strand_id   A
#
# COMPACT_ATOMS: atom_id res chain seq x y z
N GLN A 1 -19.15 8.93 9.06
CA GLN A 1 -18.74 7.81 8.18
C GLN A 1 -17.20 7.78 8.03
N GLY A 2 -16.64 6.57 7.89
CA GLY A 2 -15.19 6.36 7.82
C GLY A 2 -14.65 5.73 9.11
N HIS A 3 -13.35 5.99 9.41
CA HIS A 3 -12.67 5.48 10.63
C HIS A 3 -11.66 6.51 11.16
N MET A 4 -11.04 6.19 12.31
CA MET A 4 -9.94 6.99 12.92
C MET A 4 -8.57 6.44 12.48
N ASP A 5 -7.48 7.14 12.91
CA ASP A 5 -6.06 6.77 12.64
C ASP A 5 -5.78 6.66 11.12
N LEU A 6 -6.25 7.68 10.38
CA LEU A 6 -6.09 7.79 8.93
C LEU A 6 -4.61 8.10 8.55
N ILE A 7 -3.82 8.55 9.55
CA ILE A 7 -2.40 8.90 9.41
C ILE A 7 -1.53 7.66 9.06
N CYS A 8 -1.87 6.51 9.66
CA CYS A 8 -1.16 5.23 9.45
C CYS A 8 -2.00 4.08 10.04
N MET A 9 -2.69 3.34 9.16
CA MET A 9 -3.46 2.15 9.54
C MET A 9 -2.52 0.93 9.62
N TYR A 10 -2.55 0.24 10.77
CA TYR A 10 -1.67 -0.90 11.05
C TYR A 10 -2.15 -2.15 10.29
N VAL A 11 -1.37 -2.59 9.30
CA VAL A 11 -1.71 -3.72 8.44
C VAL A 11 -1.40 -5.04 9.17
N PHE A 12 -2.44 -5.79 9.53
CA PHE A 12 -2.32 -7.13 10.14
C PHE A 12 -2.63 -8.22 9.10
N LYS A 13 -1.69 -9.16 8.92
CA LYS A 13 -1.89 -10.36 8.10
C LYS A 13 -2.71 -11.37 8.93
N GLY A 14 -4.04 -11.19 8.85
CA GLY A 14 -4.99 -11.94 9.66
C GLY A 14 -4.97 -11.43 11.09
N GLU A 15 -4.16 -12.09 11.93
CA GLU A 15 -3.99 -11.73 13.36
C GLU A 15 -2.57 -11.18 13.61
N GLU A 16 -1.57 -11.65 12.81
CA GLU A 16 -0.16 -11.27 13.01
C GLU A 16 0.09 -9.85 12.46
N SER A 17 0.91 -9.07 13.17
CA SER A 17 1.28 -7.70 12.74
C SER A 17 2.23 -7.81 11.52
N PHE A 18 1.71 -7.44 10.34
CA PHE A 18 2.47 -7.52 9.08
C PHE A 18 3.35 -6.28 8.88
N GLY A 19 2.71 -5.10 8.91
CA GLY A 19 3.39 -3.83 8.67
C GLY A 19 2.48 -2.63 8.88
N GLU A 20 2.70 -1.57 8.09
CA GLU A 20 1.98 -0.28 8.22
C GLU A 20 1.67 0.30 6.82
N SER A 21 0.50 0.97 6.69
CA SER A 21 0.09 1.61 5.42
C SER A 21 0.86 2.93 5.23
N ILE A 22 1.75 2.95 4.22
CA ILE A 22 2.61 4.12 3.92
C ILE A 22 2.12 4.81 2.62
N ASP A 23 1.72 4.01 1.60
CA ASP A 23 1.33 4.53 0.27
C ASP A 23 0.25 3.61 -0.35
N VAL A 24 -0.50 4.13 -1.35
CA VAL A 24 -1.52 3.37 -2.11
C VAL A 24 -1.42 3.78 -3.59
N TYR A 25 -1.10 2.83 -4.50
CA TYR A 25 -1.09 3.12 -5.97
C TYR A 25 -1.85 2.01 -6.72
N GLY A 26 -2.83 2.43 -7.56
CA GLY A 26 -3.59 1.50 -8.40
C GLY A 26 -4.36 0.44 -7.61
N ASP A 27 -4.03 -0.83 -7.86
CA ASP A 27 -4.67 -1.99 -7.19
C ASP A 27 -3.76 -2.57 -6.09
N TYR A 28 -2.83 -1.75 -5.57
CA TYR A 28 -1.83 -2.21 -4.56
C TYR A 28 -1.73 -1.21 -3.39
N LEU A 29 -1.94 -1.73 -2.18
CA LEU A 29 -1.63 -1.02 -0.93
C LEU A 29 -0.14 -1.26 -0.60
N ILE A 30 0.68 -0.20 -0.73
CA ILE A 30 2.10 -0.24 -0.35
C ILE A 30 2.19 -0.30 1.19
N VAL A 31 2.56 -1.49 1.69
CA VAL A 31 2.77 -1.74 3.12
C VAL A 31 4.27 -1.73 3.43
N LYS A 32 4.70 -0.81 4.29
CA LYS A 32 6.10 -0.74 4.77
C LYS A 32 6.34 -1.85 5.81
N VAL A 33 7.21 -2.80 5.44
CA VAL A 33 7.58 -3.95 6.29
C VAL A 33 9.12 -4.00 6.44
N GLY A 34 9.60 -4.03 7.69
CA GLY A 34 11.04 -4.13 8.00
C GLY A 34 11.86 -2.96 7.44
N THR A 35 12.37 -3.14 6.21
CA THR A 35 13.19 -2.12 5.49
C THR A 35 12.58 -1.82 4.10
N GLU A 36 11.80 -2.77 3.56
CA GLU A 36 11.29 -2.73 2.17
C GLU A 36 9.77 -2.50 2.13
N PHE A 37 9.21 -2.43 0.92
CA PHE A 37 7.79 -2.12 0.68
C PHE A 37 7.10 -3.30 -0.05
N LEU A 38 6.22 -4.00 0.68
CA LEU A 38 5.39 -5.10 0.15
C LEU A 38 4.05 -4.53 -0.34
N ALA A 39 3.90 -4.45 -1.67
CA ALA A 39 2.68 -3.91 -2.31
C ALA A 39 1.62 -5.01 -2.41
N VAL A 40 0.75 -5.09 -1.38
CA VAL A 40 -0.28 -6.13 -1.29
C VAL A 40 -1.48 -5.78 -2.19
N PRO A 41 -2.02 -6.76 -3.00
CA PRO A 41 -3.22 -6.53 -3.84
C PRO A 41 -4.49 -6.26 -2.99
N LYS A 42 -5.48 -5.54 -3.57
CA LYS A 42 -6.72 -5.14 -2.86
C LYS A 42 -7.55 -6.37 -2.44
N LYS A 43 -7.42 -7.47 -3.21
CA LYS A 43 -8.11 -8.75 -2.93
C LYS A 43 -7.61 -9.39 -1.62
N SER A 44 -6.40 -9.00 -1.18
CA SER A 44 -5.84 -9.45 0.10
C SER A 44 -6.56 -8.72 1.26
N ILE A 45 -6.76 -7.38 1.11
CA ILE A 45 -7.41 -6.56 2.17
C ILE A 45 -8.84 -7.08 2.41
N LYS A 46 -9.07 -7.65 3.59
CA LYS A 46 -10.36 -8.21 4.01
C LYS A 46 -11.30 -7.08 4.45
N SER A 47 -10.91 -6.36 5.51
CA SER A 47 -11.74 -5.30 6.10
C SER A 47 -10.86 -4.18 6.64
N VAL A 48 -11.24 -2.93 6.31
CA VAL A 48 -10.63 -1.74 6.93
C VAL A 48 -11.25 -1.55 8.33
N GLU A 49 -10.42 -1.80 9.35
CA GLU A 49 -10.78 -1.66 10.76
C GLU A 49 -10.55 -0.20 11.21
N ASP A 50 -10.93 0.14 12.44
CA ASP A 50 -10.79 1.51 12.95
C ASP A 50 -9.32 1.80 13.27
N GLY A 51 -8.58 2.23 12.23
CA GLY A 51 -7.16 2.50 12.31
C GLY A 51 -6.28 1.30 12.04
N ARG A 52 -6.87 0.21 11.49
CA ARG A 52 -6.12 -1.00 11.09
C ARG A 52 -6.57 -1.47 9.70
N ILE A 53 -5.72 -2.27 9.03
CA ILE A 53 -6.06 -2.97 7.78
C ILE A 53 -5.82 -4.47 7.98
N VAL A 54 -6.88 -5.26 8.16
CA VAL A 54 -6.77 -6.73 8.13
C VAL A 54 -6.68 -7.18 6.67
N ILE A 55 -5.54 -7.77 6.30
CA ILE A 55 -5.37 -8.46 5.02
C ILE A 55 -5.37 -9.98 5.29
N GLY A 56 -5.55 -10.77 4.25
CA GLY A 56 -5.60 -12.22 4.37
C GLY A 56 -4.31 -12.83 3.87
N GLU A 57 -4.38 -13.47 2.69
CA GLU A 57 -3.24 -14.10 2.04
C GLU A 57 -3.03 -13.51 0.64
N PHE A 58 -1.80 -13.62 0.15
CA PHE A 58 -1.35 -13.04 -1.12
C PHE A 58 0.01 -13.65 -1.50
N ASP A 59 0.38 -13.56 -2.79
CA ASP A 59 1.70 -13.98 -3.26
C ASP A 59 2.74 -12.93 -2.85
N GLU A 60 3.43 -13.23 -1.75
CA GLU A 60 4.41 -12.33 -1.11
C GLU A 60 5.58 -11.95 -2.03
N GLU A 61 6.12 -12.95 -2.76
CA GLU A 61 7.28 -12.73 -3.65
C GLU A 61 6.90 -11.84 -4.86
N GLU A 62 5.63 -11.98 -5.31
CA GLU A 62 5.07 -11.13 -6.39
C GLU A 62 4.87 -9.69 -5.87
N ALA A 63 4.21 -9.56 -4.70
CA ALA A 63 3.95 -8.25 -4.04
C ALA A 63 5.27 -7.50 -3.75
N ARG A 64 6.34 -8.29 -3.54
CA ARG A 64 7.69 -7.81 -3.24
C ARG A 64 8.36 -7.24 -4.52
N GLU A 65 8.24 -7.96 -5.66
CA GLU A 65 8.92 -7.56 -6.92
C GLU A 65 8.22 -6.38 -7.60
N LEU A 66 6.88 -6.34 -7.54
CA LEU A 66 6.11 -5.19 -8.05
C LEU A 66 6.08 -4.05 -7.01
N GLY A 67 6.45 -4.40 -5.76
CA GLY A 67 6.78 -3.43 -4.74
C GLY A 67 8.05 -2.65 -5.08
N ARG A 68 9.13 -3.35 -5.48
CA ARG A 68 10.41 -2.70 -5.89
C ARG A 68 10.31 -2.08 -7.30
N LYS A 69 9.34 -2.58 -8.10
CA LYS A 69 8.97 -1.97 -9.39
C LYS A 69 8.30 -0.60 -9.11
N TRP A 70 7.58 -0.51 -7.98
CA TRP A 70 7.06 0.77 -7.47
C TRP A 70 8.23 1.67 -7.02
N LEU A 71 9.26 1.07 -6.35
CA LEU A 71 10.49 1.80 -5.95
C LEU A 71 11.19 2.43 -7.19
N GLU A 72 10.97 1.84 -8.39
CA GLU A 72 11.46 2.43 -9.65
C GLU A 72 10.55 3.59 -10.13
N GLU A 73 9.22 3.34 -10.18
CA GLU A 73 8.25 4.28 -10.80
C GLU A 73 7.94 5.50 -9.92
N LYS A 74 8.24 5.42 -8.61
CA LYS A 74 7.95 6.48 -7.62
C LYS A 74 8.78 7.76 -7.86
N SER A 75 9.82 7.63 -8.73
CA SER A 75 10.73 8.72 -9.11
C SER A 75 9.99 9.91 -9.79
N LYS A 76 8.79 9.62 -10.31
CA LYS A 76 7.88 10.63 -10.89
C LYS A 76 7.40 11.62 -9.80
N PRO A 77 7.17 12.94 -10.12
CA PRO A 77 6.72 13.96 -9.12
C PRO A 77 5.30 13.65 -8.59
N VAL A 78 5.03 14.09 -7.35
CA VAL A 78 3.80 13.73 -6.62
C VAL A 78 2.54 14.39 -7.24
N THR A 79 1.84 13.61 -8.09
CA THR A 79 0.54 13.99 -8.66
C THR A 79 -0.43 12.77 -8.63
N LEU A 80 0.01 11.67 -7.97
CA LEU A 80 -0.80 10.45 -7.80
C LEU A 80 -1.96 10.76 -6.82
N GLU A 81 -3.18 10.82 -7.37
CA GLU A 81 -4.38 11.25 -6.64
C GLU A 81 -5.16 10.03 -6.09
N GLU A 82 -4.87 8.87 -6.69
CA GLU A 82 -5.59 7.60 -6.44
C GLU A 82 -5.32 7.06 -5.02
N LEU A 83 -4.21 7.55 -4.41
CA LEU A 83 -3.86 7.30 -3.00
C LEU A 83 -4.99 7.80 -2.08
N LYS A 84 -5.45 9.04 -2.37
CA LYS A 84 -6.51 9.71 -1.60
C LYS A 84 -7.84 8.95 -1.76
N SER A 85 -8.10 8.07 -0.79
CA SER A 85 -9.35 7.34 -0.66
C SER A 85 -9.99 7.71 0.69
N TYR A 86 -11.32 7.85 0.71
CA TYR A 86 -12.05 8.32 1.90
C TYR A 86 -11.98 7.27 3.05
N GLY A 87 -11.94 5.99 2.68
CA GLY A 87 -12.13 4.90 3.63
C GLY A 87 -13.62 4.72 3.92
N PHE A 88 -14.38 4.44 2.84
CA PHE A 88 -15.85 4.35 2.87
C PHE A 88 -16.33 3.04 3.57
N GLY A 89 -15.37 2.21 4.02
CA GLY A 89 -15.66 0.98 4.75
C GLY A 89 -16.22 1.28 6.13
N GLU A 90 -17.55 1.46 6.17
CA GLU A 90 -18.30 1.81 7.39
C GLU A 90 -18.33 0.63 8.38
N GLU A 91 -18.17 -0.58 7.82
CA GLU A 91 -18.06 -1.84 8.58
C GLU A 91 -16.63 -2.00 9.15
N GLY A 92 -16.45 -3.05 9.95
CA GLY A 92 -15.13 -3.39 10.50
C GLY A 92 -15.26 -4.14 11.81
N GLU A 93 -14.28 -3.90 12.71
CA GLU A 93 -14.27 -4.44 14.09
C GLU A 93 -15.52 -4.05 14.91
N GLY A 94 -16.15 -2.95 14.51
CA GLY A 94 -17.38 -2.46 15.12
C GLY A 94 -18.12 -1.48 14.23
N SER A 95 -19.32 -1.08 14.65
CA SER A 95 -20.16 -0.13 13.89
C SER A 95 -20.89 0.79 14.90
N GLN A 1 1.82 22.57 5.70
CA GLN A 1 2.45 21.40 5.05
C GLN A 1 2.84 20.38 6.13
N GLY A 2 2.20 19.20 6.09
CA GLY A 2 2.44 18.15 7.07
C GLY A 2 1.92 16.80 6.59
N HIS A 3 2.57 15.72 7.08
CA HIS A 3 2.19 14.34 6.75
C HIS A 3 2.13 13.50 8.04
N MET A 4 0.90 13.38 8.58
CA MET A 4 0.59 12.44 9.66
C MET A 4 0.50 11.04 9.04
N ASP A 5 1.64 10.29 9.09
CA ASP A 5 1.79 8.98 8.40
C ASP A 5 0.88 7.88 8.99
N LEU A 6 0.26 8.18 10.14
CA LEU A 6 -0.77 7.31 10.76
C LEU A 6 -2.03 7.19 9.86
N ILE A 7 -2.20 8.15 8.90
CA ILE A 7 -3.26 8.10 7.85
C ILE A 7 -3.21 6.75 7.11
N CYS A 8 -1.99 6.22 6.94
CA CYS A 8 -1.73 4.91 6.39
C CYS A 8 -1.81 3.88 7.54
N MET A 9 -2.97 3.19 7.62
CA MET A 9 -3.33 2.31 8.76
C MET A 9 -2.34 1.12 8.92
N TYR A 10 -2.25 0.62 10.17
CA TYR A 10 -1.33 -0.46 10.57
C TYR A 10 -1.86 -1.81 10.06
N VAL A 11 -1.18 -2.40 9.08
CA VAL A 11 -1.63 -3.63 8.41
C VAL A 11 -1.33 -4.88 9.27
N PHE A 12 -2.37 -5.69 9.51
CA PHE A 12 -2.27 -6.97 10.24
C PHE A 12 -2.50 -8.15 9.27
N LYS A 13 -1.57 -9.12 9.31
CA LYS A 13 -1.68 -10.40 8.59
C LYS A 13 -2.66 -11.31 9.37
N GLY A 14 -3.96 -11.14 9.10
CA GLY A 14 -5.02 -11.83 9.82
C GLY A 14 -5.10 -11.37 11.29
N GLU A 15 -4.46 -12.12 12.20
CA GLU A 15 -4.42 -11.80 13.64
C GLU A 15 -3.14 -11.01 13.99
N GLU A 16 -2.02 -11.43 13.37
CA GLU A 16 -0.68 -10.93 13.73
C GLU A 16 -0.40 -9.61 13.00
N SER A 17 0.43 -8.75 13.60
CA SER A 17 0.81 -7.46 13.00
C SER A 17 1.83 -7.70 11.87
N PHE A 18 1.44 -7.30 10.65
CA PHE A 18 2.25 -7.51 9.43
C PHE A 18 3.25 -6.35 9.24
N GLY A 19 2.72 -5.13 9.32
CA GLY A 19 3.46 -3.90 9.09
C GLY A 19 2.54 -2.70 9.12
N GLU A 20 2.89 -1.64 8.36
CA GLU A 20 2.04 -0.48 8.14
C GLU A 20 1.93 -0.25 6.63
N SER A 21 0.78 0.23 6.14
CA SER A 21 0.68 0.71 4.75
C SER A 21 1.46 2.03 4.63
N ILE A 22 1.80 2.45 3.41
CA ILE A 22 2.60 3.67 3.17
C ILE A 22 2.01 4.40 1.96
N ASP A 23 1.60 3.63 0.94
CA ASP A 23 1.01 4.18 -0.29
C ASP A 23 0.08 3.15 -0.93
N VAL A 24 -0.65 3.56 -1.96
CA VAL A 24 -1.48 2.69 -2.79
C VAL A 24 -1.56 3.31 -4.19
N TYR A 25 -1.37 2.48 -5.23
CA TYR A 25 -1.57 2.86 -6.64
C TYR A 25 -2.33 1.73 -7.34
N GLY A 26 -3.34 2.10 -8.14
CA GLY A 26 -4.17 1.16 -8.88
C GLY A 26 -4.90 0.18 -7.97
N ASP A 27 -4.44 -1.08 -7.97
CA ASP A 27 -5.07 -2.18 -7.20
C ASP A 27 -4.13 -2.71 -6.11
N TYR A 28 -3.03 -1.98 -5.83
CA TYR A 28 -1.95 -2.44 -4.93
C TYR A 28 -1.74 -1.45 -3.77
N LEU A 29 -2.13 -1.87 -2.56
CA LEU A 29 -1.79 -1.17 -1.31
C LEU A 29 -0.36 -1.55 -0.90
N ILE A 30 0.57 -0.60 -1.07
CA ILE A 30 1.98 -0.76 -0.69
C ILE A 30 2.12 -0.77 0.84
N VAL A 31 2.43 -1.95 1.38
CA VAL A 31 2.64 -2.17 2.81
C VAL A 31 4.13 -2.27 3.11
N LYS A 32 4.62 -1.35 3.94
CA LYS A 32 5.99 -1.36 4.47
C LYS A 32 6.06 -2.45 5.55
N VAL A 33 6.91 -3.45 5.32
CA VAL A 33 7.24 -4.49 6.31
C VAL A 33 8.76 -4.56 6.50
N GLY A 34 9.22 -4.39 7.75
CA GLY A 34 10.63 -4.53 8.11
C GLY A 34 11.56 -3.54 7.41
N THR A 35 12.09 -3.96 6.24
CA THR A 35 13.03 -3.16 5.43
C THR A 35 12.50 -2.95 3.99
N GLU A 36 11.58 -3.82 3.55
CA GLU A 36 11.06 -3.83 2.17
C GLU A 36 9.59 -3.38 2.11
N PHE A 37 9.09 -3.19 0.87
CA PHE A 37 7.72 -2.78 0.58
C PHE A 37 7.04 -3.86 -0.27
N LEU A 38 6.08 -4.56 0.36
CA LEU A 38 5.30 -5.65 -0.28
C LEU A 38 3.87 -5.12 -0.56
N ALA A 39 3.53 -5.04 -1.85
CA ALA A 39 2.23 -4.55 -2.31
C ALA A 39 1.17 -5.63 -2.20
N VAL A 40 0.31 -5.51 -1.18
CA VAL A 40 -0.87 -6.39 -1.05
C VAL A 40 -1.97 -5.88 -2.03
N PRO A 41 -2.62 -6.78 -2.83
CA PRO A 41 -3.77 -6.38 -3.66
C PRO A 41 -4.96 -5.98 -2.76
N LYS A 42 -5.81 -5.06 -3.25
CA LYS A 42 -6.97 -4.53 -2.48
C LYS A 42 -7.96 -5.65 -2.10
N LYS A 43 -8.03 -6.68 -2.96
CA LYS A 43 -8.89 -7.88 -2.76
C LYS A 43 -8.38 -8.76 -1.59
N SER A 44 -7.06 -8.64 -1.25
CA SER A 44 -6.46 -9.37 -0.11
C SER A 44 -7.00 -8.85 1.22
N ILE A 45 -7.37 -7.54 1.27
CA ILE A 45 -7.90 -6.90 2.48
C ILE A 45 -9.24 -7.56 2.86
N LYS A 46 -9.25 -8.24 4.02
CA LYS A 46 -10.43 -8.89 4.60
C LYS A 46 -11.40 -7.82 5.13
N SER A 47 -10.85 -6.84 5.86
CA SER A 47 -11.63 -5.76 6.48
C SER A 47 -10.74 -4.52 6.75
N VAL A 48 -11.40 -3.34 6.81
CA VAL A 48 -10.73 -2.05 7.05
C VAL A 48 -11.16 -1.47 8.43
N GLU A 49 -10.17 -1.39 9.34
CA GLU A 49 -10.36 -0.83 10.70
C GLU A 49 -9.90 0.64 10.71
N ASP A 50 -10.32 1.39 11.75
CA ASP A 50 -10.12 2.86 11.84
C ASP A 50 -8.63 3.24 11.78
N GLY A 51 -7.80 2.37 12.39
CA GLY A 51 -6.35 2.53 12.43
C GLY A 51 -5.61 1.25 12.07
N ARG A 52 -6.30 0.30 11.40
CA ARG A 52 -5.71 -1.02 11.01
C ARG A 52 -6.24 -1.47 9.64
N ILE A 53 -5.46 -2.32 8.95
CA ILE A 53 -5.86 -2.97 7.69
C ILE A 53 -5.69 -4.49 7.84
N VAL A 54 -6.79 -5.22 8.02
CA VAL A 54 -6.76 -6.68 8.14
C VAL A 54 -6.73 -7.28 6.73
N ILE A 55 -5.62 -7.94 6.39
CA ILE A 55 -5.45 -8.66 5.12
C ILE A 55 -5.49 -10.18 5.37
N GLY A 56 -5.69 -10.94 4.29
CA GLY A 56 -5.66 -12.38 4.34
C GLY A 56 -4.28 -12.88 4.02
N GLU A 57 -4.00 -13.05 2.71
CA GLU A 57 -2.69 -13.49 2.22
C GLU A 57 -2.53 -13.12 0.73
N PHE A 58 -1.30 -13.27 0.26
CA PHE A 58 -0.85 -12.86 -1.08
C PHE A 58 0.50 -13.53 -1.39
N ASP A 59 1.06 -13.24 -2.57
CA ASP A 59 2.39 -13.72 -2.97
C ASP A 59 3.43 -12.66 -2.62
N GLU A 60 4.28 -12.99 -1.62
CA GLU A 60 5.29 -12.07 -1.05
C GLU A 60 6.36 -11.71 -2.09
N GLU A 61 6.73 -12.70 -2.93
CA GLU A 61 7.77 -12.54 -3.96
C GLU A 61 7.32 -11.57 -5.05
N GLU A 62 6.10 -11.82 -5.56
CA GLU A 62 5.50 -10.98 -6.61
C GLU A 62 5.25 -9.54 -6.10
N ALA A 63 4.82 -9.43 -4.83
CA ALA A 63 4.47 -8.14 -4.21
C ALA A 63 5.70 -7.25 -4.02
N ARG A 64 6.83 -7.84 -3.61
CA ARG A 64 8.07 -7.09 -3.32
C ARG A 64 8.79 -6.65 -4.61
N GLU A 65 8.68 -7.43 -5.71
CA GLU A 65 9.39 -7.10 -6.98
C GLU A 65 8.69 -5.95 -7.74
N LEU A 66 7.34 -5.94 -7.72
CA LEU A 66 6.57 -4.78 -8.23
C LEU A 66 6.48 -3.69 -7.14
N GLY A 67 6.86 -4.08 -5.91
CA GLY A 67 7.13 -3.14 -4.82
C GLY A 67 8.44 -2.38 -5.06
N ARG A 68 9.43 -3.06 -5.71
CA ARG A 68 10.69 -2.41 -6.17
C ARG A 68 10.37 -1.39 -7.26
N LYS A 69 9.44 -1.77 -8.15
CA LYS A 69 8.87 -0.85 -9.14
C LYS A 69 8.28 0.38 -8.42
N TRP A 70 7.63 0.17 -7.25
CA TRP A 70 7.12 1.28 -6.41
C TRP A 70 8.28 2.12 -5.83
N LEU A 71 9.44 1.51 -5.49
CA LEU A 71 10.64 2.29 -5.06
C LEU A 71 11.05 3.31 -6.15
N GLU A 72 10.63 3.05 -7.41
CA GLU A 72 10.65 4.06 -8.49
C GLU A 72 9.35 4.95 -8.48
N GLU A 73 8.15 4.30 -8.38
CA GLU A 73 6.80 4.96 -8.52
C GLU A 73 6.53 6.01 -7.43
N LYS A 74 7.23 5.92 -6.32
CA LYS A 74 7.10 6.86 -5.17
C LYS A 74 7.46 8.31 -5.58
N SER A 75 8.21 8.45 -6.69
CA SER A 75 8.61 9.76 -7.26
C SER A 75 7.50 10.32 -8.20
N LYS A 76 6.29 9.72 -8.16
CA LYS A 76 5.12 10.15 -8.98
C LYS A 76 4.73 11.61 -8.65
N PRO A 77 4.22 12.40 -9.66
CA PRO A 77 3.82 13.82 -9.44
C PRO A 77 2.57 13.94 -8.53
N VAL A 78 2.37 15.14 -7.98
CA VAL A 78 1.22 15.47 -7.11
C VAL A 78 -0.07 15.53 -7.97
N THR A 79 -0.70 14.36 -8.14
CA THR A 79 -1.89 14.17 -8.98
C THR A 79 -2.80 13.10 -8.36
N LEU A 80 -2.17 12.03 -7.83
CA LEU A 80 -2.87 10.87 -7.25
C LEU A 80 -3.51 11.23 -5.89
N GLU A 81 -4.81 10.93 -5.77
CA GLU A 81 -5.60 11.10 -4.54
C GLU A 81 -5.92 9.70 -3.94
N GLU A 82 -5.41 8.65 -4.61
CA GLU A 82 -5.64 7.23 -4.27
C GLU A 82 -5.27 6.92 -2.80
N LEU A 83 -4.18 7.54 -2.31
CA LEU A 83 -3.72 7.38 -0.91
C LEU A 83 -4.65 8.12 0.09
N LYS A 84 -5.14 9.30 -0.29
CA LYS A 84 -5.95 10.15 0.62
C LYS A 84 -7.39 9.64 0.72
N SER A 85 -7.84 9.42 1.97
CA SER A 85 -9.21 8.99 2.30
C SER A 85 -10.02 10.21 2.82
N TYR A 86 -11.13 9.95 3.58
CA TYR A 86 -11.91 11.00 4.29
C TYR A 86 -11.07 11.59 5.43
N GLY A 87 -10.18 10.75 5.98
CA GLY A 87 -9.28 11.13 7.07
C GLY A 87 -8.99 9.94 7.98
N PHE A 88 -7.94 10.04 8.79
CA PHE A 88 -7.57 8.99 9.75
C PHE A 88 -8.59 8.92 10.89
N GLY A 89 -9.08 7.71 11.19
CA GLY A 89 -10.02 7.48 12.27
C GLY A 89 -9.26 7.32 13.57
N GLU A 90 -9.58 8.16 14.57
CA GLU A 90 -8.91 8.16 15.87
C GLU A 90 -9.30 6.90 16.65
N GLU A 91 -8.61 5.80 16.32
CA GLU A 91 -8.85 4.47 16.90
C GLU A 91 -8.17 4.36 18.27
N GLY A 92 -6.99 4.98 18.37
CA GLY A 92 -6.16 4.96 19.58
C GLY A 92 -4.69 4.81 19.24
N GLU A 93 -3.91 4.32 20.22
CA GLU A 93 -2.48 4.05 20.07
C GLU A 93 -2.11 2.94 21.05
N GLY A 94 -2.31 3.23 22.36
CA GLY A 94 -2.14 2.24 23.44
C GLY A 94 -0.70 1.76 23.63
N SER A 95 0.27 2.61 23.24
CA SER A 95 1.70 2.32 23.39
C SER A 95 2.15 2.75 24.81
N GLN A 1 -2.57 23.15 -3.53
CA GLN A 1 -3.06 21.96 -2.78
C GLN A 1 -1.93 20.92 -2.65
N GLY A 2 -2.24 19.80 -1.97
CA GLY A 2 -1.32 18.69 -1.80
C GLY A 2 -2.05 17.41 -1.42
N HIS A 3 -1.32 16.29 -1.34
CA HIS A 3 -1.90 14.98 -0.98
C HIS A 3 -2.07 14.91 0.55
N MET A 4 -3.10 15.63 1.06
CA MET A 4 -3.45 15.68 2.49
C MET A 4 -4.07 14.36 2.95
N ASP A 5 -4.55 13.58 1.98
CA ASP A 5 -4.90 12.17 2.18
C ASP A 5 -3.63 11.39 2.58
N LEU A 6 -3.43 11.23 3.88
CA LEU A 6 -2.34 10.43 4.44
C LEU A 6 -2.89 9.01 4.67
N ILE A 7 -2.90 8.23 3.58
CA ILE A 7 -3.27 6.81 3.60
C ILE A 7 -2.20 6.02 4.43
N CYS A 8 -2.41 6.05 5.76
CA CYS A 8 -1.51 5.48 6.76
C CYS A 8 -2.32 4.83 7.88
N MET A 9 -2.20 3.50 8.00
CA MET A 9 -2.90 2.71 9.02
C MET A 9 -2.12 1.42 9.29
N TYR A 10 -2.21 0.92 10.54
CA TYR A 10 -1.49 -0.27 11.00
C TYR A 10 -2.07 -1.53 10.30
N VAL A 11 -1.32 -2.08 9.34
CA VAL A 11 -1.73 -3.27 8.58
C VAL A 11 -1.37 -4.54 9.37
N PHE A 12 -2.34 -5.46 9.47
CA PHE A 12 -2.20 -6.76 10.14
C PHE A 12 -2.30 -7.89 9.12
N LYS A 13 -1.29 -8.79 9.14
CA LYS A 13 -1.30 -10.04 8.39
C LYS A 13 -2.21 -11.04 9.12
N GLY A 14 -3.50 -11.00 8.77
CA GLY A 14 -4.53 -11.76 9.47
C GLY A 14 -4.77 -11.18 10.87
N GLU A 15 -4.09 -11.75 11.87
CA GLU A 15 -4.27 -11.38 13.30
C GLU A 15 -2.94 -10.89 13.94
N GLU A 16 -1.85 -10.84 13.16
CA GLU A 16 -0.52 -10.36 13.64
C GLU A 16 -0.09 -9.09 12.87
N SER A 17 0.71 -8.23 13.52
CA SER A 17 1.15 -6.93 12.96
C SER A 17 2.09 -7.13 11.75
N PHE A 18 1.60 -6.74 10.55
CA PHE A 18 2.35 -6.87 9.29
C PHE A 18 3.28 -5.66 9.10
N GLY A 19 2.69 -4.45 9.16
CA GLY A 19 3.43 -3.19 8.99
C GLY A 19 2.49 -1.98 8.99
N GLU A 20 2.76 -1.04 8.08
CA GLU A 20 1.98 0.21 7.94
C GLU A 20 1.76 0.51 6.43
N SER A 21 0.54 0.91 6.06
CA SER A 21 0.25 1.37 4.69
C SER A 21 0.91 2.75 4.49
N ILE A 22 1.94 2.82 3.64
CA ILE A 22 2.70 4.07 3.39
C ILE A 22 2.17 4.79 2.14
N ASP A 23 1.76 4.00 1.14
CA ASP A 23 1.36 4.51 -0.19
C ASP A 23 0.38 3.53 -0.85
N VAL A 24 -0.14 3.88 -2.04
CA VAL A 24 -1.02 3.01 -2.85
C VAL A 24 -0.92 3.46 -4.33
N TYR A 25 -0.83 2.49 -5.28
CA TYR A 25 -0.88 2.76 -6.73
C TYR A 25 -1.76 1.70 -7.41
N GLY A 26 -2.75 2.16 -8.20
CA GLY A 26 -3.62 1.28 -8.98
C GLY A 26 -4.42 0.31 -8.12
N ASP A 27 -4.05 -0.99 -8.22
CA ASP A 27 -4.72 -2.09 -7.48
C ASP A 27 -3.80 -2.66 -6.38
N TYR A 28 -2.78 -1.90 -5.95
CA TYR A 28 -1.79 -2.36 -4.94
C TYR A 28 -1.58 -1.33 -3.83
N LEU A 29 -1.96 -1.69 -2.61
CA LEU A 29 -1.64 -0.92 -1.39
C LEU A 29 -0.19 -1.22 -0.96
N ILE A 30 0.68 -0.21 -1.02
CA ILE A 30 2.08 -0.32 -0.60
C ILE A 30 2.15 -0.31 0.94
N VAL A 31 2.43 -1.49 1.52
CA VAL A 31 2.60 -1.64 2.97
C VAL A 31 4.09 -1.78 3.30
N LYS A 32 4.64 -0.77 3.99
CA LYS A 32 6.03 -0.81 4.46
C LYS A 32 6.09 -1.74 5.70
N VAL A 33 6.73 -2.90 5.51
CA VAL A 33 7.12 -3.83 6.59
C VAL A 33 8.57 -3.54 6.99
N GLY A 34 8.95 -3.90 8.23
CA GLY A 34 10.27 -3.59 8.82
C GLY A 34 11.49 -3.79 7.92
N THR A 35 11.39 -4.73 6.95
CA THR A 35 12.47 -5.01 5.99
C THR A 35 12.26 -4.23 4.67
N GLU A 36 11.03 -4.28 4.10
CA GLU A 36 10.77 -3.90 2.69
C GLU A 36 9.45 -3.11 2.51
N PHE A 37 9.15 -2.75 1.24
CA PHE A 37 7.82 -2.29 0.82
C PHE A 37 7.14 -3.47 0.09
N LEU A 38 6.13 -4.08 0.75
CA LEU A 38 5.35 -5.18 0.17
C LEU A 38 3.99 -4.66 -0.28
N ALA A 39 3.83 -4.54 -1.59
CA ALA A 39 2.61 -4.03 -2.21
C ALA A 39 1.55 -5.13 -2.27
N VAL A 40 0.67 -5.15 -1.27
CA VAL A 40 -0.46 -6.10 -1.19
C VAL A 40 -1.60 -5.59 -2.10
N PRO A 41 -2.25 -6.46 -2.95
CA PRO A 41 -3.40 -6.05 -3.78
C PRO A 41 -4.61 -5.61 -2.93
N LYS A 42 -5.53 -4.83 -3.53
CA LYS A 42 -6.74 -4.31 -2.84
C LYS A 42 -7.61 -5.47 -2.31
N LYS A 43 -7.63 -6.57 -3.08
CA LYS A 43 -8.37 -7.81 -2.76
C LYS A 43 -7.77 -8.54 -1.54
N SER A 44 -6.46 -8.35 -1.30
CA SER A 44 -5.76 -8.95 -0.13
C SER A 44 -6.43 -8.46 1.17
N ILE A 45 -6.82 -7.17 1.19
CA ILE A 45 -7.50 -6.57 2.33
C ILE A 45 -8.88 -7.25 2.50
N LYS A 46 -9.02 -7.97 3.63
CA LYS A 46 -10.25 -8.66 4.03
C LYS A 46 -11.23 -7.67 4.65
N SER A 47 -10.74 -6.95 5.66
CA SER A 47 -11.56 -6.07 6.49
C SER A 47 -10.76 -4.82 6.90
N VAL A 48 -11.46 -3.68 6.90
CA VAL A 48 -10.92 -2.42 7.46
C VAL A 48 -11.51 -2.25 8.89
N GLU A 49 -10.63 -2.38 9.89
CA GLU A 49 -10.99 -2.26 11.32
C GLU A 49 -10.51 -0.90 11.86
N ASP A 50 -10.87 -0.60 13.12
CA ASP A 50 -10.51 0.66 13.77
C ASP A 50 -8.98 0.72 14.02
N GLY A 51 -8.28 1.47 13.14
CA GLY A 51 -6.81 1.58 13.20
C GLY A 51 -6.09 0.32 12.72
N ARG A 52 -6.81 -0.56 11.99
CA ARG A 52 -6.25 -1.84 11.49
C ARG A 52 -6.67 -2.08 10.03
N ILE A 53 -5.74 -2.60 9.21
CA ILE A 53 -6.05 -3.11 7.87
C ILE A 53 -5.74 -4.62 7.84
N VAL A 54 -6.79 -5.43 7.94
CA VAL A 54 -6.67 -6.91 7.93
C VAL A 54 -6.48 -7.38 6.49
N ILE A 55 -5.35 -8.02 6.20
CA ILE A 55 -5.08 -8.69 4.92
C ILE A 55 -5.02 -10.21 5.12
N GLY A 56 -5.48 -10.97 4.12
CA GLY A 56 -5.68 -12.41 4.24
C GLY A 56 -4.61 -13.20 3.53
N GLU A 57 -4.48 -12.92 2.23
CA GLU A 57 -3.62 -13.69 1.32
C GLU A 57 -3.09 -12.81 0.20
N PHE A 58 -1.82 -13.05 -0.17
CA PHE A 58 -1.13 -12.37 -1.27
C PHE A 58 0.19 -13.11 -1.53
N ASP A 59 0.62 -13.16 -2.79
CA ASP A 59 1.94 -13.70 -3.14
C ASP A 59 3.00 -12.68 -2.77
N GLU A 60 3.75 -12.96 -1.68
CA GLU A 60 4.81 -12.09 -1.14
C GLU A 60 5.96 -11.91 -2.14
N GLU A 61 6.19 -12.95 -2.97
CA GLU A 61 7.20 -12.90 -4.04
C GLU A 61 6.81 -11.89 -5.13
N GLU A 62 5.50 -11.86 -5.46
CA GLU A 62 4.96 -10.84 -6.36
C GLU A 62 4.99 -9.46 -5.69
N ALA A 63 4.56 -9.38 -4.43
CA ALA A 63 4.44 -8.11 -3.67
C ALA A 63 5.79 -7.37 -3.57
N ARG A 64 6.89 -8.15 -3.43
CA ARG A 64 8.25 -7.58 -3.36
C ARG A 64 8.76 -7.12 -4.74
N GLU A 65 8.51 -7.91 -5.82
CA GLU A 65 9.03 -7.59 -7.18
C GLU A 65 8.27 -6.41 -7.82
N LEU A 66 6.94 -6.37 -7.63
CA LEU A 66 6.11 -5.25 -8.11
C LEU A 66 6.15 -4.08 -7.10
N GLY A 67 6.59 -4.37 -5.87
CA GLY A 67 6.84 -3.34 -4.85
C GLY A 67 8.13 -2.56 -5.10
N ARG A 68 9.19 -3.27 -5.56
CA ARG A 68 10.46 -2.64 -6.00
C ARG A 68 10.28 -2.02 -7.39
N LYS A 69 9.31 -2.54 -8.19
CA LYS A 69 8.88 -1.92 -9.44
C LYS A 69 8.21 -0.57 -9.12
N TRP A 70 7.44 -0.53 -8.02
CA TRP A 70 6.87 0.72 -7.48
C TRP A 70 8.00 1.69 -7.11
N LEU A 71 9.02 1.21 -6.34
CA LEU A 71 10.21 2.01 -5.93
C LEU A 71 10.88 2.71 -7.12
N GLU A 72 10.86 2.02 -8.28
CA GLU A 72 11.36 2.57 -9.55
C GLU A 72 10.37 3.62 -10.15
N GLU A 73 9.12 3.19 -10.35
CA GLU A 73 8.13 3.94 -11.16
C GLU A 73 7.53 5.16 -10.41
N LYS A 74 7.61 5.15 -9.05
CA LYS A 74 6.95 6.17 -8.19
C LYS A 74 7.45 7.59 -8.47
N SER A 75 8.56 7.69 -9.21
CA SER A 75 9.01 8.94 -9.83
C SER A 75 8.02 9.30 -10.97
N LYS A 76 6.88 9.88 -10.59
CA LYS A 76 5.78 10.24 -11.52
C LYS A 76 5.95 11.69 -12.00
N PRO A 77 5.57 12.02 -13.27
CA PRO A 77 5.61 13.41 -13.77
C PRO A 77 4.44 14.26 -13.20
N VAL A 78 4.55 15.58 -13.37
CA VAL A 78 3.51 16.57 -12.98
C VAL A 78 2.20 16.36 -13.80
N THR A 79 2.34 15.72 -14.97
CA THR A 79 1.23 15.47 -15.91
C THR A 79 0.20 14.44 -15.37
N LEU A 80 0.53 13.78 -14.23
CA LEU A 80 -0.35 12.79 -13.56
C LEU A 80 -1.71 13.46 -13.18
N GLU A 81 -2.76 13.11 -13.92
CA GLU A 81 -4.08 13.80 -13.87
C GLU A 81 -5.01 13.21 -12.78
N GLU A 82 -4.79 11.93 -12.44
CA GLU A 82 -5.68 11.17 -11.53
C GLU A 82 -5.54 11.67 -10.08
N LEU A 83 -4.33 12.14 -9.73
CA LEU A 83 -4.00 12.63 -8.36
C LEU A 83 -4.73 13.97 -8.05
N LYS A 84 -5.14 14.69 -9.11
CA LYS A 84 -5.83 15.99 -9.00
C LYS A 84 -7.26 15.83 -8.42
N SER A 85 -7.77 16.91 -7.80
CA SER A 85 -9.12 16.96 -7.23
C SER A 85 -10.17 17.07 -8.35
N TYR A 86 -10.79 15.92 -8.69
CA TYR A 86 -11.83 15.84 -9.73
C TYR A 86 -13.16 16.38 -9.18
N GLY A 87 -13.53 15.89 -7.98
CA GLY A 87 -14.74 16.34 -7.28
C GLY A 87 -15.45 15.18 -6.59
N PHE A 88 -16.05 14.29 -7.41
CA PHE A 88 -16.79 13.11 -6.94
C PHE A 88 -15.80 12.08 -6.33
N GLY A 89 -16.15 11.55 -5.15
CA GLY A 89 -15.30 10.58 -4.46
C GLY A 89 -15.90 10.20 -3.10
N GLU A 90 -15.52 10.96 -2.07
CA GLU A 90 -15.94 10.71 -0.68
C GLU A 90 -17.41 11.12 -0.47
N GLU A 91 -18.32 10.15 -0.62
CA GLU A 91 -19.78 10.40 -0.56
C GLU A 91 -20.33 10.05 0.84
N GLY A 92 -19.67 10.58 1.88
CA GLY A 92 -20.05 10.32 3.28
C GLY A 92 -19.74 8.89 3.73
N GLU A 93 -18.89 8.21 2.96
CA GLU A 93 -18.55 6.79 3.13
C GLU A 93 -17.47 6.59 4.22
N GLY A 94 -16.46 7.48 4.23
CA GLY A 94 -15.37 7.42 5.21
C GLY A 94 -15.58 8.45 6.32
N SER A 95 -16.35 8.05 7.34
CA SER A 95 -16.67 8.92 8.49
C SER A 95 -16.32 8.17 9.80
N GLN A 1 -15.26 18.57 9.36
CA GLN A 1 -14.17 17.60 9.63
C GLN A 1 -14.72 16.16 9.61
N GLY A 2 -14.02 15.27 8.89
CA GLY A 2 -14.33 13.84 8.87
C GLY A 2 -13.46 13.09 9.88
N HIS A 3 -12.81 12.01 9.43
CA HIS A 3 -11.89 11.22 10.26
C HIS A 3 -10.44 11.66 9.99
N MET A 4 -9.59 11.58 11.03
CA MET A 4 -8.16 11.95 10.96
C MET A 4 -7.32 10.74 11.42
N ASP A 5 -5.98 10.82 11.14
CA ASP A 5 -4.95 9.82 11.55
C ASP A 5 -4.97 8.53 10.68
N LEU A 6 -6.14 8.21 10.11
CA LEU A 6 -6.36 6.98 9.31
C LEU A 6 -5.64 7.03 7.93
N ILE A 7 -5.02 8.20 7.63
CA ILE A 7 -4.18 8.41 6.42
C ILE A 7 -3.04 7.35 6.33
N CYS A 8 -2.54 6.93 7.51
CA CYS A 8 -1.49 5.93 7.63
C CYS A 8 -1.87 4.94 8.75
N MET A 9 -2.55 3.84 8.37
CA MET A 9 -2.98 2.78 9.29
C MET A 9 -1.84 1.77 9.51
N TYR A 10 -2.04 0.85 10.47
CA TYR A 10 -1.17 -0.32 10.65
C TYR A 10 -1.84 -1.56 10.06
N VAL A 11 -1.10 -2.29 9.23
CA VAL A 11 -1.60 -3.47 8.51
C VAL A 11 -1.34 -4.74 9.35
N PHE A 12 -2.42 -5.50 9.59
CA PHE A 12 -2.38 -6.76 10.35
C PHE A 12 -2.77 -7.91 9.40
N LYS A 13 -1.86 -8.86 9.19
CA LYS A 13 -2.13 -10.06 8.39
C LYS A 13 -2.94 -11.07 9.23
N GLY A 14 -4.28 -10.95 9.15
CA GLY A 14 -5.18 -11.75 9.97
C GLY A 14 -5.15 -11.29 11.42
N GLU A 15 -4.33 -11.97 12.25
CA GLU A 15 -4.19 -11.69 13.71
C GLU A 15 -2.74 -11.33 14.10
N GLU A 16 -1.83 -11.23 13.13
CA GLU A 16 -0.42 -10.80 13.37
C GLU A 16 -0.18 -9.43 12.74
N SER A 17 0.68 -8.62 13.36
CA SER A 17 1.07 -7.31 12.83
C SER A 17 2.00 -7.51 11.61
N PHE A 18 1.47 -7.21 10.41
CA PHE A 18 2.19 -7.39 9.15
C PHE A 18 3.18 -6.22 8.95
N GLY A 19 2.68 -5.00 9.12
CA GLY A 19 3.47 -3.78 8.95
C GLY A 19 2.62 -2.53 9.11
N GLU A 20 2.82 -1.56 8.22
CA GLU A 20 2.13 -0.26 8.23
C GLU A 20 1.82 0.19 6.78
N SER A 21 0.61 0.70 6.53
CA SER A 21 0.23 1.24 5.21
C SER A 21 0.98 2.56 4.99
N ILE A 22 1.99 2.53 4.11
CA ILE A 22 2.85 3.70 3.83
C ILE A 22 2.29 4.50 2.64
N ASP A 23 1.79 3.79 1.60
CA ASP A 23 1.29 4.43 0.37
C ASP A 23 0.36 3.47 -0.41
N VAL A 24 -0.35 3.99 -1.43
CA VAL A 24 -1.17 3.19 -2.37
C VAL A 24 -0.57 3.31 -3.79
N TYR A 25 -0.58 2.20 -4.53
CA TYR A 25 -0.03 2.09 -5.88
C TYR A 25 -0.99 1.26 -6.73
N GLY A 26 -1.86 1.96 -7.49
CA GLY A 26 -2.89 1.34 -8.32
C GLY A 26 -3.91 0.55 -7.50
N ASP A 27 -3.84 -0.79 -7.61
CA ASP A 27 -4.75 -1.73 -6.91
C ASP A 27 -3.99 -2.45 -5.78
N TYR A 28 -2.83 -1.91 -5.39
CA TYR A 28 -1.93 -2.53 -4.40
C TYR A 28 -1.60 -1.52 -3.31
N LEU A 29 -1.99 -1.85 -2.07
CA LEU A 29 -1.61 -1.08 -0.90
C LEU A 29 -0.15 -1.41 -0.53
N ILE A 30 0.74 -0.43 -0.72
CA ILE A 30 2.15 -0.54 -0.37
C ILE A 30 2.27 -0.53 1.16
N VAL A 31 2.69 -1.67 1.71
CA VAL A 31 2.87 -1.85 3.15
C VAL A 31 4.37 -1.89 3.47
N LYS A 32 4.83 -0.94 4.29
CA LYS A 32 6.19 -0.93 4.82
C LYS A 32 6.24 -2.02 5.91
N VAL A 33 6.95 -3.12 5.60
CA VAL A 33 7.12 -4.27 6.48
C VAL A 33 8.57 -4.36 7.00
N GLY A 34 8.82 -3.70 8.15
CA GLY A 34 10.10 -3.76 8.83
C GLY A 34 11.18 -2.90 8.18
N THR A 35 11.72 -3.38 7.05
CA THR A 35 12.77 -2.70 6.28
C THR A 35 12.34 -2.50 4.81
N GLU A 36 11.49 -3.42 4.28
CA GLU A 36 11.13 -3.43 2.82
C GLU A 36 9.66 -3.00 2.63
N PHE A 37 9.28 -2.74 1.36
CA PHE A 37 7.89 -2.37 0.97
C PHE A 37 7.28 -3.49 0.12
N LEU A 38 6.29 -4.22 0.67
CA LEU A 38 5.57 -5.28 -0.06
C LEU A 38 4.16 -4.80 -0.39
N ALA A 39 3.83 -4.87 -1.69
CA ALA A 39 2.58 -4.35 -2.26
C ALA A 39 1.49 -5.43 -2.24
N VAL A 40 0.60 -5.36 -1.24
CA VAL A 40 -0.52 -6.31 -1.10
C VAL A 40 -1.73 -5.81 -1.93
N PRO A 41 -2.34 -6.67 -2.82
CA PRO A 41 -3.53 -6.27 -3.62
C PRO A 41 -4.76 -6.00 -2.74
N LYS A 42 -5.72 -5.22 -3.27
CA LYS A 42 -6.94 -4.82 -2.53
C LYS A 42 -7.83 -6.03 -2.18
N LYS A 43 -7.80 -7.08 -3.02
CA LYS A 43 -8.53 -8.34 -2.73
C LYS A 43 -7.83 -9.15 -1.59
N SER A 44 -6.55 -8.84 -1.30
CA SER A 44 -5.86 -9.39 -0.12
C SER A 44 -6.40 -8.73 1.16
N ILE A 45 -6.76 -7.42 1.08
CA ILE A 45 -7.41 -6.71 2.19
C ILE A 45 -8.76 -7.40 2.50
N LYS A 46 -8.84 -7.98 3.71
CA LYS A 46 -10.02 -8.67 4.21
C LYS A 46 -11.02 -7.64 4.77
N SER A 47 -10.59 -6.91 5.79
CA SER A 47 -11.44 -6.01 6.56
C SER A 47 -10.68 -4.71 6.87
N VAL A 48 -11.29 -3.57 6.52
CA VAL A 48 -10.78 -2.24 6.91
C VAL A 48 -11.46 -1.81 8.23
N GLU A 49 -10.66 -1.81 9.30
CA GLU A 49 -11.09 -1.44 10.66
C GLU A 49 -10.69 0.01 10.96
N ASP A 50 -11.08 0.50 12.14
CA ASP A 50 -10.80 1.87 12.59
C ASP A 50 -9.28 2.07 12.83
N GLY A 51 -8.58 2.52 11.77
CA GLY A 51 -7.13 2.75 11.82
C GLY A 51 -6.31 1.46 11.72
N ARG A 52 -6.94 0.37 11.24
CA ARG A 52 -6.29 -0.95 11.08
C ARG A 52 -6.69 -1.56 9.73
N ILE A 53 -5.71 -2.02 8.94
CA ILE A 53 -5.98 -2.74 7.68
C ILE A 53 -5.71 -4.24 7.89
N VAL A 54 -6.76 -5.04 8.03
CA VAL A 54 -6.65 -6.50 8.14
C VAL A 54 -6.58 -7.07 6.71
N ILE A 55 -5.44 -7.69 6.38
CA ILE A 55 -5.25 -8.41 5.10
C ILE A 55 -5.21 -9.92 5.38
N GLY A 56 -5.15 -10.70 4.30
CA GLY A 56 -5.01 -12.14 4.35
C GLY A 56 -3.70 -12.55 3.73
N GLU A 57 -3.76 -13.32 2.64
CA GLU A 57 -2.57 -13.88 1.98
C GLU A 57 -2.48 -13.37 0.53
N PHE A 58 -1.26 -13.47 -0.01
CA PHE A 58 -0.88 -12.96 -1.34
C PHE A 58 0.39 -13.69 -1.78
N ASP A 59 0.88 -13.37 -2.99
CA ASP A 59 2.16 -13.91 -3.50
C ASP A 59 3.29 -12.93 -3.18
N GLU A 60 4.22 -13.36 -2.32
CA GLU A 60 5.33 -12.53 -1.82
C GLU A 60 6.29 -12.09 -2.94
N GLU A 61 6.53 -12.99 -3.92
CA GLU A 61 7.44 -12.72 -5.05
C GLU A 61 6.85 -11.65 -5.96
N GLU A 62 5.52 -11.73 -6.21
CA GLU A 62 4.81 -10.74 -7.02
C GLU A 62 4.75 -9.38 -6.29
N ALA A 63 4.43 -9.41 -4.99
CA ALA A 63 4.40 -8.21 -4.12
C ALA A 63 5.80 -7.56 -4.00
N ARG A 64 6.84 -8.39 -4.19
CA ARG A 64 8.24 -7.96 -4.20
C ARG A 64 8.58 -7.20 -5.48
N GLU A 65 8.26 -7.82 -6.64
CA GLU A 65 8.68 -7.31 -7.97
C GLU A 65 7.84 -6.09 -8.40
N LEU A 66 6.52 -6.11 -8.14
CA LEU A 66 5.64 -4.97 -8.41
C LEU A 66 5.70 -3.96 -7.23
N GLY A 67 6.13 -4.44 -6.04
CA GLY A 67 6.43 -3.55 -4.92
C GLY A 67 7.64 -2.68 -5.19
N ARG A 68 8.71 -3.30 -5.74
CA ARG A 68 9.93 -2.59 -6.17
C ARG A 68 9.68 -1.83 -7.48
N LYS A 69 8.56 -2.16 -8.18
CA LYS A 69 8.05 -1.34 -9.31
C LYS A 69 7.55 0.01 -8.79
N TRP A 70 7.02 0.02 -7.55
CA TRP A 70 6.69 1.27 -6.83
C TRP A 70 7.98 2.01 -6.39
N LEU A 71 9.02 1.26 -5.96
CA LEU A 71 10.35 1.84 -5.69
C LEU A 71 10.98 2.37 -7.01
N GLU A 72 10.63 1.71 -8.13
CA GLU A 72 11.00 2.15 -9.49
C GLU A 72 10.18 3.37 -9.86
N GLU A 73 8.91 3.40 -9.41
CA GLU A 73 7.96 4.50 -9.65
C GLU A 73 8.45 5.80 -8.99
N LYS A 74 9.30 5.64 -7.96
CA LYS A 74 10.01 6.75 -7.30
C LYS A 74 11.22 7.26 -8.14
N SER A 75 11.92 6.34 -8.85
CA SER A 75 13.12 6.69 -9.67
C SER A 75 12.75 7.19 -11.09
N LYS A 76 11.60 6.75 -11.62
CA LYS A 76 11.08 7.19 -12.94
C LYS A 76 10.25 8.48 -12.77
N PRO A 77 9.87 9.20 -13.87
CA PRO A 77 8.84 10.26 -13.80
C PRO A 77 7.41 9.67 -13.69
N VAL A 78 6.45 10.51 -13.27
CA VAL A 78 5.02 10.13 -13.07
C VAL A 78 4.22 10.17 -14.41
N THR A 79 4.91 9.96 -15.55
CA THR A 79 4.29 9.94 -16.89
C THR A 79 3.35 8.71 -17.05
N LEU A 80 2.04 8.98 -16.97
CA LEU A 80 0.97 7.96 -17.04
C LEU A 80 -0.37 8.68 -17.21
N GLU A 81 -0.54 9.76 -16.43
CA GLU A 81 -1.78 10.59 -16.40
C GLU A 81 -1.95 11.43 -17.68
N GLU A 82 -0.95 11.35 -18.60
CA GLU A 82 -1.06 11.92 -19.96
C GLU A 82 -2.22 11.24 -20.74
N LEU A 83 -2.41 9.93 -20.47
CA LEU A 83 -3.53 9.12 -21.02
C LEU A 83 -4.87 9.72 -20.58
N LYS A 84 -4.92 10.12 -19.29
CA LYS A 84 -6.10 10.76 -18.69
C LYS A 84 -6.26 12.20 -19.25
N SER A 85 -6.97 12.28 -20.39
CA SER A 85 -7.28 13.55 -21.07
C SER A 85 -8.43 14.29 -20.35
N TYR A 86 -9.25 13.53 -19.62
CA TYR A 86 -10.41 14.04 -18.88
C TYR A 86 -10.44 13.38 -17.49
N GLY A 87 -10.89 14.12 -16.47
CA GLY A 87 -10.96 13.60 -15.10
C GLY A 87 -11.61 14.58 -14.15
N PHE A 88 -12.95 14.63 -14.16
CA PHE A 88 -13.76 15.50 -13.29
C PHE A 88 -14.65 14.63 -12.38
N GLY A 89 -14.38 14.69 -11.08
CA GLY A 89 -15.18 14.03 -10.05
C GLY A 89 -14.90 14.64 -8.70
N GLU A 90 -14.80 15.98 -8.69
CA GLU A 90 -14.38 16.77 -7.51
C GLU A 90 -15.57 17.52 -6.94
N GLU A 91 -16.28 16.86 -6.01
CA GLU A 91 -17.39 17.46 -5.26
C GLU A 91 -16.85 18.12 -3.98
N GLY A 92 -17.69 18.94 -3.35
CA GLY A 92 -17.31 19.71 -2.16
C GLY A 92 -17.96 19.17 -0.89
N GLU A 93 -17.11 18.82 0.10
CA GLU A 93 -17.52 18.41 1.45
C GLU A 93 -18.33 17.09 1.43
N GLY A 94 -17.59 15.97 1.45
CA GLY A 94 -18.18 14.63 1.57
C GLY A 94 -17.82 14.02 2.93
N SER A 95 -18.83 13.52 3.65
CA SER A 95 -18.67 12.99 5.00
C SER A 95 -19.87 12.07 5.34
N GLN A 1 -9.67 20.76 8.12
CA GLN A 1 -11.15 20.79 8.16
C GLN A 1 -11.65 19.43 8.70
N GLY A 2 -11.62 18.40 7.83
CA GLY A 2 -12.14 17.08 8.17
C GLY A 2 -11.10 16.00 7.95
N HIS A 3 -9.93 16.17 8.59
CA HIS A 3 -8.84 15.19 8.55
C HIS A 3 -9.27 13.90 9.27
N MET A 4 -9.80 12.94 8.48
CA MET A 4 -9.97 11.56 8.95
C MET A 4 -8.59 10.92 8.92
N ASP A 5 -8.01 10.69 10.11
CA ASP A 5 -6.64 10.15 10.22
C ASP A 5 -6.63 8.68 9.78
N LEU A 6 -6.40 8.47 8.47
CA LEU A 6 -6.34 7.15 7.81
C LEU A 6 -4.93 6.87 7.28
N ILE A 7 -3.99 7.81 7.52
CA ILE A 7 -2.57 7.65 7.16
C ILE A 7 -1.90 6.67 8.15
N CYS A 8 -1.01 5.81 7.62
CA CYS A 8 -0.23 4.83 8.40
C CYS A 8 -1.16 3.83 9.14
N MET A 9 -2.11 3.26 8.39
CA MET A 9 -2.98 2.18 8.93
C MET A 9 -2.14 0.93 9.17
N TYR A 10 -2.19 0.43 10.42
CA TYR A 10 -1.44 -0.74 10.86
C TYR A 10 -2.04 -1.99 10.22
N VAL A 11 -1.32 -2.53 9.24
CA VAL A 11 -1.75 -3.69 8.47
C VAL A 11 -1.53 -4.97 9.28
N PHE A 12 -2.64 -5.59 9.73
CA PHE A 12 -2.64 -6.89 10.41
C PHE A 12 -2.96 -7.99 9.39
N LYS A 13 -2.04 -8.96 9.23
CA LYS A 13 -2.29 -10.13 8.40
C LYS A 13 -3.17 -11.10 9.20
N GLY A 14 -4.50 -10.90 9.09
CA GLY A 14 -5.47 -11.65 9.87
C GLY A 14 -5.47 -11.19 11.31
N GLU A 15 -4.70 -11.91 12.16
CA GLU A 15 -4.57 -11.62 13.60
C GLU A 15 -3.18 -11.03 13.92
N GLU A 16 -2.15 -11.40 13.13
CA GLU A 16 -0.75 -11.00 13.40
C GLU A 16 -0.47 -9.60 12.81
N SER A 17 0.39 -8.82 13.49
CA SER A 17 0.80 -7.48 13.02
C SER A 17 1.84 -7.64 11.89
N PHE A 18 1.39 -7.37 10.64
CA PHE A 18 2.21 -7.54 9.43
C PHE A 18 3.17 -6.33 9.24
N GLY A 19 2.59 -5.11 9.20
CA GLY A 19 3.35 -3.89 8.95
C GLY A 19 2.47 -2.64 8.97
N GLU A 20 2.85 -1.64 8.16
CA GLU A 20 2.18 -0.33 8.11
C GLU A 20 2.02 0.13 6.65
N SER A 21 0.82 0.64 6.30
CA SER A 21 0.55 1.15 4.95
C SER A 21 1.19 2.54 4.78
N ILE A 22 2.27 2.60 3.97
CA ILE A 22 3.00 3.84 3.69
C ILE A 22 2.29 4.62 2.58
N ASP A 23 1.73 3.90 1.59
CA ASP A 23 1.14 4.50 0.39
C ASP A 23 0.20 3.48 -0.30
N VAL A 24 -0.46 3.90 -1.39
CA VAL A 24 -1.28 3.01 -2.24
C VAL A 24 -1.37 3.62 -3.67
N TYR A 25 -1.19 2.77 -4.71
CA TYR A 25 -1.43 3.19 -6.10
C TYR A 25 -2.28 2.13 -6.81
N GLY A 26 -3.34 2.60 -7.51
CA GLY A 26 -4.20 1.73 -8.30
C GLY A 26 -4.90 0.66 -7.45
N ASP A 27 -4.44 -0.60 -7.61
CA ASP A 27 -4.99 -1.77 -6.90
C ASP A 27 -3.90 -2.45 -6.04
N TYR A 28 -2.90 -1.67 -5.58
CA TYR A 28 -1.77 -2.19 -4.77
C TYR A 28 -1.53 -1.29 -3.56
N LEU A 29 -1.86 -1.80 -2.35
CA LEU A 29 -1.61 -1.12 -1.07
C LEU A 29 -0.15 -1.36 -0.65
N ILE A 30 0.65 -0.29 -0.64
CA ILE A 30 2.10 -0.36 -0.32
C ILE A 30 2.29 -0.44 1.20
N VAL A 31 2.61 -1.64 1.69
CA VAL A 31 2.84 -1.90 3.11
C VAL A 31 4.34 -2.07 3.38
N LYS A 32 4.92 -1.13 4.13
CA LYS A 32 6.33 -1.18 4.54
C LYS A 32 6.50 -2.21 5.69
N VAL A 33 7.29 -3.27 5.43
CA VAL A 33 7.63 -4.32 6.42
C VAL A 33 9.15 -4.59 6.37
N GLY A 34 9.73 -4.96 7.54
CA GLY A 34 11.14 -5.32 7.65
C GLY A 34 12.08 -4.24 7.09
N THR A 35 12.66 -4.50 5.91
CA THR A 35 13.57 -3.57 5.23
C THR A 35 12.90 -2.96 3.96
N GLU A 36 11.99 -3.73 3.32
CA GLU A 36 11.44 -3.39 1.98
C GLU A 36 9.93 -3.11 2.01
N PHE A 37 9.38 -2.73 0.85
CA PHE A 37 7.96 -2.38 0.71
C PHE A 37 7.21 -3.53 0.01
N LEU A 38 6.35 -4.22 0.78
CA LEU A 38 5.48 -5.30 0.28
C LEU A 38 4.13 -4.69 -0.10
N ALA A 39 3.92 -4.52 -1.42
CA ALA A 39 2.69 -3.95 -1.97
C ALA A 39 1.64 -5.06 -2.12
N VAL A 40 0.79 -5.20 -1.11
CA VAL A 40 -0.26 -6.23 -1.09
C VAL A 40 -1.41 -5.82 -2.05
N PRO A 41 -1.84 -6.74 -2.98
CA PRO A 41 -3.00 -6.50 -3.89
C PRO A 41 -4.32 -6.29 -3.10
N LYS A 42 -5.33 -5.70 -3.75
CA LYS A 42 -6.65 -5.44 -3.10
C LYS A 42 -7.41 -6.75 -2.81
N LYS A 43 -7.06 -7.84 -3.54
CA LYS A 43 -7.63 -9.18 -3.27
C LYS A 43 -7.10 -9.76 -1.95
N SER A 44 -6.00 -9.18 -1.44
CA SER A 44 -5.43 -9.55 -0.14
C SER A 44 -6.20 -8.87 1.00
N ILE A 45 -6.77 -7.66 0.73
CA ILE A 45 -7.46 -6.86 1.76
C ILE A 45 -8.77 -7.54 2.21
N LYS A 46 -8.82 -7.95 3.49
CA LYS A 46 -10.02 -8.55 4.11
C LYS A 46 -10.98 -7.46 4.59
N SER A 47 -10.55 -6.69 5.61
CA SER A 47 -11.43 -5.72 6.28
C SER A 47 -10.63 -4.46 6.68
N VAL A 48 -11.14 -3.28 6.28
CA VAL A 48 -10.59 -1.98 6.69
C VAL A 48 -11.17 -1.61 8.07
N GLU A 49 -10.30 -1.60 9.08
CA GLU A 49 -10.64 -1.23 10.46
C GLU A 49 -10.23 0.23 10.73
N ASP A 50 -10.56 0.73 11.93
CA ASP A 50 -10.24 2.10 12.35
C ASP A 50 -8.73 2.24 12.59
N GLY A 51 -8.02 2.77 11.56
CA GLY A 51 -6.57 2.94 11.60
C GLY A 51 -5.80 1.63 11.44
N ARG A 52 -6.47 0.62 10.85
CA ARG A 52 -5.90 -0.72 10.62
C ARG A 52 -6.39 -1.27 9.26
N ILE A 53 -5.55 -2.12 8.64
CA ILE A 53 -5.93 -2.90 7.43
C ILE A 53 -5.71 -4.39 7.71
N VAL A 54 -6.80 -5.15 7.88
CA VAL A 54 -6.72 -6.61 7.96
C VAL A 54 -6.58 -7.17 6.53
N ILE A 55 -5.47 -7.85 6.26
CA ILE A 55 -5.26 -8.61 5.01
C ILE A 55 -5.29 -10.11 5.30
N GLY A 56 -5.30 -10.94 4.25
CA GLY A 56 -5.42 -12.39 4.38
C GLY A 56 -4.22 -13.11 3.81
N GLU A 57 -4.21 -13.27 2.48
CA GLU A 57 -3.16 -14.00 1.76
C GLU A 57 -2.79 -13.28 0.45
N PHE A 58 -1.51 -13.38 0.11
CA PHE A 58 -0.89 -12.79 -1.08
C PHE A 58 0.42 -13.54 -1.33
N ASP A 59 0.99 -13.35 -2.52
CA ASP A 59 2.29 -13.95 -2.89
C ASP A 59 3.36 -12.91 -2.59
N GLU A 60 4.16 -13.15 -1.52
CA GLU A 60 5.11 -12.18 -0.97
C GLU A 60 6.21 -11.76 -1.96
N GLU A 61 6.70 -12.73 -2.73
CA GLU A 61 7.76 -12.50 -3.74
C GLU A 61 7.25 -11.57 -4.87
N GLU A 62 5.94 -11.70 -5.16
CA GLU A 62 5.26 -10.90 -6.18
C GLU A 62 4.97 -9.49 -5.64
N ALA A 63 4.46 -9.42 -4.40
CA ALA A 63 4.15 -8.16 -3.71
C ALA A 63 5.42 -7.34 -3.46
N ARG A 64 6.56 -8.06 -3.35
CA ARG A 64 7.87 -7.46 -3.14
C ARG A 64 8.38 -6.82 -4.44
N GLU A 65 8.23 -7.52 -5.59
CA GLU A 65 8.74 -7.01 -6.90
C GLU A 65 7.86 -5.87 -7.44
N LEU A 66 6.53 -5.97 -7.28
CA LEU A 66 5.60 -4.89 -7.67
C LEU A 66 5.54 -3.83 -6.55
N GLY A 67 6.06 -4.20 -5.36
CA GLY A 67 6.43 -3.23 -4.34
C GLY A 67 7.59 -2.37 -4.84
N ARG A 68 8.58 -3.04 -5.47
CA ARG A 68 9.73 -2.39 -6.13
C ARG A 68 9.29 -1.62 -7.41
N LYS A 69 8.09 -1.92 -7.93
CA LYS A 69 7.43 -1.16 -9.01
C LYS A 69 7.06 0.25 -8.50
N TRP A 70 6.60 0.30 -7.24
CA TRP A 70 6.40 1.58 -6.51
C TRP A 70 7.75 2.33 -6.35
N LEU A 71 8.81 1.59 -5.94
CA LEU A 71 10.18 2.14 -5.87
C LEU A 71 10.69 2.57 -7.27
N GLU A 72 10.14 1.94 -8.34
CA GLU A 72 10.52 2.21 -9.74
C GLU A 72 9.94 3.55 -10.22
N GLU A 73 8.71 3.90 -9.76
CA GLU A 73 8.09 5.19 -10.13
C GLU A 73 8.83 6.36 -9.41
N LYS A 74 9.39 6.03 -8.23
CA LYS A 74 10.28 6.95 -7.47
C LYS A 74 11.63 7.16 -8.19
N SER A 75 12.02 6.19 -9.04
CA SER A 75 13.25 6.25 -9.85
C SER A 75 13.04 7.07 -11.14
N LYS A 76 11.90 6.81 -11.83
CA LYS A 76 11.50 7.53 -13.06
C LYS A 76 10.84 8.89 -12.67
N PRO A 77 10.53 9.84 -13.63
CA PRO A 77 9.77 11.07 -13.32
C PRO A 77 8.40 10.74 -12.67
N VAL A 78 8.01 11.52 -11.64
CA VAL A 78 6.77 11.29 -10.87
C VAL A 78 5.54 11.56 -11.77
N THR A 79 5.09 10.48 -12.43
CA THR A 79 4.00 10.50 -13.41
C THR A 79 2.98 9.39 -13.07
N LEU A 80 2.88 9.07 -11.76
CA LEU A 80 2.03 8.00 -11.25
C LEU A 80 0.54 8.41 -11.30
N GLU A 81 -0.12 8.08 -12.42
CA GLU A 81 -1.55 8.35 -12.64
C GLU A 81 -2.43 7.31 -11.93
N GLU A 82 -1.79 6.21 -11.44
CA GLU A 82 -2.43 5.17 -10.61
C GLU A 82 -2.96 5.77 -9.29
N LEU A 83 -2.34 6.89 -8.86
CA LEU A 83 -2.74 7.66 -7.66
C LEU A 83 -4.21 8.13 -7.78
N LYS A 84 -4.64 8.40 -9.04
CA LYS A 84 -5.99 8.90 -9.36
C LYS A 84 -7.06 7.80 -9.16
N SER A 85 -8.20 8.21 -8.58
CA SER A 85 -9.37 7.35 -8.32
C SER A 85 -10.56 8.26 -7.92
N TYR A 86 -11.75 7.65 -7.70
CA TYR A 86 -12.96 8.36 -7.26
C TYR A 86 -12.87 8.78 -5.77
N GLY A 87 -13.92 9.44 -5.27
CA GLY A 87 -13.95 9.96 -3.89
C GLY A 87 -13.55 11.43 -3.81
N PHE A 88 -13.90 12.18 -4.87
CA PHE A 88 -13.61 13.62 -4.99
C PHE A 88 -14.52 14.42 -4.03
N GLY A 89 -13.92 15.00 -2.97
CA GLY A 89 -14.65 15.77 -1.96
C GLY A 89 -14.49 15.18 -0.57
N GLU A 90 -14.88 15.96 0.45
CA GLU A 90 -14.75 15.58 1.88
C GLU A 90 -16.06 15.85 2.65
N GLU A 91 -17.19 15.96 1.93
CA GLU A 91 -18.50 16.19 2.56
C GLU A 91 -18.96 14.92 3.31
N GLY A 92 -18.72 13.75 2.68
CA GLY A 92 -19.01 12.45 3.27
C GLY A 92 -19.75 11.51 2.32
N GLU A 93 -20.27 10.42 2.88
CA GLU A 93 -21.04 9.39 2.15
C GLU A 93 -21.91 8.64 3.17
N GLY A 94 -21.22 8.06 4.17
CA GLY A 94 -21.85 7.28 5.22
C GLY A 94 -20.90 6.22 5.76
N SER A 95 -21.34 5.49 6.80
CA SER A 95 -20.55 4.42 7.42
C SER A 95 -21.52 3.41 8.10
N GLN A 1 -12.44 19.43 8.37
CA GLN A 1 -12.74 19.54 6.92
C GLN A 1 -11.44 19.34 6.11
N GLY A 2 -11.55 18.59 4.98
CA GLY A 2 -10.40 18.29 4.11
C GLY A 2 -9.82 16.90 4.36
N HIS A 3 -9.20 16.31 3.33
CA HIS A 3 -8.58 14.97 3.38
C HIS A 3 -7.05 15.10 3.51
N MET A 4 -6.43 14.18 4.26
CA MET A 4 -4.97 14.13 4.48
C MET A 4 -4.49 12.67 4.36
N ASP A 5 -3.17 12.46 4.27
CA ASP A 5 -2.54 11.11 4.16
C ASP A 5 -1.55 10.90 5.33
N LEU A 6 -1.99 11.29 6.53
CA LEU A 6 -1.12 11.30 7.74
C LEU A 6 -1.07 9.93 8.44
N ILE A 7 -2.26 9.35 8.74
CA ILE A 7 -2.36 8.14 9.58
C ILE A 7 -1.81 6.88 8.86
N CYS A 8 -0.71 6.33 9.40
CA CYS A 8 -0.10 5.08 8.92
C CYS A 8 -0.80 3.90 9.62
N MET A 9 -1.84 3.35 8.96
CA MET A 9 -2.70 2.31 9.53
C MET A 9 -1.95 0.97 9.62
N TYR A 10 -1.94 0.37 10.83
CA TYR A 10 -1.25 -0.89 11.11
C TYR A 10 -1.92 -2.04 10.35
N VAL A 11 -1.19 -2.62 9.38
CA VAL A 11 -1.66 -3.73 8.56
C VAL A 11 -1.47 -5.06 9.29
N PHE A 12 -2.58 -5.81 9.45
CA PHE A 12 -2.60 -7.15 10.04
C PHE A 12 -2.86 -8.19 8.94
N LYS A 13 -1.93 -9.13 8.76
CA LYS A 13 -2.06 -10.24 7.83
C LYS A 13 -3.00 -11.30 8.45
N GLY A 14 -4.30 -11.08 8.25
CA GLY A 14 -5.34 -11.91 8.87
C GLY A 14 -5.48 -11.58 10.35
N GLU A 15 -4.77 -12.35 11.18
CA GLU A 15 -4.77 -12.21 12.66
C GLU A 15 -3.42 -11.68 13.18
N GLU A 16 -2.34 -11.88 12.39
CA GLU A 16 -0.96 -11.56 12.82
C GLU A 16 -0.59 -10.12 12.41
N SER A 17 0.20 -9.43 13.25
CA SER A 17 0.69 -8.07 12.97
C SER A 17 1.77 -8.14 11.87
N PHE A 18 1.44 -7.59 10.69
CA PHE A 18 2.30 -7.68 9.51
C PHE A 18 3.25 -6.47 9.41
N GLY A 19 2.66 -5.26 9.40
CA GLY A 19 3.43 -4.03 9.21
C GLY A 19 2.55 -2.78 9.25
N GLU A 20 2.84 -1.82 8.35
CA GLU A 20 2.18 -0.50 8.33
C GLU A 20 1.92 -0.05 6.88
N SER A 21 0.73 0.53 6.66
CA SER A 21 0.32 1.06 5.36
C SER A 21 0.98 2.44 5.13
N ILE A 22 1.96 2.49 4.22
CA ILE A 22 2.67 3.74 3.86
C ILE A 22 1.96 4.40 2.66
N ASP A 23 1.49 3.58 1.70
CA ASP A 23 0.91 4.09 0.44
C ASP A 23 -0.08 3.09 -0.16
N VAL A 24 -0.84 3.53 -1.17
CA VAL A 24 -1.72 2.68 -2.00
C VAL A 24 -1.84 3.32 -3.40
N TYR A 25 -1.78 2.46 -4.44
CA TYR A 25 -1.89 2.90 -5.85
C TYR A 25 -2.62 1.79 -6.65
N GLY A 26 -3.58 2.20 -7.50
CA GLY A 26 -4.26 1.28 -8.41
C GLY A 26 -5.01 0.15 -7.70
N ASP A 27 -4.44 -1.06 -7.82
CA ASP A 27 -5.03 -2.31 -7.29
C ASP A 27 -4.12 -2.96 -6.24
N TYR A 28 -3.11 -2.21 -5.75
CA TYR A 28 -2.16 -2.69 -4.73
C TYR A 28 -2.01 -1.67 -3.59
N LEU A 29 -1.72 -2.19 -2.39
CA LEU A 29 -1.54 -1.44 -1.14
C LEU A 29 -0.10 -1.65 -0.67
N ILE A 30 0.69 -0.57 -0.70
CA ILE A 30 2.10 -0.60 -0.32
C ILE A 30 2.22 -0.64 1.21
N VAL A 31 2.65 -1.81 1.73
CA VAL A 31 2.88 -2.03 3.16
C VAL A 31 4.39 -2.17 3.40
N LYS A 32 4.96 -1.27 4.19
CA LYS A 32 6.40 -1.26 4.48
C LYS A 32 6.66 -2.14 5.70
N VAL A 33 7.45 -3.22 5.52
CA VAL A 33 7.95 -4.06 6.63
C VAL A 33 9.48 -4.09 6.56
N GLY A 34 10.14 -3.79 7.71
CA GLY A 34 11.61 -3.74 7.78
C GLY A 34 12.22 -2.68 6.86
N THR A 35 12.73 -3.12 5.69
CA THR A 35 13.39 -2.25 4.69
C THR A 35 12.73 -2.38 3.30
N GLU A 36 11.75 -3.31 3.17
CA GLU A 36 11.12 -3.65 1.88
C GLU A 36 9.62 -3.32 1.87
N PHE A 37 9.09 -3.07 0.66
CA PHE A 37 7.71 -2.63 0.43
C PHE A 37 6.93 -3.77 -0.28
N LEU A 38 6.01 -4.39 0.47
CA LEU A 38 5.15 -5.48 -0.01
C LEU A 38 3.81 -4.90 -0.49
N ALA A 39 3.63 -4.87 -1.82
CA ALA A 39 2.39 -4.41 -2.43
C ALA A 39 1.32 -5.52 -2.39
N VAL A 40 0.46 -5.47 -1.36
CA VAL A 40 -0.61 -6.45 -1.16
C VAL A 40 -1.87 -6.00 -1.95
N PRO A 41 -2.47 -6.85 -2.84
CA PRO A 41 -3.64 -6.45 -3.69
C PRO A 41 -4.87 -6.06 -2.85
N LYS A 42 -5.72 -5.18 -3.40
CA LYS A 42 -6.91 -4.63 -2.69
C LYS A 42 -7.95 -5.72 -2.39
N LYS A 43 -7.90 -6.82 -3.16
CA LYS A 43 -8.76 -8.01 -2.97
C LYS A 43 -8.35 -8.79 -1.71
N SER A 44 -7.06 -8.66 -1.31
CA SER A 44 -6.54 -9.28 -0.08
C SER A 44 -7.08 -8.55 1.16
N ILE A 45 -7.33 -7.21 1.04
CA ILE A 45 -7.90 -6.41 2.15
C ILE A 45 -9.30 -6.97 2.50
N LYS A 46 -9.41 -7.50 3.71
CA LYS A 46 -10.62 -8.15 4.24
C LYS A 46 -11.51 -7.14 4.96
N SER A 47 -10.95 -6.45 5.96
CA SER A 47 -11.67 -5.47 6.79
C SER A 47 -10.84 -4.18 6.93
N VAL A 48 -11.45 -3.04 6.62
CA VAL A 48 -10.86 -1.71 6.87
C VAL A 48 -11.41 -1.17 8.20
N GLU A 49 -10.53 -1.11 9.21
CA GLU A 49 -10.85 -0.65 10.57
C GLU A 49 -10.15 0.69 10.85
N ASP A 50 -10.56 1.35 11.95
CA ASP A 50 -10.00 2.62 12.41
C ASP A 50 -8.51 2.46 12.80
N GLY A 51 -7.59 2.82 11.87
CA GLY A 51 -6.14 2.73 12.11
C GLY A 51 -5.59 1.30 12.01
N ARG A 52 -6.40 0.37 11.47
CA ARG A 52 -6.01 -1.03 11.25
C ARG A 52 -6.52 -1.49 9.88
N ILE A 53 -5.63 -2.05 9.05
CA ILE A 53 -6.02 -2.67 7.77
C ILE A 53 -5.82 -4.19 7.87
N VAL A 54 -6.93 -4.93 8.05
CA VAL A 54 -6.92 -6.39 8.04
C VAL A 54 -6.90 -6.86 6.59
N ILE A 55 -5.79 -7.48 6.19
CA ILE A 55 -5.62 -8.10 4.87
C ILE A 55 -5.67 -9.62 5.04
N GLY A 56 -5.56 -10.36 3.93
CA GLY A 56 -5.46 -11.80 3.97
C GLY A 56 -4.03 -12.23 3.77
N GLU A 57 -3.79 -13.01 2.69
CA GLU A 57 -2.45 -13.48 2.32
C GLU A 57 -2.22 -13.21 0.83
N PHE A 58 -0.95 -13.33 0.41
CA PHE A 58 -0.48 -12.89 -0.91
C PHE A 58 0.89 -13.54 -1.20
N ASP A 59 1.35 -13.43 -2.46
CA ASP A 59 2.68 -13.91 -2.87
C ASP A 59 3.73 -12.84 -2.50
N GLU A 60 4.41 -13.08 -1.37
CA GLU A 60 5.39 -12.15 -0.80
C GLU A 60 6.58 -11.91 -1.73
N GLU A 61 6.92 -12.94 -2.53
CA GLU A 61 7.98 -12.88 -3.55
C GLU A 61 7.62 -11.83 -4.62
N GLU A 62 6.40 -11.97 -5.15
CA GLU A 62 5.87 -11.10 -6.21
C GLU A 62 5.61 -9.68 -5.70
N ALA A 63 5.17 -9.56 -4.44
CA ALA A 63 4.77 -8.28 -3.85
C ALA A 63 5.99 -7.36 -3.60
N ARG A 64 7.16 -7.96 -3.24
CA ARG A 64 8.42 -7.18 -3.02
C ARG A 64 9.09 -6.77 -4.34
N GLU A 65 8.99 -7.62 -5.39
CA GLU A 65 9.61 -7.31 -6.72
C GLU A 65 8.75 -6.29 -7.50
N LEU A 66 7.41 -6.38 -7.41
CA LEU A 66 6.52 -5.37 -7.99
C LEU A 66 6.38 -4.17 -7.00
N GLY A 67 6.78 -4.40 -5.74
CA GLY A 67 6.85 -3.35 -4.72
C GLY A 67 8.04 -2.42 -4.95
N ARG A 68 9.21 -2.99 -5.29
CA ARG A 68 10.40 -2.20 -5.67
C ARG A 68 10.19 -1.56 -7.05
N LYS A 69 9.33 -2.21 -7.88
CA LYS A 69 8.87 -1.61 -9.14
C LYS A 69 8.04 -0.35 -8.83
N TRP A 70 7.30 -0.34 -7.70
CA TRP A 70 6.59 0.87 -7.23
C TRP A 70 7.60 1.98 -6.86
N LEU A 71 8.76 1.60 -6.26
CA LEU A 71 9.84 2.59 -6.01
C LEU A 71 10.37 3.20 -7.34
N GLU A 72 10.28 2.42 -8.42
CA GLU A 72 10.58 2.89 -9.79
C GLU A 72 9.40 3.74 -10.34
N GLU A 73 8.16 3.37 -9.95
CA GLU A 73 6.92 4.03 -10.43
C GLU A 73 6.75 5.43 -9.84
N LYS A 74 7.00 5.61 -8.54
CA LYS A 74 6.92 6.96 -7.90
C LYS A 74 8.04 7.89 -8.44
N SER A 75 9.02 7.29 -9.12
CA SER A 75 10.10 8.00 -9.84
C SER A 75 9.79 8.02 -11.37
N LYS A 76 8.47 8.06 -11.71
CA LYS A 76 7.99 8.07 -13.12
C LYS A 76 8.41 9.36 -13.87
N PRO A 77 8.42 9.37 -15.26
CA PRO A 77 8.72 10.58 -16.06
C PRO A 77 7.72 11.73 -15.84
N VAL A 78 7.90 12.83 -16.57
CA VAL A 78 7.11 14.08 -16.38
C VAL A 78 5.64 13.99 -16.87
N THR A 79 5.20 12.76 -17.22
CA THR A 79 3.78 12.47 -17.47
C THR A 79 2.93 12.74 -16.21
N LEU A 80 1.83 13.50 -16.38
CA LEU A 80 0.84 13.72 -15.33
C LEU A 80 -0.17 12.56 -15.28
N GLU A 81 -0.82 12.37 -14.13
CA GLU A 81 -1.85 11.34 -13.93
C GLU A 81 -3.25 11.95 -13.92
N GLU A 82 -3.31 13.27 -14.20
CA GLU A 82 -4.56 14.01 -14.45
C GLU A 82 -5.39 13.36 -15.58
N LEU A 83 -4.69 12.81 -16.60
CA LEU A 83 -5.31 12.15 -17.76
C LEU A 83 -5.92 10.79 -17.33
N LYS A 84 -5.12 9.96 -16.64
CA LYS A 84 -5.53 8.60 -16.25
C LYS A 84 -6.33 8.61 -14.94
N SER A 85 -6.90 7.44 -14.61
CA SER A 85 -7.71 7.24 -13.39
C SER A 85 -6.80 6.85 -12.21
N TYR A 86 -7.33 7.05 -10.99
CA TYR A 86 -6.66 6.64 -9.74
C TYR A 86 -7.39 5.40 -9.18
N GLY A 87 -6.67 4.61 -8.37
CA GLY A 87 -7.21 3.39 -7.78
C GLY A 87 -8.37 3.64 -6.82
N PHE A 88 -9.32 2.70 -6.79
CA PHE A 88 -10.51 2.78 -5.95
C PHE A 88 -10.11 2.64 -4.46
N GLY A 89 -10.67 3.53 -3.62
CA GLY A 89 -10.44 3.52 -2.18
C GLY A 89 -11.69 3.12 -1.44
N GLU A 90 -12.23 4.06 -0.64
CA GLU A 90 -13.45 3.83 0.14
C GLU A 90 -14.68 4.21 -0.70
N GLU A 91 -15.13 3.27 -1.56
CA GLU A 91 -16.32 3.45 -2.40
C GLU A 91 -17.59 3.29 -1.52
N GLY A 92 -18.13 4.41 -1.05
CA GLY A 92 -19.32 4.41 -0.22
C GLY A 92 -19.89 5.80 -0.04
N GLU A 93 -20.93 5.90 0.79
CA GLU A 93 -21.61 7.16 1.11
C GLU A 93 -20.74 7.96 2.11
N GLY A 94 -19.69 8.61 1.58
CA GLY A 94 -18.73 9.37 2.38
C GLY A 94 -19.32 10.69 2.86
N SER A 95 -19.11 11.01 4.14
CA SER A 95 -19.59 12.27 4.74
C SER A 95 -18.48 13.34 4.65
N GLN A 1 -7.63 18.70 10.09
CA GLN A 1 -7.64 17.56 9.15
C GLN A 1 -9.09 17.17 8.79
N GLY A 2 -9.23 16.36 7.75
CA GLY A 2 -10.52 15.84 7.30
C GLY A 2 -10.36 14.43 6.75
N HIS A 3 -10.45 14.30 5.40
CA HIS A 3 -10.16 13.03 4.70
C HIS A 3 -8.64 12.85 4.56
N MET A 4 -8.01 12.28 5.60
CA MET A 4 -6.59 11.90 5.55
C MET A 4 -6.47 10.60 4.74
N ASP A 5 -6.30 10.75 3.42
CA ASP A 5 -6.15 9.63 2.47
C ASP A 5 -4.71 9.05 2.51
N LEU A 6 -3.83 9.75 3.24
CA LEU A 6 -2.41 9.40 3.42
C LEU A 6 -2.30 8.49 4.67
N ILE A 7 -3.08 7.40 4.64
CA ILE A 7 -3.28 6.53 5.80
C ILE A 7 -1.99 5.73 6.14
N CYS A 8 -1.67 5.72 7.43
CA CYS A 8 -0.51 5.00 8.00
C CYS A 8 -1.00 3.91 8.97
N MET A 9 -2.21 3.38 8.66
CA MET A 9 -2.92 2.41 9.51
C MET A 9 -2.15 1.09 9.61
N TYR A 10 -2.18 0.48 10.80
CA TYR A 10 -1.39 -0.72 11.13
C TYR A 10 -1.97 -1.95 10.40
N VAL A 11 -1.26 -2.43 9.38
CA VAL A 11 -1.70 -3.55 8.55
C VAL A 11 -1.38 -4.89 9.27
N PHE A 12 -2.44 -5.64 9.62
CA PHE A 12 -2.33 -6.98 10.22
C PHE A 12 -2.83 -8.04 9.21
N LYS A 13 -2.03 -9.09 8.98
CA LYS A 13 -2.48 -10.24 8.19
C LYS A 13 -3.22 -11.20 9.15
N GLY A 14 -4.56 -11.02 9.21
CA GLY A 14 -5.40 -11.76 10.16
C GLY A 14 -5.14 -11.36 11.61
N GLU A 15 -4.28 -12.13 12.29
CA GLU A 15 -3.91 -11.90 13.70
C GLU A 15 -2.51 -11.30 13.82
N GLU A 16 -1.61 -11.65 12.88
CA GLU A 16 -0.18 -11.27 12.97
C GLU A 16 0.05 -9.85 12.43
N SER A 17 0.97 -9.13 13.06
CA SER A 17 1.39 -7.80 12.64
C SER A 17 2.24 -7.91 11.36
N PHE A 18 1.68 -7.44 10.23
CA PHE A 18 2.38 -7.45 8.94
C PHE A 18 3.28 -6.20 8.84
N GLY A 19 2.68 -5.01 8.96
CA GLY A 19 3.41 -3.74 8.87
C GLY A 19 2.51 -2.53 9.01
N GLU A 20 2.73 -1.54 8.14
CA GLU A 20 2.05 -0.24 8.17
C GLU A 20 1.87 0.30 6.74
N SER A 21 0.69 0.88 6.47
CA SER A 21 0.39 1.49 5.16
C SER A 21 1.26 2.76 4.95
N ILE A 22 1.80 2.96 3.75
CA ILE A 22 2.66 4.12 3.43
C ILE A 22 2.14 4.80 2.15
N ASP A 23 1.67 4.00 1.17
CA ASP A 23 1.21 4.51 -0.13
C ASP A 23 0.22 3.52 -0.78
N VAL A 24 -0.53 3.96 -1.80
CA VAL A 24 -1.41 3.10 -2.61
C VAL A 24 -0.97 3.17 -4.08
N TYR A 25 -0.92 2.02 -4.76
CA TYR A 25 -0.38 1.87 -6.11
C TYR A 25 -1.31 0.95 -6.94
N GLY A 26 -2.16 1.58 -7.79
CA GLY A 26 -3.02 0.87 -8.74
C GLY A 26 -4.04 -0.06 -8.06
N ASP A 27 -3.85 -1.38 -8.27
CA ASP A 27 -4.69 -2.45 -7.65
C ASP A 27 -4.00 -3.03 -6.41
N TYR A 28 -3.07 -2.27 -5.84
CA TYR A 28 -2.23 -2.70 -4.71
C TYR A 28 -2.14 -1.59 -3.66
N LEU A 29 -1.73 -1.97 -2.46
CA LEU A 29 -1.50 -1.08 -1.32
C LEU A 29 -0.05 -1.29 -0.86
N ILE A 30 0.79 -0.27 -1.04
CA ILE A 30 2.20 -0.32 -0.63
C ILE A 30 2.25 -0.30 0.91
N VAL A 31 2.58 -1.45 1.50
CA VAL A 31 2.71 -1.62 2.96
C VAL A 31 4.20 -1.79 3.30
N LYS A 32 4.71 -0.83 4.09
CA LYS A 32 6.09 -0.87 4.59
C LYS A 32 6.13 -1.90 5.74
N VAL A 33 6.88 -3.00 5.56
CA VAL A 33 7.08 -4.04 6.60
C VAL A 33 8.59 -4.19 6.86
N GLY A 34 9.00 -3.96 8.13
CA GLY A 34 10.40 -4.11 8.54
C GLY A 34 11.35 -3.13 7.85
N THR A 35 11.84 -3.53 6.66
CA THR A 35 12.81 -2.75 5.85
C THR A 35 12.25 -2.52 4.42
N GLU A 36 11.36 -3.43 3.97
CA GLU A 36 10.94 -3.52 2.54
C GLU A 36 9.50 -2.99 2.36
N PHE A 37 9.14 -2.70 1.09
CA PHE A 37 7.79 -2.24 0.70
C PHE A 37 7.11 -3.36 -0.11
N LEU A 38 6.10 -3.99 0.51
CA LEU A 38 5.34 -5.10 -0.08
C LEU A 38 3.96 -4.59 -0.50
N ALA A 39 3.73 -4.56 -1.81
CA ALA A 39 2.48 -4.11 -2.40
C ALA A 39 1.45 -5.24 -2.40
N VAL A 40 0.60 -5.28 -1.36
CA VAL A 40 -0.46 -6.30 -1.21
C VAL A 40 -1.67 -5.90 -2.06
N PRO A 41 -2.24 -6.83 -2.89
CA PRO A 41 -3.44 -6.52 -3.73
C PRO A 41 -4.65 -6.13 -2.87
N LYS A 42 -5.57 -5.34 -3.43
CA LYS A 42 -6.77 -4.84 -2.74
C LYS A 42 -7.71 -6.00 -2.33
N LYS A 43 -7.64 -7.11 -3.10
CA LYS A 43 -8.39 -8.35 -2.82
C LYS A 43 -7.88 -9.04 -1.53
N SER A 44 -6.63 -8.74 -1.12
CA SER A 44 -6.06 -9.24 0.15
C SER A 44 -6.77 -8.55 1.32
N ILE A 45 -7.00 -7.22 1.20
CA ILE A 45 -7.66 -6.42 2.26
C ILE A 45 -9.08 -6.98 2.47
N LYS A 46 -9.31 -7.55 3.66
CA LYS A 46 -10.60 -8.11 4.06
C LYS A 46 -11.54 -6.98 4.49
N SER A 47 -11.10 -6.20 5.51
CA SER A 47 -11.87 -5.08 6.06
C SER A 47 -10.94 -4.05 6.71
N VAL A 48 -11.44 -2.82 6.80
CA VAL A 48 -10.77 -1.70 7.49
C VAL A 48 -11.28 -1.64 8.93
N GLU A 49 -10.39 -1.94 9.89
CA GLU A 49 -10.69 -1.85 11.34
C GLU A 49 -10.40 -0.41 11.82
N ASP A 50 -10.85 -0.07 13.03
CA ASP A 50 -10.58 1.25 13.63
C ASP A 50 -9.08 1.35 13.98
N GLY A 51 -8.29 1.91 13.05
CA GLY A 51 -6.85 2.10 13.21
C GLY A 51 -6.00 0.99 12.57
N ARG A 52 -6.66 -0.07 12.07
CA ARG A 52 -5.96 -1.25 11.50
C ARG A 52 -6.53 -1.59 10.11
N ILE A 53 -5.71 -2.32 9.31
CA ILE A 53 -6.11 -2.88 8.01
C ILE A 53 -5.86 -4.40 8.05
N VAL A 54 -6.95 -5.20 8.18
CA VAL A 54 -6.84 -6.67 8.10
C VAL A 54 -6.76 -7.09 6.63
N ILE A 55 -5.64 -7.74 6.27
CA ILE A 55 -5.44 -8.36 4.96
C ILE A 55 -5.46 -9.89 5.11
N GLY A 56 -5.42 -10.60 3.97
CA GLY A 56 -5.57 -12.04 3.94
C GLY A 56 -4.56 -12.71 3.05
N GLU A 57 -4.89 -12.88 1.75
CA GLU A 57 -4.11 -13.71 0.83
C GLU A 57 -3.33 -12.87 -0.20
N PHE A 58 -2.03 -13.17 -0.32
CA PHE A 58 -1.13 -12.56 -1.31
C PHE A 58 0.14 -13.44 -1.43
N ASP A 59 1.11 -12.98 -2.23
CA ASP A 59 2.44 -13.61 -2.35
C ASP A 59 3.49 -12.51 -2.16
N GLU A 60 4.39 -12.68 -1.17
CA GLU A 60 5.38 -11.63 -0.80
C GLU A 60 6.47 -11.46 -1.87
N GLU A 61 6.84 -12.56 -2.55
CA GLU A 61 7.89 -12.53 -3.59
C GLU A 61 7.36 -11.80 -4.84
N GLU A 62 6.05 -11.97 -5.12
CA GLU A 62 5.37 -11.21 -6.16
C GLU A 62 5.16 -9.75 -5.72
N ALA A 63 4.85 -9.54 -4.43
CA ALA A 63 4.58 -8.19 -3.87
C ALA A 63 5.87 -7.34 -3.81
N ARG A 64 7.05 -8.00 -3.65
CA ARG A 64 8.37 -7.32 -3.62
C ARG A 64 8.86 -6.93 -5.02
N GLU A 65 8.58 -7.78 -6.05
CA GLU A 65 9.04 -7.53 -7.45
C GLU A 65 8.19 -6.41 -8.10
N LEU A 66 6.86 -6.45 -7.89
CA LEU A 66 5.96 -5.40 -8.39
C LEU A 66 6.01 -4.18 -7.42
N GLY A 67 6.43 -4.45 -6.18
CA GLY A 67 6.71 -3.42 -5.19
C GLY A 67 7.94 -2.60 -5.56
N ARG A 68 9.01 -3.27 -6.07
CA ARG A 68 10.24 -2.58 -6.52
C ARG A 68 10.00 -1.85 -7.85
N LYS A 69 8.96 -2.28 -8.61
CA LYS A 69 8.46 -1.49 -9.76
C LYS A 69 8.04 -0.10 -9.24
N TRP A 70 7.28 -0.09 -8.12
CA TRP A 70 6.88 1.15 -7.42
C TRP A 70 8.13 1.91 -6.89
N LEU A 71 9.13 1.18 -6.31
CA LEU A 71 10.41 1.78 -5.80
C LEU A 71 11.14 2.60 -6.89
N GLU A 72 10.99 2.18 -8.15
CA GLU A 72 11.61 2.86 -9.30
C GLU A 72 10.76 4.09 -9.70
N GLU A 73 9.45 3.87 -9.93
CA GLU A 73 8.53 4.88 -10.51
C GLU A 73 8.09 5.98 -9.50
N LYS A 74 8.28 5.72 -8.17
CA LYS A 74 7.88 6.67 -7.09
C LYS A 74 8.65 8.01 -7.20
N SER A 75 9.85 7.97 -7.84
CA SER A 75 10.70 9.14 -8.07
C SER A 75 9.97 10.21 -8.90
N LYS A 76 9.01 9.75 -9.72
CA LYS A 76 8.13 10.61 -10.52
C LYS A 76 6.87 10.97 -9.69
N PRO A 77 6.60 12.29 -9.43
CA PRO A 77 5.40 12.73 -8.67
C PRO A 77 4.09 12.51 -9.46
N VAL A 78 3.01 12.13 -8.74
CA VAL A 78 1.70 11.80 -9.33
C VAL A 78 1.01 13.07 -9.91
N THR A 79 1.08 13.22 -11.24
CA THR A 79 0.44 14.34 -11.97
C THR A 79 -1.09 14.10 -12.07
N LEU A 80 -1.84 14.81 -11.20
CA LEU A 80 -3.30 14.66 -11.09
C LEU A 80 -4.01 15.16 -12.36
N GLU A 81 -3.44 16.22 -12.97
CA GLU A 81 -4.00 16.86 -14.18
C GLU A 81 -4.03 15.90 -15.39
N GLU A 82 -2.98 15.07 -15.51
CA GLU A 82 -2.87 14.07 -16.59
C GLU A 82 -3.65 12.79 -16.25
N LEU A 83 -3.88 12.57 -14.94
CA LEU A 83 -4.68 11.45 -14.42
C LEU A 83 -6.17 11.59 -14.85
N LYS A 84 -6.64 12.85 -14.97
CA LYS A 84 -8.00 13.16 -15.48
C LYS A 84 -8.03 13.00 -17.02
N SER A 85 -8.47 11.82 -17.48
CA SER A 85 -8.64 11.50 -18.91
C SER A 85 -9.72 10.40 -19.08
N TYR A 86 -10.62 10.58 -20.06
CA TYR A 86 -11.74 9.64 -20.33
C TYR A 86 -11.24 8.39 -21.08
N GLY A 87 -11.74 7.21 -20.65
CA GLY A 87 -11.40 5.92 -21.27
C GLY A 87 -12.21 5.64 -22.54
N PHE A 88 -12.07 4.42 -23.07
CA PHE A 88 -12.67 4.02 -24.36
C PHE A 88 -14.14 3.59 -24.20
N GLY A 89 -15.06 4.54 -24.48
CA GLY A 89 -16.50 4.26 -24.46
C GLY A 89 -17.04 4.05 -25.87
N GLU A 90 -17.07 2.78 -26.32
CA GLU A 90 -17.59 2.40 -27.66
C GLU A 90 -19.12 2.55 -27.73
N GLU A 91 -19.76 2.57 -26.56
CA GLU A 91 -21.21 2.82 -26.42
C GLU A 91 -21.55 4.25 -26.91
N GLY A 92 -22.63 4.36 -27.70
CA GLY A 92 -23.04 5.61 -28.33
C GLY A 92 -23.84 5.35 -29.59
N GLU A 93 -25.14 5.10 -29.42
CA GLU A 93 -26.06 4.77 -30.54
C GLU A 93 -26.64 6.06 -31.17
N GLY A 94 -26.62 7.18 -30.42
CA GLY A 94 -27.15 8.45 -30.89
C GLY A 94 -28.59 8.67 -30.47
N SER A 95 -29.55 8.36 -31.37
CA SER A 95 -30.98 8.54 -31.11
C SER A 95 -31.79 7.62 -32.07
N GLN A 1 -7.23 20.91 5.13
CA GLN A 1 -6.45 21.61 6.17
C GLN A 1 -6.62 20.90 7.52
N GLY A 2 -5.72 21.22 8.47
CA GLY A 2 -5.64 20.51 9.75
C GLY A 2 -4.73 19.29 9.68
N HIS A 3 -4.40 18.72 10.84
CA HIS A 3 -3.54 17.53 10.94
C HIS A 3 -4.35 16.24 10.65
N MET A 4 -4.44 15.89 9.37
CA MET A 4 -5.04 14.61 8.92
C MET A 4 -3.91 13.60 8.56
N ASP A 5 -2.68 13.92 9.01
CA ASP A 5 -1.46 13.11 8.73
C ASP A 5 -1.29 11.96 9.74
N LEU A 6 -2.40 11.24 10.00
CA LEU A 6 -2.40 9.98 10.78
C LEU A 6 -3.04 8.85 9.95
N ILE A 7 -3.34 9.13 8.66
CA ILE A 7 -3.96 8.17 7.75
C ILE A 7 -2.87 7.21 7.22
N CYS A 8 -2.68 6.12 7.97
CA CYS A 8 -1.68 5.07 7.69
C CYS A 8 -2.03 3.86 8.59
N MET A 9 -3.03 3.09 8.14
CA MET A 9 -3.58 1.95 8.87
C MET A 9 -2.55 0.82 9.02
N TYR A 10 -2.48 0.28 10.25
CA TYR A 10 -1.59 -0.83 10.61
C TYR A 10 -2.14 -2.13 10.05
N VAL A 11 -1.46 -2.66 9.04
CA VAL A 11 -1.87 -3.85 8.32
C VAL A 11 -1.47 -5.10 9.13
N PHE A 12 -2.45 -5.97 9.45
CA PHE A 12 -2.24 -7.24 10.15
C PHE A 12 -2.40 -8.41 9.15
N LYS A 13 -1.35 -9.24 9.02
CA LYS A 13 -1.39 -10.48 8.21
C LYS A 13 -2.11 -11.56 9.04
N GLY A 14 -3.45 -11.50 9.01
CA GLY A 14 -4.30 -12.42 9.75
C GLY A 14 -4.21 -12.23 11.28
N GLU A 15 -3.35 -13.04 11.93
CA GLU A 15 -3.22 -13.09 13.40
C GLU A 15 -1.94 -12.36 13.89
N GLU A 16 -1.16 -11.80 12.95
CA GLU A 16 0.13 -11.14 13.26
C GLU A 16 0.21 -9.77 12.59
N SER A 17 0.95 -8.84 13.23
CA SER A 17 1.19 -7.49 12.71
C SER A 17 2.15 -7.56 11.50
N PHE A 18 1.62 -7.26 10.31
CA PHE A 18 2.39 -7.29 9.05
C PHE A 18 3.26 -6.02 8.97
N GLY A 19 2.60 -4.86 9.05
CA GLY A 19 3.27 -3.56 8.98
C GLY A 19 2.26 -2.44 9.05
N GLU A 20 2.49 -1.37 8.28
CA GLU A 20 1.53 -0.27 8.10
C GLU A 20 1.69 0.34 6.69
N SER A 21 0.58 0.89 6.18
CA SER A 21 0.51 1.48 4.84
C SER A 21 1.28 2.82 4.79
N ILE A 22 1.87 3.10 3.62
CA ILE A 22 2.68 4.33 3.37
C ILE A 22 2.16 5.03 2.09
N ASP A 23 1.79 4.23 1.08
CA ASP A 23 1.40 4.76 -0.25
C ASP A 23 0.38 3.81 -0.92
N VAL A 24 -0.18 4.20 -2.07
CA VAL A 24 -1.03 3.34 -2.90
C VAL A 24 -1.00 3.85 -4.36
N TYR A 25 -0.83 2.92 -5.31
CA TYR A 25 -0.95 3.22 -6.76
C TYR A 25 -1.81 2.13 -7.43
N GLY A 26 -2.88 2.56 -8.12
CA GLY A 26 -3.80 1.65 -8.81
C GLY A 26 -4.49 0.66 -7.87
N ASP A 27 -4.06 -0.61 -7.95
CA ASP A 27 -4.65 -1.73 -7.19
C ASP A 27 -3.75 -2.13 -5.99
N TYR A 28 -2.55 -1.58 -5.91
CA TYR A 28 -1.52 -2.03 -4.96
C TYR A 28 -1.29 -1.01 -3.84
N LEU A 29 -1.77 -1.39 -2.64
CA LEU A 29 -1.56 -0.65 -1.39
C LEU A 29 -0.13 -0.95 -0.90
N ILE A 30 0.75 0.07 -0.99
CA ILE A 30 2.15 -0.07 -0.56
C ILE A 30 2.20 -0.12 0.98
N VAL A 31 2.33 -1.35 1.50
CA VAL A 31 2.52 -1.60 2.93
C VAL A 31 4.02 -1.77 3.19
N LYS A 32 4.62 -0.82 3.93
CA LYS A 32 6.05 -0.87 4.25
C LYS A 32 6.22 -1.73 5.52
N VAL A 33 6.88 -2.89 5.38
CA VAL A 33 7.09 -3.82 6.49
C VAL A 33 8.59 -3.81 6.93
N GLY A 34 8.88 -2.87 7.85
CA GLY A 34 10.23 -2.73 8.45
C GLY A 34 11.27 -2.20 7.46
N THR A 35 11.93 -3.12 6.75
CA THR A 35 12.97 -2.77 5.75
C THR A 35 12.40 -2.84 4.32
N GLU A 36 11.25 -3.52 4.16
CA GLU A 36 10.70 -3.93 2.84
C GLU A 36 9.46 -3.10 2.48
N PHE A 37 9.11 -3.12 1.17
CA PHE A 37 7.85 -2.56 0.66
C PHE A 37 7.08 -3.69 -0.04
N LEU A 38 5.99 -4.14 0.58
CA LEU A 38 5.10 -5.19 0.07
C LEU A 38 3.81 -4.54 -0.42
N ALA A 39 3.65 -4.47 -1.75
CA ALA A 39 2.50 -3.84 -2.38
C ALA A 39 1.38 -4.87 -2.54
N VAL A 40 0.45 -4.89 -1.56
CA VAL A 40 -0.65 -5.86 -1.49
C VAL A 40 -1.79 -5.47 -2.46
N PRO A 41 -2.41 -6.45 -3.19
CA PRO A 41 -3.62 -6.19 -4.02
C PRO A 41 -4.83 -5.83 -3.11
N LYS A 42 -5.81 -5.08 -3.66
CA LYS A 42 -7.00 -4.63 -2.88
C LYS A 42 -7.88 -5.81 -2.39
N LYS A 43 -7.79 -6.96 -3.10
CA LYS A 43 -8.56 -8.18 -2.75
C LYS A 43 -7.97 -8.92 -1.53
N SER A 44 -6.70 -8.60 -1.19
CA SER A 44 -6.00 -9.17 -0.01
C SER A 44 -6.66 -8.70 1.30
N ILE A 45 -7.23 -7.48 1.26
CA ILE A 45 -7.86 -6.84 2.43
C ILE A 45 -9.20 -7.53 2.75
N LYS A 46 -9.26 -8.17 3.94
CA LYS A 46 -10.47 -8.81 4.47
C LYS A 46 -11.34 -7.78 5.21
N SER A 47 -10.68 -6.95 6.04
CA SER A 47 -11.35 -5.99 6.94
C SER A 47 -10.62 -4.64 6.98
N VAL A 48 -11.41 -3.55 6.87
CA VAL A 48 -10.94 -2.17 7.08
C VAL A 48 -11.47 -1.69 8.45
N GLU A 49 -10.55 -1.53 9.40
CA GLU A 49 -10.86 -1.13 10.79
C GLU A 49 -10.33 0.30 11.07
N ASP A 50 -10.64 0.81 12.30
CA ASP A 50 -10.40 2.22 12.74
C ASP A 50 -9.04 2.78 12.26
N GLY A 51 -7.97 2.07 12.64
CA GLY A 51 -6.61 2.36 12.20
C GLY A 51 -5.85 1.07 11.90
N ARG A 52 -6.58 0.07 11.36
CA ARG A 52 -6.04 -1.28 11.08
C ARG A 52 -6.55 -1.77 9.71
N ILE A 53 -5.76 -2.63 9.02
CA ILE A 53 -6.15 -3.33 7.78
C ILE A 53 -5.80 -4.82 7.93
N VAL A 54 -6.79 -5.68 8.17
CA VAL A 54 -6.56 -7.13 8.26
C VAL A 54 -6.56 -7.73 6.85
N ILE A 55 -5.42 -8.28 6.42
CA ILE A 55 -5.29 -9.01 5.16
C ILE A 55 -5.13 -10.52 5.44
N GLY A 56 -5.76 -11.36 4.61
CA GLY A 56 -5.76 -12.81 4.82
C GLY A 56 -4.53 -13.48 4.24
N GLU A 57 -4.38 -13.34 2.91
CA GLU A 57 -3.27 -13.92 2.14
C GLU A 57 -3.08 -13.12 0.84
N PHE A 58 -1.90 -13.30 0.22
CA PHE A 58 -1.55 -12.68 -1.06
C PHE A 58 -0.23 -13.27 -1.59
N ASP A 59 0.02 -13.06 -2.90
CA ASP A 59 1.28 -13.46 -3.55
C ASP A 59 2.40 -12.51 -3.07
N GLU A 60 3.01 -12.87 -1.92
CA GLU A 60 3.98 -12.01 -1.20
C GLU A 60 5.33 -11.87 -1.93
N GLU A 61 5.79 -12.95 -2.56
CA GLU A 61 7.05 -12.96 -3.32
C GLU A 61 6.90 -12.05 -4.58
N GLU A 62 5.70 -12.12 -5.18
CA GLU A 62 5.32 -11.28 -6.34
C GLU A 62 5.04 -9.82 -5.92
N ALA A 63 4.47 -9.63 -4.72
CA ALA A 63 4.19 -8.27 -4.17
C ALA A 63 5.49 -7.55 -3.80
N ARG A 64 6.54 -8.34 -3.53
CA ARG A 64 7.88 -7.85 -3.21
C ARG A 64 8.58 -7.32 -4.49
N GLU A 65 8.48 -8.08 -5.61
CA GLU A 65 9.11 -7.68 -6.91
C GLU A 65 8.40 -6.46 -7.53
N LEU A 66 7.05 -6.41 -7.44
CA LEU A 66 6.29 -5.25 -7.92
C LEU A 66 6.27 -4.12 -6.86
N GLY A 67 6.69 -4.48 -5.63
CA GLY A 67 6.95 -3.51 -4.57
C GLY A 67 8.22 -2.70 -4.82
N ARG A 68 9.31 -3.39 -5.26
CA ARG A 68 10.57 -2.71 -5.67
C ARG A 68 10.39 -2.01 -7.03
N LYS A 69 9.41 -2.47 -7.82
CA LYS A 69 8.99 -1.75 -9.04
C LYS A 69 8.39 -0.38 -8.65
N TRP A 70 7.69 -0.32 -7.48
CA TRP A 70 7.23 0.97 -6.92
C TRP A 70 8.45 1.83 -6.48
N LEU A 71 9.53 1.20 -5.96
CA LEU A 71 10.79 1.94 -5.64
C LEU A 71 11.42 2.57 -6.91
N GLU A 72 11.07 2.02 -8.08
CA GLU A 72 11.38 2.63 -9.38
C GLU A 72 10.40 3.80 -9.68
N GLU A 73 9.11 3.63 -9.34
CA GLU A 73 8.03 4.60 -9.68
C GLU A 73 8.04 5.87 -8.80
N LYS A 74 8.52 5.73 -7.55
CA LYS A 74 8.57 6.88 -6.58
C LYS A 74 9.54 7.99 -7.07
N SER A 75 10.47 7.62 -7.96
CA SER A 75 11.46 8.55 -8.53
C SER A 75 10.82 9.47 -9.60
N LYS A 76 9.58 9.17 -10.00
CA LYS A 76 8.76 10.04 -10.84
C LYS A 76 7.93 10.98 -9.91
N PRO A 77 7.68 12.28 -10.32
CA PRO A 77 6.72 13.18 -9.60
C PRO A 77 5.27 12.62 -9.56
N VAL A 78 4.41 13.25 -8.74
CA VAL A 78 2.99 12.86 -8.60
C VAL A 78 2.23 13.28 -9.87
N THR A 79 2.36 12.46 -10.91
CA THR A 79 1.67 12.64 -12.18
C THR A 79 0.33 11.86 -12.13
N LEU A 80 0.33 10.77 -11.35
CA LEU A 80 -0.88 10.00 -11.05
C LEU A 80 -1.73 10.78 -10.03
N GLU A 81 -2.75 11.48 -10.54
CA GLU A 81 -3.68 12.27 -9.69
C GLU A 81 -4.57 11.30 -8.86
N GLU A 82 -4.75 10.06 -9.36
CA GLU A 82 -5.50 8.99 -8.67
C GLU A 82 -4.82 8.56 -7.34
N LEU A 83 -3.50 8.90 -7.18
CA LEU A 83 -2.72 8.63 -5.94
C LEU A 83 -3.35 9.39 -4.73
N LYS A 84 -4.08 10.48 -5.04
CA LYS A 84 -4.82 11.30 -4.04
C LYS A 84 -5.78 10.41 -3.22
N SER A 85 -5.43 10.18 -1.94
CA SER A 85 -6.15 9.25 -1.05
C SER A 85 -6.32 9.87 0.34
N TYR A 86 -7.58 9.87 0.84
CA TYR A 86 -7.95 10.35 2.18
C TYR A 86 -8.92 9.35 2.82
N GLY A 87 -8.50 8.73 3.93
CA GLY A 87 -9.33 7.77 4.68
C GLY A 87 -10.18 8.45 5.73
N PHE A 88 -11.19 9.21 5.27
CA PHE A 88 -12.17 9.91 6.13
C PHE A 88 -13.42 9.02 6.33
N GLY A 89 -14.46 9.58 6.99
CA GLY A 89 -15.69 8.84 7.26
C GLY A 89 -15.47 7.68 8.21
N GLU A 90 -14.44 7.86 9.08
CA GLU A 90 -13.97 6.88 10.06
C GLU A 90 -15.11 6.44 11.01
N GLU A 91 -15.74 5.32 10.65
CA GLU A 91 -16.92 4.77 11.32
C GLU A 91 -16.94 3.25 11.10
N GLY A 92 -17.31 2.50 12.14
CA GLY A 92 -17.35 1.04 12.08
C GLY A 92 -16.36 0.42 13.06
N GLU A 93 -16.75 -0.73 13.63
CA GLU A 93 -16.04 -1.36 14.74
C GLU A 93 -16.22 -2.88 14.70
N GLY A 94 -15.38 -3.60 15.48
CA GLY A 94 -15.43 -5.06 15.58
C GLY A 94 -15.21 -5.51 17.01
N SER A 95 -16.31 -5.89 17.69
CA SER A 95 -16.31 -6.32 19.09
C SER A 95 -15.48 -7.62 19.29
N GLN A 1 -11.05 19.74 9.69
CA GLN A 1 -11.15 19.69 8.22
C GLN A 1 -10.68 18.31 7.74
N GLY A 2 -11.62 17.38 7.53
CA GLY A 2 -11.29 16.05 7.02
C GLY A 2 -12.41 15.03 7.17
N HIS A 3 -12.36 14.00 6.32
CA HIS A 3 -13.23 12.82 6.36
C HIS A 3 -12.62 11.70 5.49
N MET A 4 -12.45 10.51 6.10
CA MET A 4 -11.98 9.27 5.43
C MET A 4 -10.55 9.42 4.86
N ASP A 5 -9.72 10.29 5.49
CA ASP A 5 -8.30 10.51 5.11
C ASP A 5 -7.42 9.33 5.56
N LEU A 6 -8.02 8.41 6.34
CA LEU A 6 -7.35 7.25 6.92
C LEU A 6 -6.98 6.22 5.83
N ILE A 7 -5.73 6.31 5.36
CA ILE A 7 -5.14 5.35 4.40
C ILE A 7 -3.93 4.67 5.06
N CYS A 8 -3.11 5.47 5.78
CA CYS A 8 -1.93 4.99 6.52
C CYS A 8 -2.38 4.32 7.82
N MET A 9 -2.42 2.98 7.81
CA MET A 9 -2.91 2.14 8.91
C MET A 9 -1.94 0.99 9.17
N TYR A 10 -2.06 0.40 10.37
CA TYR A 10 -1.27 -0.79 10.76
C TYR A 10 -1.90 -2.04 10.13
N VAL A 11 -1.19 -2.64 9.17
CA VAL A 11 -1.68 -3.79 8.39
C VAL A 11 -1.37 -5.11 9.12
N PHE A 12 -2.41 -5.93 9.29
CA PHE A 12 -2.35 -7.27 9.87
C PHE A 12 -2.58 -8.30 8.75
N LYS A 13 -1.63 -9.23 8.55
CA LYS A 13 -1.82 -10.36 7.62
C LYS A 13 -2.63 -11.45 8.34
N GLY A 14 -3.97 -11.35 8.20
CA GLY A 14 -4.89 -12.21 8.94
C GLY A 14 -4.92 -11.87 10.42
N GLU A 15 -4.11 -12.58 11.22
CA GLU A 15 -4.08 -12.44 12.69
C GLU A 15 -2.68 -11.98 13.19
N GLU A 16 -1.67 -11.99 12.29
CA GLU A 16 -0.31 -11.50 12.62
C GLU A 16 -0.21 -10.00 12.29
N SER A 17 0.57 -9.23 13.06
CA SER A 17 0.82 -7.81 12.77
C SER A 17 1.94 -7.72 11.71
N PHE A 18 1.53 -7.44 10.46
CA PHE A 18 2.43 -7.47 9.30
C PHE A 18 3.34 -6.21 9.25
N GLY A 19 2.72 -5.02 9.26
CA GLY A 19 3.46 -3.74 9.17
C GLY A 19 2.53 -2.54 9.16
N GLU A 20 2.83 -1.56 8.29
CA GLU A 20 2.02 -0.33 8.12
C GLU A 20 2.02 0.09 6.64
N SER A 21 0.85 0.49 6.12
CA SER A 21 0.69 1.01 4.77
C SER A 21 1.19 2.47 4.69
N ILE A 22 2.21 2.69 3.86
CA ILE A 22 2.81 4.02 3.65
C ILE A 22 2.13 4.72 2.44
N ASP A 23 1.74 3.92 1.41
CA ASP A 23 1.21 4.45 0.13
C ASP A 23 0.20 3.44 -0.49
N VAL A 24 -0.43 3.85 -1.61
CA VAL A 24 -1.28 2.98 -2.44
C VAL A 24 -1.25 3.50 -3.89
N TYR A 25 -1.18 2.59 -4.88
CA TYR A 25 -1.28 2.92 -6.31
C TYR A 25 -2.10 1.82 -7.03
N GLY A 26 -3.14 2.25 -7.77
CA GLY A 26 -3.98 1.36 -8.56
C GLY A 26 -4.69 0.28 -7.73
N ASP A 27 -4.19 -0.96 -7.85
CA ASP A 27 -4.76 -2.14 -7.17
C ASP A 27 -3.84 -2.66 -6.05
N TYR A 28 -2.84 -1.86 -5.63
CA TYR A 28 -1.79 -2.32 -4.69
C TYR A 28 -1.53 -1.29 -3.57
N LEU A 29 -1.86 -1.68 -2.33
CA LEU A 29 -1.54 -0.93 -1.10
C LEU A 29 -0.08 -1.21 -0.69
N ILE A 30 0.78 -0.18 -0.79
CA ILE A 30 2.21 -0.27 -0.41
C ILE A 30 2.33 -0.34 1.11
N VAL A 31 2.50 -1.57 1.63
CA VAL A 31 2.72 -1.83 3.05
C VAL A 31 4.22 -2.06 3.29
N LYS A 32 4.85 -1.13 4.02
CA LYS A 32 6.28 -1.18 4.30
C LYS A 32 6.46 -1.97 5.61
N VAL A 33 7.26 -3.06 5.57
CA VAL A 33 7.62 -3.84 6.78
C VAL A 33 9.17 -3.98 6.79
N GLY A 34 9.79 -3.72 7.97
CA GLY A 34 11.23 -3.89 8.17
C GLY A 34 12.09 -3.01 7.25
N THR A 35 12.47 -3.57 6.09
CA THR A 35 13.34 -2.91 5.10
C THR A 35 12.69 -2.84 3.69
N GLU A 36 11.60 -3.61 3.48
CA GLU A 36 10.99 -3.79 2.14
C GLU A 36 9.61 -3.12 2.02
N PHE A 37 9.24 -2.82 0.77
CA PHE A 37 7.91 -2.31 0.39
C PHE A 37 7.13 -3.46 -0.26
N LEU A 38 6.12 -3.99 0.46
CA LEU A 38 5.29 -5.11 0.02
C LEU A 38 3.95 -4.54 -0.44
N ALA A 39 3.74 -4.49 -1.75
CA ALA A 39 2.52 -3.96 -2.35
C ALA A 39 1.44 -5.04 -2.36
N VAL A 40 0.60 -5.05 -1.32
CA VAL A 40 -0.48 -6.03 -1.16
C VAL A 40 -1.67 -5.65 -2.07
N PRO A 41 -2.32 -6.62 -2.79
CA PRO A 41 -3.53 -6.33 -3.60
C PRO A 41 -4.70 -5.82 -2.71
N LYS A 42 -5.43 -4.79 -3.20
CA LYS A 42 -6.55 -4.15 -2.45
C LYS A 42 -7.70 -5.15 -2.19
N LYS A 43 -7.84 -6.11 -3.11
CA LYS A 43 -8.85 -7.18 -3.04
C LYS A 43 -8.55 -8.20 -1.92
N SER A 44 -7.29 -8.24 -1.44
CA SER A 44 -6.87 -9.15 -0.35
C SER A 44 -7.43 -8.69 1.01
N ILE A 45 -7.69 -7.37 1.15
CA ILE A 45 -8.16 -6.78 2.43
C ILE A 45 -9.53 -7.37 2.82
N LYS A 46 -9.54 -8.09 3.96
CA LYS A 46 -10.75 -8.68 4.54
C LYS A 46 -11.59 -7.60 5.25
N SER A 47 -10.92 -6.77 6.07
CA SER A 47 -11.59 -5.77 6.92
C SER A 47 -10.75 -4.50 7.01
N VAL A 48 -11.37 -3.35 6.66
CA VAL A 48 -10.82 -2.02 6.96
C VAL A 48 -11.41 -1.55 8.28
N GLU A 49 -10.56 -1.52 9.29
CA GLU A 49 -10.85 -1.00 10.64
C GLU A 49 -10.11 0.34 10.83
N ASP A 50 -10.48 1.09 11.87
CA ASP A 50 -9.85 2.40 12.17
C ASP A 50 -8.40 2.20 12.66
N GLY A 51 -7.44 2.40 11.73
CA GLY A 51 -6.00 2.26 12.04
C GLY A 51 -5.51 0.81 11.96
N ARG A 52 -6.33 -0.06 11.36
CA ARG A 52 -6.08 -1.52 11.28
C ARG A 52 -6.55 -2.02 9.90
N ILE A 53 -5.67 -2.69 9.14
CA ILE A 53 -6.02 -3.29 7.83
C ILE A 53 -5.80 -4.81 7.90
N VAL A 54 -6.89 -5.56 8.06
CA VAL A 54 -6.85 -7.03 8.06
C VAL A 54 -6.92 -7.50 6.61
N ILE A 55 -5.86 -8.19 6.15
CA ILE A 55 -5.80 -8.78 4.79
C ILE A 55 -5.87 -10.31 4.89
N GLY A 56 -6.13 -10.97 3.76
CA GLY A 56 -6.37 -12.41 3.73
C GLY A 56 -5.09 -13.18 3.50
N GLU A 57 -4.77 -13.37 2.22
CA GLU A 57 -3.59 -14.12 1.77
C GLU A 57 -3.01 -13.44 0.53
N PHE A 58 -1.68 -13.46 0.43
CA PHE A 58 -0.92 -12.88 -0.69
C PHE A 58 0.53 -13.39 -0.61
N ASP A 59 1.19 -13.49 -1.76
CA ASP A 59 2.61 -13.83 -1.83
C ASP A 59 3.44 -12.54 -1.71
N GLU A 60 3.94 -12.29 -0.48
CA GLU A 60 4.72 -11.09 -0.14
C GLU A 60 6.02 -10.96 -0.96
N GLU A 61 6.59 -12.11 -1.38
CA GLU A 61 7.80 -12.11 -2.23
C GLU A 61 7.48 -11.53 -3.62
N GLU A 62 6.32 -11.93 -4.17
CA GLU A 62 5.82 -11.38 -5.46
C GLU A 62 5.44 -9.89 -5.28
N ALA A 63 4.87 -9.58 -4.11
CA ALA A 63 4.48 -8.20 -3.72
C ALA A 63 5.73 -7.30 -3.52
N ARG A 64 6.88 -7.94 -3.22
CA ARG A 64 8.17 -7.27 -2.99
C ARG A 64 8.77 -6.80 -4.33
N GLU A 65 8.75 -7.71 -5.34
CA GLU A 65 9.34 -7.41 -6.68
C GLU A 65 8.49 -6.37 -7.44
N LEU A 66 7.15 -6.46 -7.31
CA LEU A 66 6.25 -5.46 -7.92
C LEU A 66 6.14 -4.21 -7.01
N GLY A 67 6.55 -4.37 -5.74
CA GLY A 67 6.65 -3.26 -4.79
C GLY A 67 7.87 -2.36 -5.04
N ARG A 68 8.99 -2.98 -5.45
CA ARG A 68 10.19 -2.23 -5.89
C ARG A 68 9.99 -1.69 -7.32
N LYS A 69 9.07 -2.32 -8.09
CA LYS A 69 8.60 -1.78 -9.37
C LYS A 69 7.86 -0.45 -9.14
N TRP A 70 7.12 -0.37 -8.01
CA TRP A 70 6.53 0.90 -7.54
C TRP A 70 7.64 1.94 -7.28
N LEU A 71 8.68 1.54 -6.49
CA LEU A 71 9.87 2.41 -6.21
C LEU A 71 10.47 2.99 -7.50
N GLU A 72 10.48 2.15 -8.56
CA GLU A 72 10.99 2.51 -9.89
C GLU A 72 10.07 3.51 -10.62
N GLU A 73 8.76 3.19 -10.70
CA GLU A 73 7.78 3.93 -11.53
C GLU A 73 7.36 5.27 -10.87
N LYS A 74 7.50 5.37 -9.53
CA LYS A 74 7.19 6.60 -8.79
C LYS A 74 8.43 7.52 -8.75
N SER A 75 9.64 6.90 -8.91
CA SER A 75 10.91 7.63 -8.99
C SER A 75 11.04 8.28 -10.39
N LYS A 76 10.35 9.42 -10.53
CA LYS A 76 10.31 10.19 -11.76
C LYS A 76 11.58 11.08 -11.89
N PRO A 77 12.08 11.33 -13.15
CA PRO A 77 13.20 12.26 -13.40
C PRO A 77 12.81 13.74 -13.19
N VAL A 78 13.68 14.66 -13.63
CA VAL A 78 13.48 16.12 -13.45
C VAL A 78 12.19 16.61 -14.14
N THR A 79 11.82 15.99 -15.31
CA THR A 79 10.60 16.36 -16.05
C THR A 79 9.34 16.01 -15.22
N LEU A 80 8.94 16.97 -14.37
CA LEU A 80 7.85 16.82 -13.42
C LEU A 80 6.98 18.07 -13.39
N GLU A 81 5.72 17.87 -13.77
CA GLU A 81 4.61 18.79 -13.52
C GLU A 81 4.34 18.90 -12.00
N GLU A 82 4.85 17.89 -11.24
CA GLU A 82 4.87 17.88 -9.78
C GLU A 82 5.82 18.98 -9.25
N LEU A 83 7.04 19.05 -9.81
CA LEU A 83 8.05 20.07 -9.44
C LEU A 83 7.56 21.46 -9.89
N LYS A 84 7.05 21.52 -11.13
CA LYS A 84 6.48 22.74 -11.72
C LYS A 84 5.04 22.94 -11.20
N SER A 85 4.93 23.41 -9.94
CA SER A 85 3.63 23.66 -9.27
C SER A 85 3.71 24.98 -8.50
N TYR A 86 2.57 25.67 -8.42
CA TYR A 86 2.44 26.89 -7.62
C TYR A 86 2.34 26.47 -6.14
N GLY A 87 3.50 26.42 -5.47
CA GLY A 87 3.60 25.94 -4.09
C GLY A 87 3.72 24.42 -4.04
N PHE A 88 3.04 23.80 -3.05
CA PHE A 88 2.96 22.32 -2.86
C PHE A 88 4.28 21.69 -2.38
N GLY A 89 5.30 22.52 -2.11
CA GLY A 89 6.59 22.08 -1.56
C GLY A 89 7.13 23.10 -0.58
N GLU A 90 6.20 23.81 0.08
CA GLU A 90 6.52 24.88 1.05
C GLU A 90 6.92 24.26 2.40
N GLU A 91 8.10 23.64 2.39
CA GLU A 91 8.66 22.86 3.50
C GLU A 91 10.17 22.67 3.32
N GLY A 92 10.82 22.18 4.38
CA GLY A 92 12.26 21.95 4.38
C GLY A 92 12.62 20.69 5.14
N GLU A 93 12.67 19.56 4.42
CA GLU A 93 13.11 18.28 4.99
C GLU A 93 14.64 18.26 5.14
N GLY A 94 15.31 19.00 4.24
CA GLY A 94 16.77 19.03 4.17
C GLY A 94 17.21 19.16 2.71
N SER A 95 16.43 18.51 1.83
CA SER A 95 16.57 18.59 0.38
C SER A 95 15.18 18.92 -0.22
N GLN A 1 -7.73 22.08 2.06
CA GLN A 1 -6.68 21.70 3.02
C GLN A 1 -7.29 20.84 4.13
N GLY A 2 -6.80 19.59 4.25
CA GLY A 2 -7.28 18.65 5.26
C GLY A 2 -6.22 17.61 5.60
N HIS A 3 -6.66 16.39 5.89
CA HIS A 3 -5.76 15.28 6.26
C HIS A 3 -6.48 13.93 6.00
N MET A 4 -6.02 13.23 4.95
CA MET A 4 -6.48 11.87 4.62
C MET A 4 -5.42 10.87 5.14
N ASP A 5 -5.14 10.97 6.46
CA ASP A 5 -4.16 10.13 7.17
C ASP A 5 -4.71 8.71 7.42
N LEU A 6 -5.97 8.48 7.00
CA LEU A 6 -6.65 7.17 7.09
C LEU A 6 -5.92 6.12 6.22
N ILE A 7 -5.18 6.59 5.19
CA ILE A 7 -4.33 5.75 4.34
C ILE A 7 -3.14 5.19 5.15
N CYS A 8 -2.63 5.98 6.12
CA CYS A 8 -1.48 5.61 6.96
C CYS A 8 -1.95 4.83 8.20
N MET A 9 -2.65 3.71 7.94
CA MET A 9 -3.20 2.81 8.97
C MET A 9 -2.25 1.60 9.11
N TYR A 10 -2.14 1.04 10.32
CA TYR A 10 -1.26 -0.11 10.60
C TYR A 10 -1.83 -1.37 9.92
N VAL A 11 -1.00 -2.08 9.15
CA VAL A 11 -1.44 -3.28 8.39
C VAL A 11 -1.02 -4.55 9.14
N PHE A 12 -1.92 -5.53 9.14
CA PHE A 12 -1.79 -6.80 9.86
C PHE A 12 -2.11 -7.95 8.89
N LYS A 13 -1.19 -8.94 8.79
CA LYS A 13 -1.41 -10.15 8.00
C LYS A 13 -2.35 -11.08 8.80
N GLY A 14 -3.64 -11.01 8.49
CA GLY A 14 -4.68 -11.62 9.30
C GLY A 14 -4.78 -10.90 10.65
N GLU A 15 -4.08 -11.42 11.67
CA GLU A 15 -4.05 -10.85 13.03
C GLU A 15 -2.62 -10.41 13.44
N GLU A 16 -1.58 -11.00 12.81
CA GLU A 16 -0.16 -10.68 13.15
C GLU A 16 0.25 -9.37 12.46
N SER A 17 1.10 -8.57 13.12
CA SER A 17 1.49 -7.24 12.60
C SER A 17 2.43 -7.38 11.38
N PHE A 18 1.91 -7.01 10.20
CA PHE A 18 2.64 -7.10 8.93
C PHE A 18 3.53 -5.86 8.75
N GLY A 19 2.90 -4.68 8.82
CA GLY A 19 3.60 -3.39 8.70
C GLY A 19 2.65 -2.22 8.92
N GLU A 20 2.72 -1.25 8.01
CA GLU A 20 1.92 -0.02 8.00
C GLU A 20 1.70 0.40 6.54
N SER A 21 0.49 0.81 6.18
CA SER A 21 0.19 1.33 4.85
C SER A 21 0.77 2.76 4.73
N ILE A 22 1.43 3.03 3.60
CA ILE A 22 2.12 4.32 3.34
C ILE A 22 1.54 4.96 2.07
N ASP A 23 1.17 4.12 1.08
CA ASP A 23 0.74 4.58 -0.25
C ASP A 23 -0.25 3.55 -0.87
N VAL A 24 -0.95 3.97 -1.93
CA VAL A 24 -1.76 3.08 -2.79
C VAL A 24 -1.73 3.63 -4.23
N TYR A 25 -1.48 2.75 -5.22
CA TYR A 25 -1.47 3.12 -6.65
C TYR A 25 -2.12 1.99 -7.46
N GLY A 26 -2.94 2.35 -8.46
CA GLY A 26 -3.61 1.36 -9.30
C GLY A 26 -4.57 0.47 -8.51
N ASP A 27 -4.15 -0.79 -8.28
CA ASP A 27 -4.91 -1.79 -7.50
C ASP A 27 -4.12 -2.28 -6.27
N TYR A 28 -2.94 -1.68 -6.01
CA TYR A 28 -1.97 -2.20 -5.00
C TYR A 28 -1.78 -1.21 -3.85
N LEU A 29 -2.11 -1.67 -2.63
CA LEU A 29 -1.83 -0.95 -1.38
C LEU A 29 -0.36 -1.18 -1.00
N ILE A 30 0.45 -0.13 -1.13
CA ILE A 30 1.86 -0.17 -0.74
C ILE A 30 1.97 -0.15 0.80
N VAL A 31 2.27 -1.32 1.36
CA VAL A 31 2.46 -1.51 2.79
C VAL A 31 3.96 -1.52 3.13
N LYS A 32 4.40 -0.49 3.84
CA LYS A 32 5.75 -0.39 4.39
C LYS A 32 5.86 -1.32 5.63
N VAL A 33 6.57 -2.43 5.46
CA VAL A 33 7.00 -3.27 6.58
C VAL A 33 8.40 -2.79 7.02
N GLY A 34 8.77 -3.06 8.28
CA GLY A 34 10.00 -2.53 8.90
C GLY A 34 11.28 -2.61 8.04
N THR A 35 11.34 -3.61 7.14
CA THR A 35 12.47 -3.82 6.23
C THR A 35 12.22 -3.18 4.82
N GLU A 36 11.03 -3.44 4.24
CA GLU A 36 10.76 -3.19 2.80
C GLU A 36 9.31 -2.66 2.56
N PHE A 37 8.94 -2.52 1.26
CA PHE A 37 7.58 -2.13 0.84
C PHE A 37 6.95 -3.30 0.05
N LEU A 38 5.95 -3.96 0.65
CA LEU A 38 5.18 -5.05 0.03
C LEU A 38 3.88 -4.47 -0.53
N ALA A 39 3.73 -4.51 -1.86
CA ALA A 39 2.54 -4.02 -2.55
C ALA A 39 1.44 -5.09 -2.50
N VAL A 40 0.59 -4.97 -1.47
CA VAL A 40 -0.53 -5.89 -1.22
C VAL A 40 -1.77 -5.44 -2.02
N PRO A 41 -2.29 -6.27 -2.98
CA PRO A 41 -3.49 -5.88 -3.79
C PRO A 41 -4.74 -5.67 -2.89
N LYS A 42 -5.65 -4.75 -3.30
CA LYS A 42 -6.83 -4.36 -2.50
C LYS A 42 -7.84 -5.52 -2.34
N LYS A 43 -7.80 -6.45 -3.30
CA LYS A 43 -8.60 -7.69 -3.26
C LYS A 43 -8.13 -8.63 -2.11
N SER A 44 -6.87 -8.46 -1.67
CA SER A 44 -6.31 -9.21 -0.53
C SER A 44 -6.72 -8.55 0.80
N ILE A 45 -6.92 -7.20 0.81
CA ILE A 45 -7.44 -6.51 2.01
C ILE A 45 -8.86 -7.05 2.30
N LYS A 46 -8.99 -7.74 3.45
CA LYS A 46 -10.22 -8.41 3.87
C LYS A 46 -11.14 -7.43 4.61
N SER A 47 -10.57 -6.75 5.62
CA SER A 47 -11.31 -5.86 6.51
C SER A 47 -10.48 -4.64 6.91
N VAL A 48 -11.18 -3.55 7.25
CA VAL A 48 -10.58 -2.30 7.78
C VAL A 48 -11.11 -2.07 9.22
N GLU A 49 -10.22 -2.24 10.19
CA GLU A 49 -10.52 -2.05 11.62
C GLU A 49 -9.94 -0.70 12.09
N ASP A 50 -10.31 -0.29 13.31
CA ASP A 50 -9.82 0.96 13.92
C ASP A 50 -8.34 0.80 14.32
N GLY A 51 -7.44 1.21 13.40
CA GLY A 51 -5.99 1.12 13.63
C GLY A 51 -5.37 -0.16 13.09
N ARG A 52 -6.19 -1.01 12.42
CA ARG A 52 -5.74 -2.29 11.84
C ARG A 52 -6.28 -2.44 10.41
N ILE A 53 -5.45 -2.99 9.51
CA ILE A 53 -5.89 -3.42 8.15
C ILE A 53 -5.66 -4.93 8.04
N VAL A 54 -6.73 -5.72 8.14
CA VAL A 54 -6.66 -7.17 8.00
C VAL A 54 -6.52 -7.52 6.52
N ILE A 55 -5.36 -8.08 6.13
CA ILE A 55 -5.09 -8.56 4.76
C ILE A 55 -5.06 -10.09 4.76
N GLY A 56 -5.31 -10.67 3.57
CA GLY A 56 -5.55 -12.11 3.43
C GLY A 56 -4.50 -12.79 2.58
N GLU A 57 -4.93 -13.73 1.72
CA GLU A 57 -4.03 -14.53 0.87
C GLU A 57 -3.58 -13.72 -0.37
N PHE A 58 -2.25 -13.60 -0.49
CA PHE A 58 -1.57 -12.96 -1.62
C PHE A 58 -0.13 -13.49 -1.67
N ASP A 59 0.45 -13.59 -2.88
CA ASP A 59 1.86 -13.96 -3.04
C ASP A 59 2.74 -12.79 -2.59
N GLU A 60 3.29 -12.90 -1.37
CA GLU A 60 4.12 -11.86 -0.75
C GLU A 60 5.50 -11.71 -1.42
N GLU A 61 6.01 -12.81 -1.99
CA GLU A 61 7.29 -12.80 -2.73
C GLU A 61 7.11 -12.08 -4.09
N GLU A 62 5.95 -12.32 -4.71
CA GLU A 62 5.56 -11.65 -5.96
C GLU A 62 5.13 -10.19 -5.69
N ALA A 63 4.57 -9.94 -4.50
CA ALA A 63 4.24 -8.57 -4.03
C ALA A 63 5.53 -7.78 -3.74
N ARG A 64 6.63 -8.53 -3.44
CA ARG A 64 7.95 -7.97 -3.18
C ARG A 64 8.59 -7.50 -4.51
N GLU A 65 8.44 -8.30 -5.60
CA GLU A 65 9.07 -7.96 -6.90
C GLU A 65 8.37 -6.75 -7.56
N LEU A 66 7.04 -6.71 -7.53
CA LEU A 66 6.28 -5.56 -8.06
C LEU A 66 6.24 -4.41 -7.04
N GLY A 67 6.60 -4.73 -5.78
CA GLY A 67 6.79 -3.74 -4.72
C GLY A 67 8.10 -2.97 -4.88
N ARG A 68 9.21 -3.68 -5.18
CA ARG A 68 10.53 -3.05 -5.40
C ARG A 68 10.53 -2.32 -6.76
N LYS A 69 9.69 -2.82 -7.69
CA LYS A 69 9.40 -2.14 -8.98
C LYS A 69 8.76 -0.77 -8.70
N TRP A 70 7.87 -0.74 -7.69
CA TRP A 70 7.23 0.49 -7.23
C TRP A 70 8.30 1.50 -6.76
N LEU A 71 9.30 1.03 -5.97
CA LEU A 71 10.43 1.90 -5.52
C LEU A 71 11.22 2.49 -6.70
N GLU A 72 11.29 1.73 -7.81
CA GLU A 72 11.97 2.18 -9.03
C GLU A 72 11.14 3.27 -9.74
N GLU A 73 9.82 3.01 -9.89
CA GLU A 73 8.91 3.88 -10.68
C GLU A 73 8.51 5.16 -9.92
N LYS A 74 8.42 5.11 -8.57
CA LYS A 74 7.77 6.18 -7.74
C LYS A 74 8.52 7.54 -7.77
N SER A 75 9.64 7.60 -8.49
CA SER A 75 10.39 8.84 -8.71
C SER A 75 9.65 9.80 -9.69
N LYS A 76 8.49 9.35 -10.24
CA LYS A 76 7.56 10.24 -10.99
C LYS A 76 7.00 11.32 -10.03
N PRO A 77 6.70 12.57 -10.50
CA PRO A 77 6.15 13.62 -9.63
C PRO A 77 4.74 13.24 -9.09
N VAL A 78 4.50 13.56 -7.80
CA VAL A 78 3.17 13.41 -7.17
C VAL A 78 2.17 14.42 -7.77
N THR A 79 2.74 15.50 -8.38
CA THR A 79 2.04 16.61 -9.05
C THR A 79 1.19 17.45 -8.07
N LEU A 80 0.64 18.58 -8.56
CA LEU A 80 -0.06 19.55 -7.71
C LEU A 80 -1.02 20.42 -8.54
N GLU A 81 -1.72 21.36 -7.85
CA GLU A 81 -2.72 22.25 -8.49
C GLU A 81 -2.07 23.30 -9.43
N GLU A 82 -0.78 23.60 -9.20
CA GLU A 82 -0.01 24.61 -9.97
C GLU A 82 0.02 24.30 -11.49
N LEU A 83 0.15 23.01 -11.85
CA LEU A 83 0.31 22.58 -13.27
C LEU A 83 -1.04 22.39 -13.98
N LYS A 84 -2.15 22.66 -13.27
CA LYS A 84 -3.51 22.50 -13.81
C LYS A 84 -4.34 23.79 -13.56
N SER A 85 -5.66 23.73 -13.81
CA SER A 85 -6.59 24.81 -13.48
C SER A 85 -6.74 24.91 -11.94
N TYR A 86 -6.58 26.13 -11.39
CA TYR A 86 -6.63 26.35 -9.93
C TYR A 86 -8.09 26.27 -9.44
N GLY A 87 -8.50 25.06 -9.04
CA GLY A 87 -9.84 24.82 -8.54
C GLY A 87 -10.09 23.35 -8.29
N PHE A 88 -10.79 23.05 -7.19
CA PHE A 88 -11.14 21.67 -6.81
C PHE A 88 -12.32 21.73 -5.82
N GLY A 89 -12.24 22.68 -4.88
CA GLY A 89 -13.21 22.82 -3.81
C GLY A 89 -13.04 21.71 -2.78
N GLU A 90 -11.88 21.73 -2.09
CA GLU A 90 -11.48 20.68 -1.13
C GLU A 90 -12.50 20.55 0.02
N GLU A 91 -13.20 19.41 0.06
CA GLU A 91 -14.17 19.08 1.11
C GLU A 91 -13.62 17.97 2.01
N GLY A 92 -12.95 18.39 3.11
CA GLY A 92 -12.48 17.48 4.14
C GLY A 92 -13.60 17.17 5.12
N GLU A 93 -14.37 16.09 4.82
CA GLU A 93 -15.52 15.67 5.67
C GLU A 93 -15.05 15.27 7.07
N GLY A 94 -15.55 15.98 8.08
CA GLY A 94 -15.09 15.84 9.47
C GLY A 94 -14.36 17.11 9.91
N SER A 95 -13.22 16.93 10.60
CA SER A 95 -12.37 18.03 11.06
C SER A 95 -10.89 17.59 10.97
N GLN A 1 9.58 7.07 21.01
CA GLN A 1 9.76 8.32 20.23
C GLN A 1 8.39 8.80 19.70
N GLY A 2 8.28 10.10 19.39
CA GLY A 2 7.06 10.66 18.79
C GLY A 2 6.75 10.02 17.44
N HIS A 3 5.83 9.04 17.45
CA HIS A 3 5.44 8.28 16.25
C HIS A 3 4.78 9.22 15.21
N MET A 4 5.57 9.61 14.20
CA MET A 4 5.10 10.42 13.09
C MET A 4 4.46 9.50 12.04
N ASP A 5 3.12 9.53 11.96
CA ASP A 5 2.36 8.74 10.97
C ASP A 5 2.57 9.32 9.55
N LEU A 6 3.68 8.89 8.93
CA LEU A 6 3.94 9.12 7.49
C LEU A 6 3.09 8.11 6.68
N ILE A 7 2.67 7.06 7.39
CA ILE A 7 1.75 6.02 6.92
C ILE A 7 0.30 6.52 7.00
N CYS A 8 -0.59 5.91 6.21
CA CYS A 8 -2.03 6.18 6.25
C CYS A 8 -2.67 5.43 7.42
N MET A 9 -2.18 4.20 7.68
CA MET A 9 -2.74 3.29 8.70
C MET A 9 -1.75 2.12 8.96
N TYR A 10 -1.97 1.38 10.06
CA TYR A 10 -1.25 0.11 10.34
C TYR A 10 -1.91 -1.05 9.59
N VAL A 11 -1.15 -2.12 9.31
CA VAL A 11 -1.65 -3.33 8.64
C VAL A 11 -1.43 -4.55 9.53
N PHE A 12 -2.49 -5.33 9.70
CA PHE A 12 -2.50 -6.58 10.46
C PHE A 12 -2.92 -7.73 9.52
N LYS A 13 -2.05 -8.74 9.36
CA LYS A 13 -2.35 -9.93 8.55
C LYS A 13 -3.26 -10.87 9.37
N GLY A 14 -4.57 -10.60 9.27
CA GLY A 14 -5.58 -11.31 10.04
C GLY A 14 -5.54 -10.93 11.51
N GLU A 15 -4.85 -11.76 12.31
CA GLU A 15 -4.77 -11.61 13.77
C GLU A 15 -3.39 -11.07 14.21
N GLU A 16 -2.38 -11.20 13.33
CA GLU A 16 -0.99 -10.74 13.63
C GLU A 16 -0.74 -9.36 13.02
N SER A 17 0.23 -8.61 13.57
CA SER A 17 0.67 -7.32 13.00
C SER A 17 1.66 -7.60 11.86
N PHE A 18 1.31 -7.15 10.65
CA PHE A 18 2.07 -7.44 9.42
C PHE A 18 3.08 -6.31 9.13
N GLY A 19 2.55 -5.09 9.04
CA GLY A 19 3.35 -3.91 8.69
C GLY A 19 2.53 -2.65 8.84
N GLU A 20 2.86 -1.62 8.05
CA GLU A 20 2.15 -0.33 8.05
C GLU A 20 1.89 0.12 6.60
N SER A 21 0.62 0.36 6.23
CA SER A 21 0.25 0.87 4.90
C SER A 21 0.69 2.34 4.79
N ILE A 22 1.73 2.59 3.99
CA ILE A 22 2.32 3.92 3.80
C ILE A 22 1.68 4.61 2.58
N ASP A 23 1.43 3.82 1.50
CA ASP A 23 0.91 4.33 0.22
C ASP A 23 -0.08 3.31 -0.39
N VAL A 24 -0.85 3.74 -1.39
CA VAL A 24 -1.74 2.87 -2.17
C VAL A 24 -1.91 3.46 -3.59
N TYR A 25 -1.72 2.62 -4.63
CA TYR A 25 -1.87 3.03 -6.04
C TYR A 25 -2.51 1.87 -6.83
N GLY A 26 -3.52 2.21 -7.66
CA GLY A 26 -4.20 1.23 -8.51
C GLY A 26 -4.90 0.13 -7.71
N ASP A 27 -4.32 -1.09 -7.74
CA ASP A 27 -4.82 -2.27 -7.00
C ASP A 27 -3.79 -2.80 -6.00
N TYR A 28 -2.80 -1.96 -5.65
CA TYR A 28 -1.68 -2.35 -4.76
C TYR A 28 -1.55 -1.40 -3.58
N LEU A 29 -1.82 -1.91 -2.37
CA LEU A 29 -1.57 -1.22 -1.11
C LEU A 29 -0.10 -1.42 -0.71
N ILE A 30 0.69 -0.34 -0.81
CA ILE A 30 2.11 -0.35 -0.42
C ILE A 30 2.22 -0.42 1.12
N VAL A 31 2.61 -1.61 1.63
CA VAL A 31 2.77 -1.85 3.06
C VAL A 31 4.26 -2.01 3.39
N LYS A 32 4.75 -1.12 4.27
CA LYS A 32 6.10 -1.17 4.82
C LYS A 32 6.18 -2.31 5.85
N VAL A 33 6.89 -3.39 5.49
CA VAL A 33 7.09 -4.57 6.33
C VAL A 33 8.57 -4.75 6.68
N GLY A 34 8.91 -4.39 7.93
CA GLY A 34 10.24 -4.58 8.51
C GLY A 34 11.34 -3.80 7.79
N THR A 35 11.92 -4.45 6.76
CA THR A 35 13.06 -3.93 6.01
C THR A 35 12.63 -2.99 4.86
N GLU A 36 11.55 -3.38 4.15
CA GLU A 36 11.20 -2.76 2.84
C GLU A 36 9.68 -2.77 2.58
N PHE A 37 9.29 -2.31 1.37
CA PHE A 37 7.90 -2.08 0.97
C PHE A 37 7.41 -3.20 0.04
N LEU A 38 6.47 -4.04 0.51
CA LEU A 38 5.79 -5.05 -0.31
C LEU A 38 4.36 -4.56 -0.61
N ALA A 39 4.02 -4.56 -1.92
CA ALA A 39 2.74 -4.04 -2.40
C ALA A 39 1.64 -5.11 -2.35
N VAL A 40 0.90 -5.10 -1.23
CA VAL A 40 -0.19 -6.05 -0.96
C VAL A 40 -1.41 -5.75 -1.87
N PRO A 41 -1.80 -6.68 -2.81
CA PRO A 41 -2.98 -6.48 -3.70
C PRO A 41 -4.30 -6.38 -2.90
N LYS A 42 -5.28 -5.62 -3.44
CA LYS A 42 -6.55 -5.29 -2.73
C LYS A 42 -7.45 -6.54 -2.52
N LYS A 43 -7.17 -7.62 -3.28
CA LYS A 43 -7.85 -8.92 -3.08
C LYS A 43 -7.47 -9.53 -1.71
N SER A 44 -6.25 -9.22 -1.24
CA SER A 44 -5.75 -9.66 0.07
C SER A 44 -6.36 -8.83 1.20
N ILE A 45 -6.65 -7.52 0.93
CA ILE A 45 -7.32 -6.64 1.91
C ILE A 45 -8.73 -7.21 2.18
N LYS A 46 -8.94 -7.65 3.42
CA LYS A 46 -10.15 -8.36 3.87
C LYS A 46 -11.15 -7.38 4.50
N SER A 47 -10.68 -6.62 5.50
CA SER A 47 -11.53 -5.73 6.30
C SER A 47 -10.72 -4.52 6.78
N VAL A 48 -11.29 -3.32 6.66
CA VAL A 48 -10.67 -2.06 7.13
C VAL A 48 -11.24 -1.67 8.51
N GLU A 49 -10.40 -1.75 9.54
CA GLU A 49 -10.73 -1.42 10.93
C GLU A 49 -10.16 -0.05 11.33
N ASP A 50 -10.54 0.41 12.54
CA ASP A 50 -10.05 1.68 13.10
C ASP A 50 -8.57 1.57 13.47
N GLY A 51 -7.69 2.13 12.59
CA GLY A 51 -6.25 2.10 12.78
C GLY A 51 -5.61 0.78 12.39
N ARG A 52 -6.36 -0.09 11.69
CA ARG A 52 -5.90 -1.44 11.27
C ARG A 52 -6.42 -1.76 9.86
N ILE A 53 -5.56 -2.32 9.00
CA ILE A 53 -5.97 -2.92 7.72
C ILE A 53 -5.79 -4.44 7.86
N VAL A 54 -6.90 -5.17 8.06
CA VAL A 54 -6.87 -6.62 8.16
C VAL A 54 -6.76 -7.20 6.74
N ILE A 55 -5.62 -7.82 6.44
CA ILE A 55 -5.38 -8.52 5.18
C ILE A 55 -5.26 -10.02 5.42
N GLY A 56 -5.08 -10.78 4.33
CA GLY A 56 -4.79 -12.21 4.39
C GLY A 56 -3.47 -12.52 3.71
N GLU A 57 -3.39 -13.70 3.08
CA GLU A 57 -2.25 -14.08 2.25
C GLU A 57 -2.39 -13.46 0.84
N PHE A 58 -1.29 -13.48 0.08
CA PHE A 58 -1.21 -12.87 -1.25
C PHE A 58 0.06 -13.37 -1.94
N ASP A 59 0.22 -13.00 -3.22
CA ASP A 59 1.43 -13.29 -3.98
C ASP A 59 2.56 -12.36 -3.48
N GLU A 60 3.24 -12.83 -2.42
CA GLU A 60 4.24 -12.04 -1.65
C GLU A 60 5.53 -11.80 -2.45
N GLU A 61 5.94 -12.80 -3.24
CA GLU A 61 7.14 -12.70 -4.10
C GLU A 61 6.86 -11.76 -5.28
N GLU A 62 5.60 -11.75 -5.74
CA GLU A 62 5.14 -10.84 -6.80
C GLU A 62 5.04 -9.40 -6.25
N ALA A 63 4.55 -9.27 -5.01
CA ALA A 63 4.42 -7.98 -4.30
C ALA A 63 5.80 -7.35 -4.05
N ARG A 64 6.82 -8.21 -3.93
CA ARG A 64 8.22 -7.82 -3.68
C ARG A 64 8.85 -7.23 -4.95
N GLU A 65 8.70 -7.96 -6.10
CA GLU A 65 9.27 -7.52 -7.41
C GLU A 65 8.54 -6.26 -7.95
N LEU A 66 7.20 -6.21 -7.80
CA LEU A 66 6.41 -5.06 -8.27
C LEU A 66 6.44 -3.91 -7.22
N GLY A 67 6.83 -4.27 -5.98
CA GLY A 67 7.02 -3.28 -4.91
C GLY A 67 8.27 -2.43 -5.12
N ARG A 68 9.38 -3.10 -5.50
CA ARG A 68 10.63 -2.40 -5.89
C ARG A 68 10.43 -1.70 -7.24
N LYS A 69 9.58 -2.28 -8.11
CA LYS A 69 9.19 -1.67 -9.39
C LYS A 69 8.50 -0.33 -9.13
N TRP A 70 7.60 -0.31 -8.12
CA TRP A 70 6.89 0.91 -7.68
C TRP A 70 7.90 1.99 -7.26
N LEU A 71 8.91 1.58 -6.47
CA LEU A 71 10.01 2.47 -6.04
C LEU A 71 10.76 3.09 -7.24
N GLU A 72 10.76 2.37 -8.38
CA GLU A 72 11.29 2.88 -9.65
C GLU A 72 10.23 3.74 -10.40
N GLU A 73 8.93 3.36 -10.30
CA GLU A 73 7.79 4.06 -10.98
C GLU A 73 7.60 5.48 -10.43
N LYS A 74 8.08 5.68 -9.20
CA LYS A 74 8.15 7.00 -8.55
C LYS A 74 9.11 7.93 -9.31
N SER A 75 10.23 7.36 -9.79
CA SER A 75 11.26 8.09 -10.54
C SER A 75 10.91 8.15 -12.05
N LYS A 76 10.19 7.13 -12.53
CA LYS A 76 9.78 7.01 -13.96
C LYS A 76 8.47 7.79 -14.22
N PRO A 77 8.21 8.25 -15.49
CA PRO A 77 6.87 8.68 -15.91
C PRO A 77 5.92 7.46 -15.97
N VAL A 78 4.69 7.62 -15.45
CA VAL A 78 3.68 6.54 -15.43
C VAL A 78 3.27 6.17 -16.88
N THR A 79 3.96 5.16 -17.42
CA THR A 79 3.74 4.65 -18.78
C THR A 79 2.52 3.70 -18.80
N LEU A 80 1.32 4.32 -18.77
CA LEU A 80 0.05 3.60 -18.74
C LEU A 80 -1.04 4.46 -19.40
N GLU A 81 -1.89 3.82 -20.23
CA GLU A 81 -3.04 4.46 -20.90
C GLU A 81 -4.35 3.71 -20.60
N GLU A 82 -4.27 2.63 -19.79
CA GLU A 82 -5.45 1.81 -19.42
C GLU A 82 -6.46 2.61 -18.56
N LEU A 83 -5.94 3.57 -17.77
CA LEU A 83 -6.80 4.51 -17.00
C LEU A 83 -7.57 5.45 -17.95
N LYS A 84 -6.94 5.74 -19.13
CA LYS A 84 -7.55 6.49 -20.25
C LYS A 84 -8.02 7.90 -19.82
N SER A 85 -7.31 8.44 -18.83
CA SER A 85 -7.70 9.65 -18.11
C SER A 85 -7.15 10.90 -18.83
N TYR A 86 -8.01 11.56 -19.63
CA TYR A 86 -7.67 12.82 -20.31
C TYR A 86 -8.20 14.02 -19.48
N GLY A 87 -9.53 14.07 -19.29
CA GLY A 87 -10.16 15.17 -18.56
C GLY A 87 -11.13 14.69 -17.49
N PHE A 88 -12.17 13.90 -17.92
CA PHE A 88 -13.30 13.48 -17.05
C PHE A 88 -14.09 14.69 -16.50
N GLY A 89 -13.91 15.85 -17.17
CA GLY A 89 -14.60 17.10 -16.83
C GLY A 89 -14.99 17.80 -18.12
N GLU A 90 -15.40 16.99 -19.09
CA GLU A 90 -15.62 17.40 -20.47
C GLU A 90 -17.02 16.93 -20.94
N GLU A 91 -17.94 17.89 -21.05
CA GLU A 91 -19.33 17.63 -21.46
C GLU A 91 -19.43 17.70 -22.99
N GLY A 92 -19.23 16.54 -23.63
CA GLY A 92 -19.29 16.41 -25.08
C GLY A 92 -19.41 14.94 -25.47
N GLU A 93 -20.65 14.43 -25.38
CA GLU A 93 -20.97 13.02 -25.67
C GLU A 93 -20.67 12.70 -27.15
N GLY A 94 -21.36 13.43 -28.04
CA GLY A 94 -21.19 13.30 -29.48
C GLY A 94 -20.07 14.21 -29.98
N SER A 95 -18.82 13.83 -29.69
CA SER A 95 -17.62 14.56 -30.11
C SER A 95 -16.62 13.56 -30.75
N GLN A 1 -17.82 5.53 7.75
CA GLN A 1 -16.60 4.72 7.93
C GLN A 1 -15.40 5.37 7.22
N GLY A 2 -14.19 4.97 7.63
CA GLY A 2 -12.94 5.45 7.00
C GLY A 2 -12.40 6.72 7.64
N HIS A 3 -11.35 7.28 7.03
CA HIS A 3 -10.62 8.46 7.55
C HIS A 3 -10.23 9.37 6.37
N MET A 4 -9.34 10.35 6.66
CA MET A 4 -8.71 11.19 5.63
C MET A 4 -7.62 10.39 4.85
N ASP A 5 -6.96 11.06 3.89
CA ASP A 5 -6.04 10.41 2.94
C ASP A 5 -4.58 10.34 3.45
N LEU A 6 -4.24 11.18 4.45
CA LEU A 6 -2.85 11.32 4.94
C LEU A 6 -2.51 10.29 6.03
N ILE A 7 -3.54 9.72 6.68
CA ILE A 7 -3.39 8.78 7.80
C ILE A 7 -2.77 7.45 7.32
N CYS A 8 -1.83 6.92 8.11
CA CYS A 8 -1.08 5.69 7.80
C CYS A 8 -1.44 4.59 8.83
N MET A 9 -2.59 3.92 8.59
CA MET A 9 -3.11 2.84 9.46
C MET A 9 -2.23 1.59 9.32
N TYR A 10 -2.21 0.74 10.37
CA TYR A 10 -1.31 -0.43 10.43
C TYR A 10 -1.97 -1.67 9.84
N VAL A 11 -1.20 -2.42 9.03
CA VAL A 11 -1.67 -3.61 8.34
C VAL A 11 -1.41 -4.86 9.19
N PHE A 12 -2.44 -5.69 9.36
CA PHE A 12 -2.40 -6.93 10.14
C PHE A 12 -2.69 -8.13 9.22
N LYS A 13 -1.79 -9.12 9.25
CA LYS A 13 -1.99 -10.40 8.58
C LYS A 13 -2.94 -11.24 9.45
N GLY A 14 -4.25 -11.12 9.18
CA GLY A 14 -5.28 -11.71 10.03
C GLY A 14 -5.39 -10.93 11.34
N GLU A 15 -4.70 -11.40 12.39
CA GLU A 15 -4.65 -10.72 13.71
C GLU A 15 -3.21 -10.32 14.07
N GLU A 16 -2.20 -10.97 13.44
CA GLU A 16 -0.78 -10.68 13.73
C GLU A 16 -0.36 -9.41 12.95
N SER A 17 0.51 -8.58 13.55
CA SER A 17 0.96 -7.32 12.94
C SER A 17 1.88 -7.61 11.74
N PHE A 18 1.39 -7.30 10.52
CA PHE A 18 2.13 -7.54 9.27
C PHE A 18 3.13 -6.40 9.00
N GLY A 19 2.63 -5.15 9.07
CA GLY A 19 3.43 -3.97 8.78
C GLY A 19 2.63 -2.69 8.93
N GLU A 20 2.90 -1.71 8.06
CA GLU A 20 2.27 -0.38 8.09
C GLU A 20 1.89 0.05 6.66
N SER A 21 0.66 0.55 6.49
CA SER A 21 0.22 1.16 5.23
C SER A 21 0.86 2.54 5.10
N ILE A 22 1.85 2.65 4.20
CA ILE A 22 2.61 3.90 3.99
C ILE A 22 2.02 4.65 2.78
N ASP A 23 1.68 3.89 1.72
CA ASP A 23 1.27 4.45 0.42
C ASP A 23 0.26 3.50 -0.26
N VAL A 24 -0.32 3.96 -1.38
CA VAL A 24 -1.18 3.15 -2.27
C VAL A 24 -1.07 3.71 -3.70
N TYR A 25 -1.13 2.81 -4.71
CA TYR A 25 -1.24 3.20 -6.12
C TYR A 25 -2.15 2.19 -6.84
N GLY A 26 -3.17 2.72 -7.54
CA GLY A 26 -4.16 1.88 -8.24
C GLY A 26 -4.93 0.96 -7.30
N ASP A 27 -4.60 -0.35 -7.36
CA ASP A 27 -5.21 -1.40 -6.53
C ASP A 27 -4.23 -1.89 -5.44
N TYR A 28 -2.93 -1.57 -5.60
CA TYR A 28 -1.87 -2.12 -4.74
C TYR A 28 -1.50 -1.15 -3.62
N LEU A 29 -1.93 -1.53 -2.41
CA LEU A 29 -1.62 -0.84 -1.17
C LEU A 29 -0.16 -1.17 -0.76
N ILE A 30 0.70 -0.15 -0.80
CA ILE A 30 2.11 -0.26 -0.44
C ILE A 30 2.27 -0.36 1.09
N VAL A 31 2.60 -1.57 1.57
CA VAL A 31 2.83 -1.86 2.98
C VAL A 31 4.33 -1.98 3.24
N LYS A 32 4.86 -1.02 4.02
CA LYS A 32 6.26 -1.01 4.45
C LYS A 32 6.45 -2.07 5.55
N VAL A 33 7.25 -3.11 5.25
CA VAL A 33 7.59 -4.18 6.20
C VAL A 33 9.13 -4.33 6.26
N GLY A 34 9.68 -4.33 7.49
CA GLY A 34 11.13 -4.46 7.71
C GLY A 34 11.93 -3.32 7.10
N THR A 35 12.52 -3.57 5.92
CA THR A 35 13.34 -2.58 5.17
C THR A 35 12.84 -2.41 3.71
N GLU A 36 11.72 -3.06 3.36
CA GLU A 36 11.20 -3.07 1.96
C GLU A 36 9.69 -2.80 1.88
N PHE A 37 9.19 -2.59 0.66
CA PHE A 37 7.79 -2.27 0.36
C PHE A 37 7.15 -3.44 -0.40
N LEU A 38 6.04 -3.98 0.13
CA LEU A 38 5.24 -5.04 -0.51
C LEU A 38 3.92 -4.43 -1.01
N ALA A 39 3.74 -4.45 -2.35
CA ALA A 39 2.52 -3.96 -3.01
C ALA A 39 1.42 -5.02 -2.91
N VAL A 40 0.57 -4.91 -1.88
CA VAL A 40 -0.50 -5.89 -1.61
C VAL A 40 -1.78 -5.47 -2.37
N PRO A 41 -2.50 -6.41 -3.07
CA PRO A 41 -3.76 -6.08 -3.80
C PRO A 41 -4.92 -5.85 -2.83
N LYS A 42 -5.93 -5.04 -3.22
CA LYS A 42 -7.09 -4.75 -2.35
C LYS A 42 -7.95 -6.00 -2.09
N LYS A 43 -7.89 -6.98 -3.01
CA LYS A 43 -8.55 -8.29 -2.83
C LYS A 43 -7.91 -9.09 -1.65
N SER A 44 -6.62 -8.80 -1.36
CA SER A 44 -5.94 -9.37 -0.18
C SER A 44 -6.53 -8.76 1.10
N ILE A 45 -6.81 -7.43 1.07
CA ILE A 45 -7.46 -6.75 2.20
C ILE A 45 -8.90 -7.28 2.31
N LYS A 46 -9.16 -7.95 3.43
CA LYS A 46 -10.45 -8.55 3.74
C LYS A 46 -11.44 -7.49 4.24
N SER A 47 -10.98 -6.68 5.20
CA SER A 47 -11.80 -5.65 5.83
C SER A 47 -10.92 -4.57 6.47
N VAL A 48 -11.35 -3.31 6.30
CA VAL A 48 -10.80 -2.16 7.04
C VAL A 48 -11.37 -2.17 8.47
N GLU A 49 -10.50 -1.99 9.47
CA GLU A 49 -10.86 -1.99 10.90
C GLU A 49 -10.57 -0.60 11.51
N ASP A 50 -10.91 -0.46 12.80
CA ASP A 50 -10.60 0.74 13.60
C ASP A 50 -9.06 0.91 13.74
N GLY A 51 -8.49 1.70 12.82
CA GLY A 51 -7.05 1.99 12.78
C GLY A 51 -6.21 0.86 12.17
N ARG A 52 -6.86 -0.19 11.64
CA ARG A 52 -6.17 -1.40 11.14
C ARG A 52 -6.63 -1.72 9.71
N ILE A 53 -5.82 -2.55 9.02
CA ILE A 53 -6.12 -3.09 7.68
C ILE A 53 -5.84 -4.60 7.70
N VAL A 54 -6.89 -5.44 7.76
CA VAL A 54 -6.74 -6.90 7.79
C VAL A 54 -6.58 -7.44 6.37
N ILE A 55 -5.44 -8.10 6.12
CA ILE A 55 -5.19 -8.88 4.90
C ILE A 55 -5.21 -10.39 5.23
N GLY A 56 -5.71 -11.21 4.29
CA GLY A 56 -5.81 -12.65 4.49
C GLY A 56 -4.58 -13.38 4.00
N GLU A 57 -4.24 -13.15 2.71
CA GLU A 57 -3.07 -13.77 2.04
C GLU A 57 -2.88 -13.19 0.64
N PHE A 58 -1.66 -13.34 0.09
CA PHE A 58 -1.27 -12.80 -1.23
C PHE A 58 0.11 -13.31 -1.66
N ASP A 59 0.50 -12.98 -2.91
CA ASP A 59 1.85 -13.25 -3.44
C ASP A 59 2.85 -12.27 -2.81
N GLU A 60 3.39 -12.62 -1.62
CA GLU A 60 4.28 -11.73 -0.84
C GLU A 60 5.67 -11.55 -1.48
N GLU A 61 6.20 -12.65 -2.05
CA GLU A 61 7.49 -12.64 -2.77
C GLU A 61 7.41 -11.78 -4.04
N GLU A 62 6.25 -11.85 -4.72
CA GLU A 62 6.00 -11.12 -5.97
C GLU A 62 5.63 -9.66 -5.69
N ALA A 63 4.93 -9.43 -4.55
CA ALA A 63 4.60 -8.06 -4.08
C ALA A 63 5.88 -7.30 -3.67
N ARG A 64 6.90 -8.07 -3.28
CA ARG A 64 8.22 -7.55 -2.91
C ARG A 64 9.00 -7.06 -4.15
N GLU A 65 9.10 -7.93 -5.18
CA GLU A 65 9.85 -7.62 -6.44
C GLU A 65 9.10 -6.55 -7.26
N LEU A 66 7.76 -6.61 -7.22
CA LEU A 66 6.89 -5.61 -7.88
C LEU A 66 6.73 -4.38 -6.94
N GLY A 67 7.13 -4.55 -5.66
CA GLY A 67 7.33 -3.41 -4.75
C GLY A 67 8.59 -2.62 -5.10
N ARG A 68 9.57 -3.34 -5.71
CA ARG A 68 10.73 -2.73 -6.37
C ARG A 68 10.27 -2.00 -7.65
N LYS A 69 9.28 -2.59 -8.38
CA LYS A 69 8.64 -1.93 -9.55
C LYS A 69 7.97 -0.60 -9.15
N TRP A 70 7.39 -0.57 -7.92
CA TRP A 70 6.86 0.68 -7.34
C TRP A 70 7.99 1.71 -7.17
N LEU A 71 9.07 1.29 -6.48
CA LEU A 71 10.29 2.13 -6.31
C LEU A 71 10.87 2.60 -7.67
N GLU A 72 10.75 1.73 -8.66
CA GLU A 72 11.28 1.94 -10.01
C GLU A 72 10.42 2.98 -10.77
N GLU A 73 9.09 2.99 -10.52
CA GLU A 73 8.17 3.99 -11.10
C GLU A 73 8.30 5.32 -10.32
N LYS A 74 8.78 5.26 -9.04
CA LYS A 74 9.12 6.46 -8.24
C LYS A 74 10.37 7.18 -8.83
N SER A 75 10.99 6.53 -9.84
CA SER A 75 12.15 7.06 -10.58
C SER A 75 13.40 7.07 -9.68
N LYS A 76 13.54 5.99 -8.87
CA LYS A 76 14.73 5.76 -8.04
C LYS A 76 15.99 5.66 -8.94
N PRO A 77 17.09 6.37 -8.59
CA PRO A 77 18.32 6.41 -9.42
C PRO A 77 18.99 5.02 -9.54
N VAL A 78 19.47 4.71 -10.76
CA VAL A 78 20.15 3.45 -11.09
C VAL A 78 21.61 3.40 -10.57
N THR A 79 21.99 4.40 -9.73
CA THR A 79 23.32 4.50 -9.09
C THR A 79 23.68 3.18 -8.36
N LEU A 80 22.69 2.62 -7.64
CA LEU A 80 22.81 1.28 -7.04
C LEU A 80 22.78 0.23 -8.16
N GLU A 81 23.70 -0.75 -8.08
CA GLU A 81 23.90 -1.74 -9.16
C GLU A 81 22.66 -2.65 -9.31
N GLU A 82 22.08 -3.03 -8.16
CA GLU A 82 20.85 -3.85 -8.10
C GLU A 82 19.66 -3.12 -8.75
N LEU A 83 19.62 -1.79 -8.56
CA LEU A 83 18.54 -0.91 -9.04
C LEU A 83 18.71 -0.64 -10.56
N LYS A 84 19.96 -0.79 -11.05
CA LYS A 84 20.33 -0.50 -12.45
C LYS A 84 19.76 -1.54 -13.45
N SER A 85 19.23 -2.67 -12.91
CA SER A 85 18.63 -3.73 -13.72
C SER A 85 17.39 -3.21 -14.49
N TYR A 86 17.63 -2.75 -15.73
CA TYR A 86 16.58 -2.30 -16.67
C TYR A 86 15.84 -3.53 -17.22
N GLY A 87 14.51 -3.55 -17.05
CA GLY A 87 13.71 -4.70 -17.45
C GLY A 87 13.38 -4.67 -18.95
N PHE A 88 12.40 -3.85 -19.34
CA PHE A 88 11.82 -3.84 -20.71
C PHE A 88 11.58 -2.39 -21.19
N GLY A 89 10.74 -1.67 -20.43
CA GLY A 89 10.30 -0.34 -20.81
C GLY A 89 9.54 0.33 -19.67
N GLU A 90 10.24 0.52 -18.56
CA GLU A 90 9.67 1.10 -17.32
C GLU A 90 9.95 2.61 -17.24
N GLU A 91 10.80 3.11 -18.15
CA GLU A 91 11.07 4.55 -18.29
C GLU A 91 10.76 4.97 -19.75
N GLY A 92 9.86 5.94 -19.91
CA GLY A 92 9.49 6.49 -21.21
C GLY A 92 8.38 7.52 -21.06
N GLU A 93 7.11 7.06 -21.18
CA GLU A 93 5.90 7.91 -21.05
C GLU A 93 5.87 9.07 -22.06
N GLY A 94 6.51 8.85 -23.22
CA GLY A 94 6.62 9.85 -24.28
C GLY A 94 5.36 9.94 -25.15
N SER A 95 5.52 10.47 -26.37
CA SER A 95 4.43 10.59 -27.34
C SER A 95 4.09 9.19 -27.93
N GLN A 1 -17.00 13.96 16.99
CA GLN A 1 -15.87 14.30 16.09
C GLN A 1 -14.52 13.91 16.73
N GLY A 2 -13.41 14.14 15.98
CA GLY A 2 -12.05 13.90 16.48
C GLY A 2 -11.54 12.50 16.21
N HIS A 3 -12.16 11.80 15.25
CA HIS A 3 -11.77 10.44 14.82
C HIS A 3 -11.18 10.53 13.40
N MET A 4 -9.83 10.60 13.32
CA MET A 4 -9.10 10.69 12.05
C MET A 4 -8.94 9.28 11.45
N ASP A 5 -9.85 8.92 10.54
CA ASP A 5 -9.82 7.63 9.81
C ASP A 5 -8.85 7.69 8.60
N LEU A 6 -8.30 8.89 8.32
CA LEU A 6 -7.26 9.10 7.29
C LEU A 6 -5.85 8.88 7.87
N ILE A 7 -5.78 8.26 9.08
CA ILE A 7 -4.52 7.95 9.78
C ILE A 7 -3.79 6.77 9.07
N CYS A 8 -2.45 6.70 9.23
CA CYS A 8 -1.63 5.57 8.74
C CYS A 8 -1.98 4.29 9.53
N MET A 9 -2.98 3.56 9.03
CA MET A 9 -3.47 2.32 9.66
C MET A 9 -2.43 1.20 9.51
N TYR A 10 -2.29 0.38 10.54
CA TYR A 10 -1.33 -0.73 10.56
C TYR A 10 -1.96 -1.96 9.90
N VAL A 11 -1.23 -2.56 8.96
CA VAL A 11 -1.70 -3.72 8.20
C VAL A 11 -1.41 -5.02 8.97
N PHE A 12 -2.48 -5.71 9.38
CA PHE A 12 -2.41 -7.00 10.06
C PHE A 12 -2.72 -8.13 9.07
N LYS A 13 -1.74 -9.02 8.84
CA LYS A 13 -1.95 -10.22 8.03
C LYS A 13 -2.70 -11.27 8.87
N GLY A 14 -4.03 -11.27 8.73
CA GLY A 14 -4.89 -12.12 9.55
C GLY A 14 -4.90 -11.59 10.99
N GLU A 15 -4.03 -12.18 11.82
CA GLU A 15 -3.87 -11.80 13.24
C GLU A 15 -2.61 -10.94 13.42
N GLU A 16 -1.52 -11.35 12.76
CA GLU A 16 -0.17 -10.80 13.03
C GLU A 16 0.00 -9.42 12.38
N SER A 17 0.76 -8.52 13.03
CA SER A 17 1.12 -7.22 12.46
C SER A 17 2.11 -7.43 11.30
N PHE A 18 1.60 -7.29 10.07
CA PHE A 18 2.41 -7.47 8.86
C PHE A 18 3.32 -6.25 8.66
N GLY A 19 2.71 -5.04 8.73
CA GLY A 19 3.43 -3.79 8.56
C GLY A 19 2.53 -2.59 8.77
N GLU A 20 2.72 -1.54 7.95
CA GLU A 20 1.97 -0.28 8.07
C GLU A 20 1.61 0.25 6.66
N SER A 21 0.31 0.60 6.48
CA SER A 21 -0.20 1.24 5.26
C SER A 21 0.37 2.67 5.15
N ILE A 22 1.28 2.90 4.17
CA ILE A 22 1.91 4.22 3.94
C ILE A 22 1.38 4.83 2.64
N ASP A 23 1.27 4.02 1.57
CA ASP A 23 0.97 4.52 0.21
C ASP A 23 0.07 3.51 -0.55
N VAL A 24 -0.50 3.94 -1.70
CA VAL A 24 -1.29 3.08 -2.61
C VAL A 24 -0.92 3.45 -4.07
N TYR A 25 -0.82 2.45 -4.96
CA TYR A 25 -0.70 2.70 -6.42
C TYR A 25 -1.52 1.62 -7.18
N GLY A 26 -2.37 2.07 -8.12
CA GLY A 26 -3.16 1.18 -8.97
C GLY A 26 -4.10 0.27 -8.18
N ASP A 27 -3.76 -1.03 -8.12
CA ASP A 27 -4.56 -2.06 -7.40
C ASP A 27 -3.74 -2.70 -6.27
N TYR A 28 -2.73 -1.97 -5.76
CA TYR A 28 -1.82 -2.46 -4.71
C TYR A 28 -1.63 -1.41 -3.61
N LEU A 29 -1.91 -1.83 -2.36
CA LEU A 29 -1.61 -1.06 -1.15
C LEU A 29 -0.12 -1.26 -0.78
N ILE A 30 0.67 -0.17 -0.85
CA ILE A 30 2.08 -0.17 -0.44
C ILE A 30 2.17 -0.22 1.10
N VAL A 31 2.55 -1.40 1.61
CA VAL A 31 2.73 -1.64 3.04
C VAL A 31 4.25 -1.65 3.35
N LYS A 32 4.68 -0.71 4.21
CA LYS A 32 6.07 -0.67 4.69
C LYS A 32 6.25 -1.80 5.73
N VAL A 33 7.13 -2.76 5.40
CA VAL A 33 7.40 -3.94 6.24
C VAL A 33 8.92 -4.07 6.54
N GLY A 34 9.32 -3.62 7.75
CA GLY A 34 10.71 -3.72 8.20
C GLY A 34 11.67 -2.87 7.37
N THR A 35 12.22 -3.48 6.28
CA THR A 35 13.21 -2.85 5.39
C THR A 35 12.64 -2.65 3.98
N GLU A 36 11.61 -3.46 3.62
CA GLU A 36 11.04 -3.51 2.25
C GLU A 36 9.66 -2.86 2.18
N PHE A 37 9.13 -2.77 0.95
CA PHE A 37 7.77 -2.33 0.67
C PHE A 37 7.04 -3.46 -0.07
N LEU A 38 6.10 -4.09 0.63
CA LEU A 38 5.26 -5.17 0.11
C LEU A 38 3.93 -4.57 -0.35
N ALA A 39 3.76 -4.47 -1.66
CA ALA A 39 2.55 -3.95 -2.29
C ALA A 39 1.51 -5.07 -2.37
N VAL A 40 0.65 -5.14 -1.34
CA VAL A 40 -0.39 -6.18 -1.25
C VAL A 40 -1.57 -5.82 -2.19
N PRO A 41 -2.14 -6.80 -2.96
CA PRO A 41 -3.33 -6.53 -3.82
C PRO A 41 -4.55 -6.09 -2.98
N LYS A 42 -5.41 -5.25 -3.56
CA LYS A 42 -6.61 -4.71 -2.85
C LYS A 42 -7.61 -5.84 -2.48
N LYS A 43 -7.57 -6.94 -3.25
CA LYS A 43 -8.38 -8.15 -3.00
C LYS A 43 -7.92 -8.86 -1.70
N SER A 44 -6.66 -8.64 -1.29
CA SER A 44 -6.10 -9.24 -0.06
C SER A 44 -6.70 -8.56 1.19
N ILE A 45 -7.13 -7.27 1.08
CA ILE A 45 -7.77 -6.56 2.21
C ILE A 45 -9.15 -7.21 2.51
N LYS A 46 -9.26 -7.79 3.71
CA LYS A 46 -10.48 -8.50 4.17
C LYS A 46 -11.41 -7.54 4.94
N SER A 47 -10.82 -6.79 5.89
CA SER A 47 -11.56 -5.90 6.79
C SER A 47 -10.80 -4.58 6.97
N VAL A 48 -11.58 -3.51 7.16
CA VAL A 48 -11.07 -2.15 7.41
C VAL A 48 -11.64 -1.63 8.76
N GLU A 49 -10.73 -1.20 9.66
CA GLU A 49 -11.05 -0.76 11.04
C GLU A 49 -10.23 0.49 11.38
N ASP A 50 -10.59 1.15 12.50
CA ASP A 50 -9.85 2.31 13.02
C ASP A 50 -8.42 1.91 13.43
N GLY A 51 -7.45 2.20 12.54
CA GLY A 51 -6.04 1.93 12.80
C GLY A 51 -5.61 0.50 12.46
N ARG A 52 -6.55 -0.33 11.94
CA ARG A 52 -6.28 -1.74 11.60
C ARG A 52 -6.78 -2.04 10.18
N ILE A 53 -5.88 -2.56 9.32
CA ILE A 53 -6.23 -3.09 7.99
C ILE A 53 -5.93 -4.60 8.00
N VAL A 54 -6.97 -5.41 8.15
CA VAL A 54 -6.82 -6.86 8.18
C VAL A 54 -6.83 -7.39 6.75
N ILE A 55 -5.70 -7.96 6.33
CA ILE A 55 -5.56 -8.62 5.03
C ILE A 55 -5.51 -10.14 5.25
N GLY A 56 -5.49 -10.89 4.14
CA GLY A 56 -5.39 -12.34 4.16
C GLY A 56 -4.07 -12.80 3.56
N GLU A 57 -4.13 -13.93 2.84
CA GLU A 57 -2.99 -14.47 2.11
C GLU A 57 -2.88 -13.73 0.76
N PHE A 58 -1.68 -13.76 0.19
CA PHE A 58 -1.36 -13.12 -1.08
C PHE A 58 0.01 -13.61 -1.57
N ASP A 59 0.35 -13.26 -2.82
CA ASP A 59 1.64 -13.62 -3.43
C ASP A 59 2.70 -12.63 -2.95
N GLU A 60 3.41 -13.00 -1.88
CA GLU A 60 4.35 -12.12 -1.16
C GLU A 60 5.64 -11.85 -1.96
N GLU A 61 6.16 -12.89 -2.64
CA GLU A 61 7.34 -12.76 -3.51
C GLU A 61 7.04 -11.85 -4.71
N GLU A 62 5.82 -11.98 -5.23
CA GLU A 62 5.35 -11.11 -6.32
C GLU A 62 5.08 -9.68 -5.79
N ALA A 63 4.55 -9.58 -4.56
CA ALA A 63 4.16 -8.29 -3.94
C ALA A 63 5.40 -7.43 -3.65
N ARG A 64 6.54 -8.07 -3.28
CA ARG A 64 7.80 -7.36 -3.03
C ARG A 64 8.45 -6.90 -4.35
N GLU A 65 8.49 -7.78 -5.38
CA GLU A 65 9.17 -7.45 -6.65
C GLU A 65 8.45 -6.30 -7.40
N LEU A 66 7.10 -6.29 -7.34
CA LEU A 66 6.29 -5.21 -7.95
C LEU A 66 6.23 -3.99 -6.99
N GLY A 67 6.49 -4.24 -5.70
CA GLY A 67 6.68 -3.18 -4.70
C GLY A 67 8.00 -2.43 -4.91
N ARG A 68 9.02 -3.16 -5.38
CA ARG A 68 10.35 -2.60 -5.75
C ARG A 68 10.26 -1.91 -7.12
N LYS A 69 9.37 -2.42 -7.99
CA LYS A 69 9.00 -1.76 -9.26
C LYS A 69 8.36 -0.39 -8.97
N TRP A 70 7.50 -0.35 -7.93
CA TRP A 70 6.93 0.91 -7.41
C TRP A 70 8.06 1.86 -6.94
N LEU A 71 9.03 1.28 -6.20
CA LEU A 71 10.23 2.00 -5.70
C LEU A 71 11.07 2.60 -6.85
N GLU A 72 10.95 2.04 -8.06
CA GLU A 72 11.60 2.60 -9.26
C GLU A 72 10.75 3.74 -9.89
N GLU A 73 9.45 3.44 -10.15
CA GLU A 73 8.54 4.33 -10.91
C GLU A 73 8.03 5.54 -10.10
N LYS A 74 8.20 5.49 -8.76
CA LYS A 74 7.79 6.59 -7.82
C LYS A 74 8.47 7.94 -8.15
N SER A 75 9.51 7.89 -8.99
CA SER A 75 10.33 9.03 -9.41
C SER A 75 9.56 10.11 -10.23
N LYS A 76 8.24 9.95 -10.40
CA LYS A 76 7.39 11.00 -11.00
C LYS A 76 7.32 12.20 -10.02
N PRO A 77 7.26 13.48 -10.54
CA PRO A 77 7.09 14.67 -9.67
C PRO A 77 5.73 14.64 -8.94
N VAL A 78 5.74 15.00 -7.64
CA VAL A 78 4.53 15.04 -6.80
C VAL A 78 3.74 16.34 -7.08
N THR A 79 3.24 16.43 -8.33
CA THR A 79 2.42 17.54 -8.81
C THR A 79 0.93 17.27 -8.53
N LEU A 80 0.63 16.01 -8.12
CA LEU A 80 -0.74 15.57 -7.83
C LEU A 80 -1.13 16.07 -6.42
N GLU A 81 -1.55 17.35 -6.37
CA GLU A 81 -2.01 18.05 -5.15
C GLU A 81 -3.39 17.53 -4.70
N GLU A 82 -4.15 16.99 -5.66
CA GLU A 82 -5.46 16.36 -5.39
C GLU A 82 -5.28 15.05 -4.57
N LEU A 83 -4.12 14.39 -4.76
CA LEU A 83 -3.75 13.16 -4.02
C LEU A 83 -3.47 13.53 -2.55
N LYS A 84 -2.81 14.69 -2.35
CA LYS A 84 -2.50 15.24 -1.01
C LYS A 84 -3.81 15.50 -0.24
N SER A 85 -4.55 16.52 -0.68
CA SER A 85 -5.82 16.93 -0.04
C SER A 85 -6.99 16.23 -0.73
N TYR A 86 -7.00 14.89 -0.65
CA TYR A 86 -7.95 14.04 -1.38
C TYR A 86 -9.38 14.14 -0.79
N GLY A 87 -10.35 14.43 -1.69
CA GLY A 87 -11.76 14.59 -1.33
C GLY A 87 -12.44 13.25 -1.07
N PHE A 88 -12.21 12.73 0.14
CA PHE A 88 -12.79 11.46 0.63
C PHE A 88 -13.33 11.69 2.05
N GLY A 89 -12.46 12.29 2.87
CA GLY A 89 -12.80 12.71 4.23
C GLY A 89 -12.35 14.14 4.48
N GLU A 90 -13.22 14.95 5.11
CA GLU A 90 -12.93 16.35 5.45
C GLU A 90 -11.80 16.39 6.50
N GLU A 91 -10.65 16.95 6.08
CA GLU A 91 -9.51 17.15 6.96
C GLU A 91 -9.84 18.18 8.07
N GLY A 92 -9.92 17.71 9.32
CA GLY A 92 -10.11 18.60 10.47
C GLY A 92 -8.82 19.34 10.82
N GLU A 93 -7.69 18.65 10.62
CA GLU A 93 -6.34 19.17 10.94
C GLU A 93 -5.51 19.35 9.64
N GLY A 94 -6.20 19.59 8.52
CA GLY A 94 -5.57 19.66 7.19
C GLY A 94 -4.80 20.95 6.94
N SER A 95 -3.57 21.01 7.49
CA SER A 95 -2.62 22.11 7.28
C SER A 95 -1.18 21.50 7.31
N GLN A 1 -6.28 25.49 -1.93
CA GLN A 1 -6.28 24.02 -2.07
C GLN A 1 -5.01 23.42 -1.45
N GLY A 2 -4.99 22.09 -1.27
CA GLY A 2 -3.79 21.38 -0.80
C GLY A 2 -3.98 19.87 -0.75
N HIS A 3 -2.95 19.13 -1.18
CA HIS A 3 -2.90 17.65 -1.04
C HIS A 3 -2.43 17.31 0.39
N MET A 4 -3.36 16.83 1.23
CA MET A 4 -3.11 16.53 2.64
C MET A 4 -2.32 15.21 2.76
N ASP A 5 -0.99 15.32 2.88
CA ASP A 5 -0.07 14.16 2.91
C ASP A 5 0.16 13.73 4.38
N LEU A 6 -0.93 13.30 5.04
CA LEU A 6 -0.89 12.71 6.40
C LEU A 6 -1.45 11.27 6.35
N ILE A 7 -1.86 10.83 5.15
CA ILE A 7 -2.52 9.53 4.94
C ILE A 7 -1.56 8.35 5.19
N CYS A 8 -1.93 7.50 6.16
CA CYS A 8 -1.21 6.29 6.55
C CYS A 8 -2.08 5.52 7.53
N MET A 9 -2.05 4.18 7.45
CA MET A 9 -2.90 3.32 8.30
C MET A 9 -2.18 1.99 8.58
N TYR A 10 -2.29 1.47 9.81
CA TYR A 10 -1.58 0.26 10.23
C TYR A 10 -2.24 -0.97 9.57
N VAL A 11 -1.41 -1.94 9.15
CA VAL A 11 -1.86 -3.16 8.46
C VAL A 11 -1.46 -4.41 9.28
N PHE A 12 -2.45 -5.28 9.57
CA PHE A 12 -2.24 -6.60 10.19
C PHE A 12 -2.50 -7.69 9.14
N LYS A 13 -1.59 -8.67 9.05
CA LYS A 13 -1.77 -9.83 8.17
C LYS A 13 -2.62 -10.88 8.92
N GLY A 14 -3.94 -10.68 8.87
CA GLY A 14 -4.90 -11.53 9.55
C GLY A 14 -4.83 -11.33 11.06
N GLU A 15 -4.15 -12.26 11.74
CA GLU A 15 -4.01 -12.26 13.20
C GLU A 15 -2.68 -11.62 13.62
N GLU A 16 -1.66 -11.71 12.74
CA GLU A 16 -0.29 -11.22 13.05
C GLU A 16 -0.14 -9.77 12.57
N SER A 17 0.75 -9.01 13.23
CA SER A 17 1.09 -7.63 12.84
C SER A 17 1.97 -7.67 11.59
N PHE A 18 1.56 -6.95 10.53
CA PHE A 18 2.24 -7.00 9.23
C PHE A 18 3.19 -5.80 9.06
N GLY A 19 2.63 -4.57 9.15
CA GLY A 19 3.37 -3.34 8.88
C GLY A 19 2.48 -2.12 8.86
N GLU A 20 2.75 -1.18 7.94
CA GLU A 20 1.98 0.07 7.79
C GLU A 20 1.90 0.47 6.31
N SER A 21 0.73 0.92 5.86
CA SER A 21 0.53 1.44 4.50
C SER A 21 1.20 2.82 4.36
N ILE A 22 2.19 2.92 3.46
CA ILE A 22 2.91 4.17 3.17
C ILE A 22 2.25 4.85 1.94
N ASP A 23 1.83 4.04 0.96
CA ASP A 23 1.27 4.54 -0.32
C ASP A 23 0.36 3.47 -0.97
N VAL A 24 -0.26 3.83 -2.11
CA VAL A 24 -1.02 2.91 -2.98
C VAL A 24 -0.93 3.42 -4.45
N TYR A 25 -0.75 2.49 -5.40
CA TYR A 25 -0.80 2.80 -6.85
C TYR A 25 -1.61 1.69 -7.55
N GLY A 26 -2.53 2.09 -8.44
CA GLY A 26 -3.34 1.15 -9.22
C GLY A 26 -4.22 0.23 -8.36
N ASP A 27 -3.82 -1.04 -8.26
CA ASP A 27 -4.54 -2.08 -7.49
C ASP A 27 -3.68 -2.62 -6.34
N TYR A 28 -2.55 -1.95 -6.04
CA TYR A 28 -1.55 -2.43 -5.07
C TYR A 28 -1.27 -1.38 -3.98
N LEU A 29 -1.71 -1.70 -2.75
CA LEU A 29 -1.43 -0.92 -1.54
C LEU A 29 0.02 -1.21 -1.06
N ILE A 30 0.90 -0.21 -1.20
CA ILE A 30 2.31 -0.31 -0.77
C ILE A 30 2.37 -0.29 0.78
N VAL A 31 2.51 -1.48 1.38
CA VAL A 31 2.65 -1.63 2.84
C VAL A 31 4.14 -1.88 3.20
N LYS A 32 4.73 -0.91 3.89
CA LYS A 32 6.11 -1.00 4.39
C LYS A 32 6.17 -1.92 5.63
N VAL A 33 6.94 -3.02 5.55
CA VAL A 33 7.18 -3.96 6.67
C VAL A 33 8.70 -4.22 6.77
N GLY A 34 9.21 -4.34 8.01
CA GLY A 34 10.62 -4.68 8.28
C GLY A 34 11.62 -3.73 7.59
N THR A 35 12.11 -4.15 6.42
CA THR A 35 13.08 -3.40 5.59
C THR A 35 12.54 -3.19 4.15
N GLU A 36 11.50 -3.96 3.77
CA GLU A 36 10.98 -4.04 2.37
C GLU A 36 9.55 -3.49 2.25
N PHE A 37 9.11 -3.26 1.00
CA PHE A 37 7.77 -2.74 0.67
C PHE A 37 6.96 -3.84 -0.07
N LEU A 38 5.91 -4.35 0.58
CA LEU A 38 4.99 -5.35 -0.01
C LEU A 38 3.78 -4.63 -0.60
N ALA A 39 3.74 -4.56 -1.94
CA ALA A 39 2.60 -4.04 -2.67
C ALA A 39 1.50 -5.12 -2.71
N VAL A 40 0.58 -5.06 -1.73
CA VAL A 40 -0.49 -6.05 -1.58
C VAL A 40 -1.70 -5.64 -2.44
N PRO A 41 -2.36 -6.61 -3.17
CA PRO A 41 -3.58 -6.30 -3.95
C PRO A 41 -4.74 -5.86 -3.02
N LYS A 42 -5.66 -5.03 -3.55
CA LYS A 42 -6.79 -4.47 -2.77
C LYS A 42 -7.80 -5.57 -2.36
N LYS A 43 -7.80 -6.68 -3.13
CA LYS A 43 -8.61 -7.89 -2.83
C LYS A 43 -8.08 -8.63 -1.58
N SER A 44 -6.76 -8.48 -1.30
CA SER A 44 -6.12 -9.06 -0.11
C SER A 44 -6.68 -8.44 1.18
N ILE A 45 -7.09 -7.16 1.11
CA ILE A 45 -7.74 -6.46 2.24
C ILE A 45 -9.09 -7.14 2.52
N LYS A 46 -9.21 -7.72 3.72
CA LYS A 46 -10.39 -8.47 4.17
C LYS A 46 -11.36 -7.56 4.91
N SER A 47 -10.84 -6.84 5.91
CA SER A 47 -11.67 -6.06 6.84
C SER A 47 -10.91 -4.81 7.32
N VAL A 48 -11.63 -3.68 7.43
CA VAL A 48 -11.10 -2.44 8.01
C VAL A 48 -11.66 -2.28 9.43
N GLU A 49 -10.80 -2.42 10.45
CA GLU A 49 -11.25 -2.44 11.87
C GLU A 49 -10.26 -1.70 12.79
N ASP A 50 -10.80 -0.79 13.64
CA ASP A 50 -10.06 -0.19 14.78
C ASP A 50 -8.84 0.65 14.35
N GLY A 51 -8.96 1.31 13.18
CA GLY A 51 -7.85 2.10 12.61
C GLY A 51 -6.76 1.22 12.01
N ARG A 52 -7.11 -0.05 11.78
CA ARG A 52 -6.20 -1.10 11.31
C ARG A 52 -6.79 -1.74 10.04
N ILE A 53 -5.93 -2.36 9.23
CA ILE A 53 -6.31 -3.02 7.97
C ILE A 53 -5.93 -4.52 8.04
N VAL A 54 -6.95 -5.37 8.23
CA VAL A 54 -6.79 -6.82 8.22
C VAL A 54 -6.72 -7.32 6.78
N ILE A 55 -5.55 -7.83 6.37
CA ILE A 55 -5.37 -8.51 5.06
C ILE A 55 -5.16 -10.01 5.31
N GLY A 56 -5.70 -10.86 4.43
CA GLY A 56 -5.65 -12.31 4.62
C GLY A 56 -4.35 -12.90 4.15
N GLU A 57 -4.21 -12.98 2.83
CA GLU A 57 -3.04 -13.57 2.17
C GLU A 57 -2.85 -12.94 0.79
N PHE A 58 -1.65 -13.14 0.23
CA PHE A 58 -1.21 -12.54 -1.04
C PHE A 58 0.10 -13.20 -1.46
N ASP A 59 0.49 -13.04 -2.73
CA ASP A 59 1.79 -13.51 -3.23
C ASP A 59 2.89 -12.55 -2.78
N GLU A 60 3.57 -12.89 -1.67
CA GLU A 60 4.57 -12.04 -1.02
C GLU A 60 5.80 -11.81 -1.92
N GLU A 61 6.19 -12.85 -2.67
CA GLU A 61 7.31 -12.80 -3.62
C GLU A 61 7.03 -11.76 -4.71
N GLU A 62 5.81 -11.80 -5.26
CA GLU A 62 5.38 -10.84 -6.29
C GLU A 62 5.20 -9.44 -5.68
N ALA A 63 4.65 -9.38 -4.46
CA ALA A 63 4.34 -8.11 -3.78
C ALA A 63 5.63 -7.30 -3.48
N ARG A 64 6.72 -8.00 -3.10
CA ARG A 64 8.02 -7.35 -2.82
C ARG A 64 8.73 -6.89 -4.10
N GLU A 65 8.65 -7.70 -5.19
CA GLU A 65 9.37 -7.39 -6.46
C GLU A 65 8.65 -6.28 -7.26
N LEU A 66 7.30 -6.32 -7.32
CA LEU A 66 6.50 -5.26 -7.95
C LEU A 66 6.29 -4.09 -6.96
N GLY A 67 6.62 -4.35 -5.68
CA GLY A 67 6.86 -3.30 -4.71
C GLY A 67 8.07 -2.47 -5.10
N ARG A 68 9.17 -3.16 -5.43
CA ARG A 68 10.43 -2.55 -5.94
C ARG A 68 10.21 -1.84 -7.29
N LYS A 69 9.28 -2.39 -8.10
CA LYS A 69 8.82 -1.76 -9.35
C LYS A 69 8.29 -0.34 -9.05
N TRP A 70 7.42 -0.23 -8.01
CA TRP A 70 6.93 1.08 -7.53
C TRP A 70 8.11 1.95 -7.05
N LEU A 71 9.08 1.36 -6.30
CA LEU A 71 10.28 2.08 -5.82
C LEU A 71 11.08 2.70 -6.97
N GLU A 72 11.01 2.09 -8.14
CA GLU A 72 11.65 2.61 -9.36
C GLU A 72 10.81 3.77 -9.95
N GLU A 73 9.52 3.48 -10.19
CA GLU A 73 8.60 4.34 -10.98
C GLU A 73 8.12 5.58 -10.20
N LYS A 74 8.24 5.54 -8.86
CA LYS A 74 7.80 6.64 -7.97
C LYS A 74 8.55 7.97 -8.26
N SER A 75 9.71 7.85 -8.94
CA SER A 75 10.60 8.99 -9.26
C SER A 75 9.95 9.97 -10.25
N LYS A 76 9.13 10.89 -9.72
CA LYS A 76 8.64 12.07 -10.45
C LYS A 76 9.54 13.27 -10.12
N PRO A 77 9.81 14.18 -11.12
CA PRO A 77 10.77 15.31 -10.94
C PRO A 77 10.15 16.52 -10.18
N VAL A 78 10.79 17.71 -10.30
CA VAL A 78 10.30 18.97 -9.68
C VAL A 78 8.94 19.37 -10.28
N THR A 79 8.72 19.02 -11.56
CA THR A 79 7.40 19.12 -12.18
C THR A 79 6.52 17.95 -11.69
N LEU A 80 5.76 18.20 -10.62
CA LEU A 80 4.78 17.23 -10.08
C LEU A 80 3.54 17.99 -9.56
N GLU A 81 3.30 19.19 -10.13
CA GLU A 81 2.12 20.07 -9.85
C GLU A 81 0.74 19.39 -10.08
N GLU A 82 0.76 18.16 -10.61
CA GLU A 82 -0.42 17.29 -10.80
C GLU A 82 -1.31 17.19 -9.52
N LEU A 83 -0.70 16.95 -8.34
CA LEU A 83 -1.44 16.72 -7.07
C LEU A 83 -1.82 18.06 -6.39
N LYS A 84 -1.21 19.17 -6.88
CA LYS A 84 -1.56 20.54 -6.48
C LYS A 84 -2.90 20.95 -7.14
N SER A 85 -3.24 20.29 -8.26
CA SER A 85 -4.55 20.41 -8.89
C SER A 85 -5.55 19.55 -8.11
N TYR A 86 -6.15 20.16 -7.07
CA TYR A 86 -7.05 19.49 -6.12
C TYR A 86 -8.52 19.86 -6.39
N GLY A 87 -8.76 21.13 -6.75
CA GLY A 87 -10.11 21.61 -7.11
C GLY A 87 -10.54 22.78 -6.25
N PHE A 88 -9.83 23.92 -6.40
CA PHE A 88 -10.16 25.17 -5.69
C PHE A 88 -11.25 25.92 -6.47
N GLY A 89 -12.52 25.61 -6.15
CA GLY A 89 -13.66 26.25 -6.79
C GLY A 89 -14.99 25.61 -6.39
N GLU A 90 -15.30 24.46 -7.02
CA GLU A 90 -16.55 23.70 -6.78
C GLU A 90 -16.61 23.20 -5.33
N GLU A 91 -15.44 22.83 -4.78
CA GLU A 91 -15.30 22.53 -3.36
C GLU A 91 -15.37 23.84 -2.56
N GLY A 92 -16.52 24.05 -1.89
CA GLY A 92 -16.77 25.24 -1.10
C GLY A 92 -18.13 25.18 -0.44
N GLU A 93 -18.50 26.24 0.29
CA GLU A 93 -19.83 26.37 0.91
C GLU A 93 -20.91 26.60 -0.17
N GLY A 94 -20.51 27.31 -1.24
CA GLY A 94 -21.38 27.63 -2.35
C GLY A 94 -20.84 28.83 -3.14
N SER A 95 -21.59 29.93 -3.15
CA SER A 95 -21.19 31.19 -3.80
C SER A 95 -21.75 32.37 -2.97
N GLN A 1 -7.20 14.52 0.45
CA GLN A 1 -7.35 15.62 1.43
C GLN A 1 -6.55 15.29 2.69
N GLY A 2 -6.19 16.34 3.46
CA GLY A 2 -5.37 16.19 4.69
C GLY A 2 -6.20 16.25 5.96
N HIS A 3 -7.38 15.60 5.92
CA HIS A 3 -8.34 15.59 7.05
C HIS A 3 -8.16 14.31 7.89
N MET A 4 -8.04 13.16 7.19
CA MET A 4 -7.84 11.86 7.84
C MET A 4 -6.35 11.56 7.93
N ASP A 5 -5.77 11.89 9.11
CA ASP A 5 -4.35 11.62 9.44
C ASP A 5 -4.08 10.10 9.54
N LEU A 6 -5.17 9.32 9.73
CA LEU A 6 -5.14 7.84 9.80
C LEU A 6 -5.11 7.20 8.39
N ILE A 7 -4.46 7.86 7.42
CA ILE A 7 -4.14 7.28 6.10
C ILE A 7 -3.15 6.10 6.29
N CYS A 8 -2.21 6.28 7.25
CA CYS A 8 -1.23 5.25 7.62
C CYS A 8 -1.79 4.39 8.76
N MET A 9 -2.61 3.38 8.40
CA MET A 9 -3.17 2.39 9.35
C MET A 9 -2.28 1.14 9.35
N TYR A 10 -2.14 0.54 10.54
CA TYR A 10 -1.29 -0.64 10.75
C TYR A 10 -1.93 -1.88 10.11
N VAL A 11 -1.29 -2.35 9.04
CA VAL A 11 -1.73 -3.53 8.30
C VAL A 11 -1.29 -4.82 9.04
N PHE A 12 -2.26 -5.69 9.34
CA PHE A 12 -2.03 -7.00 9.96
C PHE A 12 -2.39 -8.12 8.96
N LYS A 13 -1.42 -8.98 8.64
CA LYS A 13 -1.65 -10.14 7.75
C LYS A 13 -2.21 -11.31 8.59
N GLY A 14 -3.52 -11.22 8.86
CA GLY A 14 -4.26 -12.26 9.56
C GLY A 14 -3.88 -12.38 11.03
N GLU A 15 -2.93 -13.29 11.32
CA GLU A 15 -2.48 -13.58 12.69
C GLU A 15 -1.19 -12.80 13.05
N GLU A 16 -0.53 -12.23 12.04
CA GLU A 16 0.76 -11.52 12.20
C GLU A 16 0.59 -10.02 11.86
N SER A 17 1.44 -9.18 12.45
CA SER A 17 1.48 -7.76 12.13
C SER A 17 2.38 -7.56 10.89
N PHE A 18 1.77 -7.16 9.76
CA PHE A 18 2.48 -7.09 8.47
C PHE A 18 3.32 -5.80 8.39
N GLY A 19 2.66 -4.65 8.55
CA GLY A 19 3.32 -3.33 8.44
C GLY A 19 2.33 -2.19 8.63
N GLU A 20 2.43 -1.15 7.76
CA GLU A 20 1.53 0.02 7.77
C GLU A 20 1.36 0.57 6.33
N SER A 21 0.16 1.03 5.98
CA SER A 21 -0.18 1.54 4.64
C SER A 21 0.45 2.94 4.42
N ILE A 22 1.49 3.02 3.57
CA ILE A 22 2.24 4.29 3.31
C ILE A 22 1.69 4.96 2.02
N ASP A 23 1.38 4.13 1.01
CA ASP A 23 1.01 4.61 -0.34
C ASP A 23 0.11 3.56 -1.04
N VAL A 24 -0.45 3.92 -2.21
CA VAL A 24 -1.21 2.99 -3.08
C VAL A 24 -1.16 3.51 -4.52
N TYR A 25 -0.86 2.62 -5.49
CA TYR A 25 -0.89 2.95 -6.94
C TYR A 25 -1.59 1.80 -7.70
N GLY A 26 -2.51 2.16 -8.61
CA GLY A 26 -3.32 1.18 -9.33
C GLY A 26 -4.26 0.41 -8.41
N ASP A 27 -3.91 -0.85 -8.12
CA ASP A 27 -4.67 -1.74 -7.22
C ASP A 27 -3.81 -2.14 -6.01
N TYR A 28 -2.56 -1.66 -5.99
CA TYR A 28 -1.53 -2.16 -5.06
C TYR A 28 -1.31 -1.17 -3.92
N LEU A 29 -1.81 -1.54 -2.74
CA LEU A 29 -1.58 -0.81 -1.50
C LEU A 29 -0.15 -1.09 -1.01
N ILE A 30 0.71 -0.08 -1.18
CA ILE A 30 2.11 -0.13 -0.73
C ILE A 30 2.14 -0.11 0.80
N VAL A 31 2.44 -1.26 1.39
CA VAL A 31 2.57 -1.41 2.84
C VAL A 31 4.06 -1.37 3.22
N LYS A 32 4.42 -0.33 4.00
CA LYS A 32 5.76 -0.16 4.56
C LYS A 32 5.94 -1.19 5.69
N VAL A 33 6.76 -2.21 5.41
CA VAL A 33 6.97 -3.38 6.28
C VAL A 33 8.42 -3.38 6.83
N GLY A 34 8.62 -2.63 7.92
CA GLY A 34 9.90 -2.56 8.63
C GLY A 34 10.99 -1.81 7.86
N THR A 35 11.64 -2.50 6.92
CA THR A 35 12.72 -1.94 6.08
C THR A 35 12.37 -2.07 4.58
N GLU A 36 11.31 -2.83 4.27
CA GLU A 36 10.87 -3.09 2.88
C GLU A 36 9.50 -2.41 2.62
N PHE A 37 9.02 -2.55 1.37
CA PHE A 37 7.66 -2.16 0.97
C PHE A 37 7.09 -3.31 0.12
N LEU A 38 6.09 -4.04 0.64
CA LEU A 38 5.36 -5.08 -0.11
C LEU A 38 3.97 -4.54 -0.47
N ALA A 39 3.65 -4.61 -1.77
CA ALA A 39 2.44 -4.02 -2.35
C ALA A 39 1.33 -5.06 -2.44
N VAL A 40 0.39 -5.02 -1.49
CA VAL A 40 -0.73 -5.97 -1.43
C VAL A 40 -1.89 -5.46 -2.33
N PRO A 41 -2.56 -6.36 -3.12
CA PRO A 41 -3.77 -5.99 -3.91
C PRO A 41 -4.95 -5.61 -2.99
N LYS A 42 -5.94 -4.87 -3.53
CA LYS A 42 -7.11 -4.40 -2.76
C LYS A 42 -8.00 -5.58 -2.31
N LYS A 43 -7.93 -6.72 -3.03
CA LYS A 43 -8.65 -7.96 -2.66
C LYS A 43 -8.06 -8.62 -1.41
N SER A 44 -6.78 -8.33 -1.11
CA SER A 44 -6.06 -8.90 0.04
C SER A 44 -6.71 -8.47 1.37
N ILE A 45 -7.27 -7.24 1.39
CA ILE A 45 -7.89 -6.65 2.58
C ILE A 45 -9.18 -7.44 2.91
N LYS A 46 -9.15 -8.11 4.06
CA LYS A 46 -10.26 -8.93 4.58
C LYS A 46 -11.24 -8.08 5.40
N SER A 47 -10.68 -7.18 6.23
CA SER A 47 -11.46 -6.30 7.11
C SER A 47 -10.73 -4.96 7.33
N VAL A 48 -11.52 -3.90 7.51
CA VAL A 48 -11.00 -2.56 7.86
C VAL A 48 -11.42 -2.21 9.31
N GLU A 49 -10.41 -2.03 10.17
CA GLU A 49 -10.61 -1.67 11.58
C GLU A 49 -10.39 -0.15 11.76
N ASP A 50 -10.80 0.38 12.91
CA ASP A 50 -10.79 1.84 13.21
C ASP A 50 -9.40 2.50 13.02
N GLY A 51 -8.33 1.70 13.17
CA GLY A 51 -6.96 2.16 12.94
C GLY A 51 -6.05 1.05 12.45
N ARG A 52 -6.66 -0.01 11.86
CA ARG A 52 -5.93 -1.19 11.34
C ARG A 52 -6.49 -1.59 9.98
N ILE A 53 -5.68 -2.33 9.20
CA ILE A 53 -6.11 -2.95 7.93
C ILE A 53 -5.78 -4.44 8.00
N VAL A 54 -6.79 -5.30 8.23
CA VAL A 54 -6.61 -6.74 8.27
C VAL A 54 -6.61 -7.26 6.82
N ILE A 55 -5.46 -7.74 6.39
CA ILE A 55 -5.33 -8.51 5.14
C ILE A 55 -5.13 -9.98 5.51
N GLY A 56 -5.35 -10.88 4.57
CA GLY A 56 -5.22 -12.32 4.86
C GLY A 56 -4.23 -12.99 3.96
N GLU A 57 -4.57 -13.00 2.66
CA GLU A 57 -3.85 -13.78 1.65
C GLU A 57 -3.47 -12.89 0.47
N PHE A 58 -2.29 -13.15 -0.08
CA PHE A 58 -1.76 -12.52 -1.30
C PHE A 58 -0.44 -13.24 -1.65
N ASP A 59 -0.09 -13.29 -2.93
CA ASP A 59 1.20 -13.85 -3.36
C ASP A 59 2.33 -12.89 -2.97
N GLU A 60 3.08 -13.29 -1.94
CA GLU A 60 4.06 -12.42 -1.25
C GLU A 60 5.29 -12.11 -2.12
N GLU A 61 5.71 -13.10 -2.93
CA GLU A 61 6.84 -12.92 -3.88
C GLU A 61 6.44 -11.97 -5.02
N GLU A 62 5.17 -12.04 -5.45
CA GLU A 62 4.62 -11.13 -6.47
C GLU A 62 4.54 -9.69 -5.91
N ALA A 63 4.08 -9.57 -4.66
CA ALA A 63 4.02 -8.29 -3.93
C ALA A 63 5.43 -7.74 -3.64
N ARG A 64 6.42 -8.67 -3.57
CA ARG A 64 7.82 -8.34 -3.34
C ARG A 64 8.43 -7.72 -4.62
N GLU A 65 8.21 -8.38 -5.78
CA GLU A 65 8.84 -7.98 -7.06
C GLU A 65 8.21 -6.69 -7.61
N LEU A 66 6.87 -6.55 -7.53
CA LEU A 66 6.18 -5.32 -7.95
C LEU A 66 6.23 -4.25 -6.83
N GLY A 67 6.57 -4.70 -5.61
CA GLY A 67 6.87 -3.80 -4.49
C GLY A 67 8.18 -3.06 -4.71
N ARG A 68 9.27 -3.82 -4.96
CA ARG A 68 10.63 -3.26 -5.21
C ARG A 68 10.67 -2.51 -6.55
N LYS A 69 9.74 -2.88 -7.44
CA LYS A 69 9.44 -2.13 -8.68
C LYS A 69 9.05 -0.68 -8.33
N TRP A 70 8.11 -0.52 -7.37
CA TRP A 70 7.71 0.80 -6.84
C TRP A 70 8.92 1.54 -6.19
N LEU A 71 9.83 0.77 -5.53
CA LEU A 71 11.10 1.33 -4.96
C LEU A 71 12.01 1.91 -6.06
N GLU A 72 11.95 1.33 -7.27
CA GLU A 72 12.71 1.82 -8.42
C GLU A 72 12.01 3.07 -9.02
N GLU A 73 10.66 3.04 -9.06
CA GLU A 73 9.82 4.08 -9.69
C GLU A 73 9.83 5.39 -8.88
N LYS A 74 9.84 5.29 -7.55
CA LYS A 74 9.84 6.47 -6.64
C LYS A 74 11.11 7.33 -6.88
N SER A 75 12.22 6.66 -7.24
CA SER A 75 13.47 7.31 -7.63
C SER A 75 13.38 7.68 -9.12
N LYS A 76 12.82 8.87 -9.39
CA LYS A 76 12.65 9.39 -10.75
C LYS A 76 14.01 9.83 -11.34
N PRO A 77 14.29 9.48 -12.65
CA PRO A 77 15.62 9.63 -13.29
C PRO A 77 16.31 11.00 -13.06
N VAL A 78 15.56 12.09 -13.25
CA VAL A 78 16.11 13.46 -13.13
C VAL A 78 15.04 14.46 -12.63
N THR A 79 13.77 14.24 -13.05
CA THR A 79 12.64 15.16 -12.76
C THR A 79 12.40 15.37 -11.25
N LEU A 80 12.71 14.35 -10.44
CA LEU A 80 12.62 14.43 -8.97
C LEU A 80 14.02 14.62 -8.39
N GLU A 81 14.29 15.84 -7.92
CA GLU A 81 15.56 16.22 -7.26
C GLU A 81 15.56 15.80 -5.77
N GLU A 82 14.36 15.49 -5.23
CA GLU A 82 14.16 15.11 -3.81
C GLU A 82 14.84 13.77 -3.47
N LEU A 83 14.85 12.83 -4.42
CA LEU A 83 15.46 11.49 -4.25
C LEU A 83 16.94 11.46 -4.68
N LYS A 84 17.51 12.63 -4.97
CA LYS A 84 18.94 12.76 -5.32
C LYS A 84 19.77 13.00 -4.04
N SER A 85 20.27 11.89 -3.46
CA SER A 85 21.07 11.95 -2.22
C SER A 85 22.29 11.02 -2.34
N TYR A 86 23.39 11.44 -1.70
CA TYR A 86 24.67 10.69 -1.68
C TYR A 86 24.72 9.74 -0.47
N GLY A 87 25.81 8.95 -0.40
CA GLY A 87 25.97 7.92 0.63
C GLY A 87 25.36 6.59 0.19
N PHE A 88 24.03 6.50 0.29
CA PHE A 88 23.27 5.32 -0.15
C PHE A 88 22.98 5.43 -1.65
N GLY A 89 23.68 4.60 -2.45
CA GLY A 89 23.60 4.63 -3.91
C GLY A 89 24.99 4.47 -4.52
N GLU A 90 25.52 3.25 -4.47
CA GLU A 90 26.93 2.94 -4.81
C GLU A 90 27.02 1.56 -5.51
N GLU A 91 26.02 1.26 -6.35
CA GLU A 91 25.98 0.00 -7.13
C GLU A 91 27.01 0.09 -8.29
N GLY A 92 28.29 -0.11 -7.95
CA GLY A 92 29.40 0.06 -8.89
C GLY A 92 30.33 -1.13 -8.91
N GLU A 93 29.74 -2.33 -8.71
CA GLU A 93 30.47 -3.60 -8.66
C GLU A 93 30.82 -4.12 -10.08
N GLY A 94 30.25 -3.48 -11.11
CA GLY A 94 30.53 -3.82 -12.50
C GLY A 94 31.98 -3.46 -12.89
N SER A 95 32.90 -4.37 -12.54
CA SER A 95 34.35 -4.19 -12.66
C SER A 95 34.78 -3.90 -14.12
N GLN A 1 -20.20 6.59 13.23
CA GLN A 1 -18.86 6.73 12.61
C GLN A 1 -18.83 7.88 11.61
N GLY A 2 -17.63 8.38 11.33
CA GLY A 2 -17.41 9.46 10.37
C GLY A 2 -16.00 9.40 9.78
N HIS A 3 -14.99 9.52 10.67
CA HIS A 3 -13.58 9.44 10.28
C HIS A 3 -13.13 7.96 10.22
N MET A 4 -13.03 7.42 9.00
CA MET A 4 -12.38 6.13 8.74
C MET A 4 -10.86 6.31 8.93
N ASP A 5 -10.35 7.41 8.32
CA ASP A 5 -8.98 7.93 8.50
C ASP A 5 -7.92 6.90 8.09
N LEU A 6 -7.46 6.99 6.82
CA LEU A 6 -6.57 5.98 6.21
C LEU A 6 -5.08 6.40 6.24
N ILE A 7 -4.76 7.49 6.97
CA ILE A 7 -3.39 8.10 6.96
C ILE A 7 -2.32 7.16 7.61
N CYS A 8 -2.62 6.61 8.79
CA CYS A 8 -1.66 5.84 9.62
C CYS A 8 -2.19 4.43 9.94
N MET A 9 -2.92 3.85 8.97
CA MET A 9 -3.50 2.50 9.08
C MET A 9 -2.41 1.42 9.23
N TYR A 10 -2.43 0.71 10.37
CA TYR A 10 -1.51 -0.40 10.66
C TYR A 10 -2.06 -1.70 10.04
N VAL A 11 -1.29 -2.32 9.16
CA VAL A 11 -1.70 -3.53 8.42
C VAL A 11 -1.39 -4.80 9.23
N PHE A 12 -2.42 -5.62 9.47
CA PHE A 12 -2.33 -6.88 10.22
C PHE A 12 -2.69 -8.07 9.32
N LYS A 13 -1.77 -9.05 9.21
CA LYS A 13 -2.00 -10.28 8.44
C LYS A 13 -2.78 -11.25 9.33
N GLY A 14 -4.11 -11.22 9.18
CA GLY A 14 -5.02 -11.87 10.12
C GLY A 14 -5.11 -11.04 11.38
N GLU A 15 -4.37 -11.47 12.43
CA GLU A 15 -4.30 -10.75 13.71
C GLU A 15 -2.84 -10.38 14.09
N GLU A 16 -1.84 -10.76 13.24
CA GLU A 16 -0.41 -10.47 13.55
C GLU A 16 0.01 -9.11 12.95
N SER A 17 0.95 -8.44 13.64
CA SER A 17 1.54 -7.17 13.19
C SER A 17 2.37 -7.39 11.92
N PHE A 18 1.77 -7.12 10.75
CA PHE A 18 2.42 -7.37 9.45
C PHE A 18 3.30 -6.18 9.06
N GLY A 19 2.69 -4.98 9.07
CA GLY A 19 3.35 -3.76 8.63
C GLY A 19 2.47 -2.53 8.79
N GLU A 20 2.69 -1.51 7.94
CA GLU A 20 1.98 -0.23 8.00
C GLU A 20 1.70 0.28 6.58
N SER A 21 0.47 0.74 6.33
CA SER A 21 0.07 1.36 5.07
C SER A 21 0.83 2.70 4.93
N ILE A 22 1.85 2.73 4.06
CA ILE A 22 2.73 3.90 3.85
C ILE A 22 2.31 4.64 2.56
N ASP A 23 1.86 3.88 1.56
CA ASP A 23 1.46 4.44 0.25
C ASP A 23 0.50 3.46 -0.47
N VAL A 24 0.01 3.85 -1.66
CA VAL A 24 -0.79 2.99 -2.53
C VAL A 24 -0.66 3.48 -3.99
N TYR A 25 -0.61 2.53 -4.93
CA TYR A 25 -0.61 2.83 -6.38
C TYR A 25 -1.51 1.78 -7.09
N GLY A 26 -2.46 2.27 -7.90
CA GLY A 26 -3.37 1.41 -8.67
C GLY A 26 -4.22 0.49 -7.81
N ASP A 27 -3.86 -0.82 -7.79
CA ASP A 27 -4.61 -1.88 -7.07
C ASP A 27 -3.76 -2.53 -5.96
N TYR A 28 -2.60 -1.92 -5.63
CA TYR A 28 -1.66 -2.49 -4.65
C TYR A 28 -1.37 -1.47 -3.54
N LEU A 29 -1.77 -1.81 -2.31
CA LEU A 29 -1.48 -1.02 -1.10
C LEU A 29 -0.04 -1.30 -0.65
N ILE A 30 0.82 -0.27 -0.76
CA ILE A 30 2.23 -0.36 -0.35
C ILE A 30 2.30 -0.39 1.19
N VAL A 31 2.67 -1.56 1.71
CA VAL A 31 2.82 -1.81 3.14
C VAL A 31 4.31 -1.92 3.49
N LYS A 32 4.80 -0.95 4.29
CA LYS A 32 6.17 -0.97 4.81
C LYS A 32 6.27 -2.01 5.93
N VAL A 33 6.98 -3.11 5.64
CA VAL A 33 7.22 -4.22 6.57
C VAL A 33 8.69 -4.20 7.07
N GLY A 34 8.95 -3.41 8.12
CA GLY A 34 10.26 -3.33 8.76
C GLY A 34 11.31 -2.64 7.89
N THR A 35 11.91 -3.41 6.96
CA THR A 35 13.00 -2.94 6.08
C THR A 35 12.54 -2.83 4.60
N GLU A 36 11.53 -3.63 4.20
CA GLU A 36 11.07 -3.72 2.79
C GLU A 36 9.68 -3.12 2.61
N PHE A 37 9.32 -2.81 1.35
CA PHE A 37 7.96 -2.40 0.96
C PHE A 37 7.33 -3.56 0.15
N LEU A 38 6.35 -4.25 0.75
CA LEU A 38 5.58 -5.31 0.07
C LEU A 38 4.18 -4.76 -0.27
N ALA A 39 3.88 -4.74 -1.57
CA ALA A 39 2.63 -4.19 -2.10
C ALA A 39 1.52 -5.25 -2.04
N VAL A 40 0.70 -5.16 -0.99
CA VAL A 40 -0.45 -6.06 -0.78
C VAL A 40 -1.64 -5.62 -1.67
N PRO A 41 -2.08 -6.48 -2.66
CA PRO A 41 -3.27 -6.21 -3.49
C PRO A 41 -4.54 -5.92 -2.65
N LYS A 42 -5.40 -5.02 -3.16
CA LYS A 42 -6.64 -4.59 -2.50
C LYS A 42 -7.69 -5.72 -2.46
N LYS A 43 -7.55 -6.71 -3.35
CA LYS A 43 -8.40 -7.92 -3.36
C LYS A 43 -8.02 -8.89 -2.21
N SER A 44 -6.86 -8.65 -1.59
CA SER A 44 -6.34 -9.47 -0.47
C SER A 44 -6.71 -8.87 0.90
N ILE A 45 -7.49 -7.77 0.92
CA ILE A 45 -7.95 -7.14 2.17
C ILE A 45 -9.19 -7.89 2.70
N LYS A 46 -9.11 -8.41 3.94
CA LYS A 46 -10.24 -9.05 4.63
C LYS A 46 -11.26 -7.98 5.07
N SER A 47 -10.78 -6.93 5.76
CA SER A 47 -11.61 -5.82 6.27
C SER A 47 -10.73 -4.64 6.69
N VAL A 48 -11.28 -3.42 6.56
CA VAL A 48 -10.67 -2.18 7.06
C VAL A 48 -11.32 -1.85 8.43
N GLU A 49 -10.53 -1.96 9.51
CA GLU A 49 -10.98 -1.60 10.87
C GLU A 49 -10.64 -0.13 11.19
N ASP A 50 -11.03 0.30 12.41
CA ASP A 50 -10.90 1.69 12.93
C ASP A 50 -9.55 2.36 12.54
N GLY A 51 -8.44 1.69 12.86
CA GLY A 51 -7.10 2.14 12.46
C GLY A 51 -6.23 0.97 12.03
N ARG A 52 -6.88 -0.05 11.41
CA ARG A 52 -6.22 -1.32 11.03
C ARG A 52 -6.65 -1.72 9.61
N ILE A 53 -5.74 -2.37 8.87
CA ILE A 53 -6.07 -3.04 7.60
C ILE A 53 -5.81 -4.54 7.79
N VAL A 54 -6.88 -5.30 7.99
CA VAL A 54 -6.80 -6.77 8.12
C VAL A 54 -6.71 -7.35 6.71
N ILE A 55 -5.58 -7.98 6.40
CA ILE A 55 -5.34 -8.68 5.13
C ILE A 55 -5.30 -10.20 5.40
N GLY A 56 -5.53 -10.99 4.35
CA GLY A 56 -5.44 -12.44 4.44
C GLY A 56 -4.04 -12.91 4.11
N GLU A 57 -3.77 -13.01 2.82
CA GLU A 57 -2.46 -13.38 2.28
C GLU A 57 -2.36 -12.92 0.83
N PHE A 58 -1.18 -13.13 0.26
CA PHE A 58 -0.85 -12.75 -1.11
C PHE A 58 0.42 -13.49 -1.52
N ASP A 59 0.72 -13.51 -2.82
CA ASP A 59 1.95 -14.10 -3.34
C ASP A 59 3.09 -13.09 -3.19
N GLU A 60 4.01 -13.39 -2.24
CA GLU A 60 5.10 -12.47 -1.86
C GLU A 60 6.14 -12.28 -2.98
N GLU A 61 6.20 -13.21 -3.95
CA GLU A 61 7.09 -13.10 -5.11
C GLU A 61 6.60 -11.96 -6.03
N GLU A 62 5.27 -11.91 -6.25
CA GLU A 62 4.62 -10.83 -7.03
C GLU A 62 4.80 -9.49 -6.30
N ALA A 63 4.36 -9.42 -5.03
CA ALA A 63 4.40 -8.19 -4.20
C ALA A 63 5.82 -7.61 -4.07
N ARG A 64 6.82 -8.49 -4.21
CA ARG A 64 8.24 -8.12 -4.22
C ARG A 64 8.60 -7.36 -5.50
N GLU A 65 8.26 -7.96 -6.67
CA GLU A 65 8.70 -7.44 -7.99
C GLU A 65 7.90 -6.19 -8.42
N LEU A 66 6.59 -6.17 -8.14
CA LEU A 66 5.75 -4.99 -8.41
C LEU A 66 5.90 -3.96 -7.27
N GLY A 67 6.26 -4.45 -6.07
CA GLY A 67 6.59 -3.57 -4.94
C GLY A 67 7.85 -2.74 -5.21
N ARG A 68 8.89 -3.39 -5.75
CA ARG A 68 10.17 -2.73 -6.12
C ARG A 68 10.00 -1.88 -7.39
N LYS A 69 8.97 -2.21 -8.19
CA LYS A 69 8.53 -1.38 -9.33
C LYS A 69 7.95 -0.05 -8.80
N TRP A 70 7.32 -0.09 -7.60
CA TRP A 70 6.87 1.13 -6.90
C TRP A 70 8.10 1.91 -6.39
N LEU A 71 9.14 1.20 -5.93
CA LEU A 71 10.43 1.85 -5.58
C LEU A 71 11.01 2.58 -6.81
N GLU A 72 10.71 2.06 -8.02
CA GLU A 72 11.08 2.73 -9.29
C GLU A 72 10.15 3.94 -9.57
N GLU A 73 8.88 3.85 -9.15
CA GLU A 73 7.87 4.94 -9.29
C GLU A 73 8.24 6.16 -8.42
N LYS A 74 8.80 5.92 -7.23
CA LYS A 74 9.28 6.99 -6.33
C LYS A 74 10.70 7.47 -6.76
N SER A 75 11.21 6.87 -7.86
CA SER A 75 12.49 7.19 -8.51
C SER A 75 13.68 6.63 -7.71
N LYS A 76 14.12 5.42 -8.09
CA LYS A 76 15.40 4.85 -7.63
C LYS A 76 16.58 5.62 -8.28
N PRO A 77 17.76 5.75 -7.56
CA PRO A 77 19.02 6.27 -8.16
C PRO A 77 19.65 5.27 -9.17
N VAL A 78 20.95 5.45 -9.46
CA VAL A 78 21.74 4.54 -10.32
C VAL A 78 22.29 3.32 -9.52
N THR A 79 21.46 2.81 -8.60
CA THR A 79 21.82 1.75 -7.65
C THR A 79 22.13 0.43 -8.38
N LEU A 80 21.20 0.00 -9.25
CA LEU A 80 21.32 -1.29 -9.98
C LEU A 80 20.98 -1.13 -11.47
N GLU A 81 21.61 -1.97 -12.28
CA GLU A 81 21.38 -2.09 -13.73
C GLU A 81 20.30 -3.16 -14.01
N GLU A 82 20.13 -4.05 -13.03
CA GLU A 82 19.38 -5.32 -13.14
C GLU A 82 17.90 -5.14 -13.54
N LEU A 83 17.21 -4.11 -13.00
CA LEU A 83 15.77 -3.89 -13.27
C LEU A 83 15.56 -3.28 -14.69
N LYS A 84 16.56 -2.50 -15.18
CA LYS A 84 16.44 -1.72 -16.44
C LYS A 84 16.26 -2.65 -17.67
N SER A 85 15.00 -2.93 -18.02
CA SER A 85 14.64 -3.76 -19.18
C SER A 85 13.31 -3.26 -19.75
N TYR A 86 12.20 -3.50 -19.02
CA TYR A 86 10.84 -3.10 -19.43
C TYR A 86 10.04 -2.63 -18.20
N GLY A 87 9.12 -1.68 -18.43
CA GLY A 87 8.28 -1.11 -17.37
C GLY A 87 6.90 -0.78 -17.90
N PHE A 88 6.12 -1.84 -18.18
CA PHE A 88 4.73 -1.72 -18.67
C PHE A 88 3.81 -1.26 -17.52
N GLY A 89 3.33 -0.02 -17.62
CA GLY A 89 2.51 0.59 -16.58
C GLY A 89 1.82 1.85 -17.04
N GLU A 90 2.49 2.60 -17.94
CA GLU A 90 1.92 3.81 -18.57
C GLU A 90 0.68 3.42 -19.41
N GLU A 91 -0.51 3.59 -18.80
CA GLU A 91 -1.80 3.19 -19.40
C GLU A 91 -2.95 3.94 -18.72
N GLY A 92 -3.96 4.33 -19.52
CA GLY A 92 -5.17 4.99 -19.02
C GLY A 92 -5.51 6.21 -19.88
N GLU A 93 -6.52 6.08 -20.73
CA GLU A 93 -6.93 7.14 -21.68
C GLU A 93 -7.73 8.25 -20.98
N GLY A 94 -7.32 9.50 -21.23
CA GLY A 94 -7.97 10.67 -20.67
C GLY A 94 -7.26 11.96 -21.10
N SER A 95 -8.04 12.95 -21.57
CA SER A 95 -7.53 14.26 -22.00
C SER A 95 -7.54 15.24 -20.80
N GLN A 1 -17.47 1.98 0.14
CA GLN A 1 -16.59 2.97 -0.54
C GLN A 1 -15.57 3.54 0.46
N GLY A 2 -14.30 3.13 0.29
CA GLY A 2 -13.19 3.70 1.04
C GLY A 2 -12.71 4.99 0.41
N HIS A 3 -11.82 4.87 -0.62
CA HIS A 3 -11.32 6.00 -1.44
C HIS A 3 -10.53 7.03 -0.59
N MET A 4 -10.11 6.61 0.62
CA MET A 4 -9.36 7.45 1.57
C MET A 4 -7.85 7.22 1.43
N ASP A 5 -7.06 7.97 2.22
CA ASP A 5 -5.59 7.93 2.19
C ASP A 5 -5.04 6.51 2.48
N LEU A 6 -5.58 5.90 3.57
CA LEU A 6 -5.23 4.53 4.04
C LEU A 6 -3.76 4.42 4.53
N ILE A 7 -3.05 5.57 4.59
CA ILE A 7 -1.60 5.64 4.91
C ILE A 7 -1.36 5.46 6.43
N CYS A 8 -2.24 6.10 7.23
CA CYS A 8 -2.13 6.11 8.71
C CYS A 8 -2.93 4.94 9.30
N MET A 9 -2.68 3.73 8.76
CA MET A 9 -3.34 2.48 9.20
C MET A 9 -2.30 1.35 9.28
N TYR A 10 -2.34 0.61 10.40
CA TYR A 10 -1.44 -0.53 10.66
C TYR A 10 -1.99 -1.80 9.98
N VAL A 11 -1.17 -2.42 9.12
CA VAL A 11 -1.58 -3.59 8.33
C VAL A 11 -1.38 -4.88 9.14
N PHE A 12 -2.50 -5.45 9.61
CA PHE A 12 -2.53 -6.74 10.31
C PHE A 12 -2.97 -7.86 9.35
N LYS A 13 -2.14 -8.89 9.22
CA LYS A 13 -2.49 -10.11 8.50
C LYS A 13 -3.39 -10.97 9.42
N GLY A 14 -4.70 -10.73 9.31
CA GLY A 14 -5.68 -11.30 10.23
C GLY A 14 -5.56 -10.67 11.61
N GLU A 15 -4.83 -11.35 12.51
CA GLU A 15 -4.56 -10.87 13.87
C GLU A 15 -3.08 -10.43 14.01
N GLU A 16 -2.17 -11.10 13.27
CA GLU A 16 -0.71 -10.84 13.39
C GLU A 16 -0.34 -9.51 12.72
N SER A 17 0.59 -8.76 13.32
CA SER A 17 1.06 -7.49 12.76
C SER A 17 2.03 -7.77 11.59
N PHE A 18 1.53 -7.57 10.35
CA PHE A 18 2.31 -7.82 9.13
C PHE A 18 3.31 -6.67 8.92
N GLY A 19 2.78 -5.45 8.92
CA GLY A 19 3.58 -4.24 8.71
C GLY A 19 2.73 -2.98 8.85
N GLU A 20 3.25 -1.86 8.34
CA GLU A 20 2.56 -0.56 8.40
C GLU A 20 2.36 -0.05 6.96
N SER A 21 1.22 0.63 6.70
CA SER A 21 0.95 1.23 5.39
C SER A 21 1.80 2.52 5.24
N ILE A 22 2.19 2.80 3.99
CA ILE A 22 2.98 4.00 3.64
C ILE A 22 2.31 4.69 2.44
N ASP A 23 1.67 3.89 1.55
CA ASP A 23 1.00 4.41 0.34
C ASP A 23 0.06 3.34 -0.26
N VAL A 24 -0.78 3.76 -1.22
CA VAL A 24 -1.64 2.86 -2.01
C VAL A 24 -1.87 3.49 -3.40
N TYR A 25 -1.86 2.65 -4.46
CA TYR A 25 -2.18 3.06 -5.83
C TYR A 25 -2.90 1.90 -6.56
N GLY A 26 -3.96 2.24 -7.30
CA GLY A 26 -4.72 1.28 -8.10
C GLY A 26 -5.33 0.14 -7.30
N ASP A 27 -4.74 -1.06 -7.46
CA ASP A 27 -5.20 -2.30 -6.81
C ASP A 27 -4.14 -2.82 -5.82
N TYR A 28 -3.20 -1.96 -5.37
CA TYR A 28 -2.05 -2.38 -4.55
C TYR A 28 -1.77 -1.39 -3.40
N LEU A 29 -1.89 -1.89 -2.16
CA LEU A 29 -1.51 -1.17 -0.95
C LEU A 29 -0.01 -1.42 -0.65
N ILE A 30 0.80 -0.36 -0.69
CA ILE A 30 2.23 -0.43 -0.36
C ILE A 30 2.41 -0.46 1.17
N VAL A 31 2.87 -1.61 1.67
CA VAL A 31 3.11 -1.88 3.09
C VAL A 31 4.62 -2.00 3.36
N LYS A 32 5.14 -1.19 4.29
CA LYS A 32 6.51 -1.33 4.82
C LYS A 32 6.58 -2.54 5.76
N VAL A 33 7.52 -3.46 5.44
CA VAL A 33 7.84 -4.65 6.23
C VAL A 33 9.38 -4.79 6.34
N GLY A 34 9.92 -4.52 7.55
CA GLY A 34 11.37 -4.55 7.80
C GLY A 34 12.10 -3.38 7.11
N THR A 35 12.81 -3.69 6.01
CA THR A 35 13.54 -2.70 5.18
C THR A 35 12.85 -2.54 3.80
N GLU A 36 11.83 -3.38 3.55
CA GLU A 36 11.24 -3.57 2.21
C GLU A 36 9.84 -2.96 2.13
N PHE A 37 9.34 -2.80 0.90
CA PHE A 37 7.97 -2.36 0.61
C PHE A 37 7.29 -3.43 -0.26
N LEU A 38 6.31 -4.14 0.33
CA LEU A 38 5.51 -5.17 -0.36
C LEU A 38 4.13 -4.60 -0.70
N ALA A 39 3.84 -4.53 -2.01
CA ALA A 39 2.54 -4.09 -2.52
C ALA A 39 1.50 -5.21 -2.39
N VAL A 40 0.80 -5.22 -1.25
CA VAL A 40 -0.25 -6.20 -0.96
C VAL A 40 -1.51 -5.85 -1.79
N PRO A 41 -1.98 -6.77 -2.70
CA PRO A 41 -3.16 -6.52 -3.55
C PRO A 41 -4.43 -6.29 -2.70
N LYS A 42 -5.31 -5.40 -3.18
CA LYS A 42 -6.56 -5.00 -2.48
C LYS A 42 -7.51 -6.18 -2.26
N LYS A 43 -7.39 -7.21 -3.10
CA LYS A 43 -8.17 -8.46 -2.99
C LYS A 43 -7.69 -9.34 -1.81
N SER A 44 -6.44 -9.12 -1.35
CA SER A 44 -5.90 -9.76 -0.14
C SER A 44 -6.44 -9.07 1.13
N ILE A 45 -6.76 -7.76 1.01
CA ILE A 45 -7.38 -6.98 2.11
C ILE A 45 -8.78 -7.57 2.37
N LYS A 46 -8.95 -8.14 3.58
CA LYS A 46 -10.24 -8.67 4.06
C LYS A 46 -11.22 -7.51 4.31
N SER A 47 -10.78 -6.53 5.11
CA SER A 47 -11.59 -5.36 5.48
C SER A 47 -10.69 -4.21 5.96
N VAL A 48 -11.09 -2.96 5.62
CA VAL A 48 -10.50 -1.73 6.18
C VAL A 48 -11.22 -1.40 7.51
N GLU A 49 -10.44 -1.43 8.60
CA GLU A 49 -10.94 -1.23 9.97
C GLU A 49 -10.48 0.14 10.53
N ASP A 50 -10.90 0.46 11.77
CA ASP A 50 -10.54 1.72 12.45
C ASP A 50 -9.02 1.75 12.74
N GLY A 51 -8.25 2.38 11.84
CA GLY A 51 -6.80 2.48 11.99
C GLY A 51 -6.06 1.18 11.68
N ARG A 52 -6.78 0.22 11.07
CA ARG A 52 -6.23 -1.09 10.70
C ARG A 52 -6.55 -1.40 9.24
N ILE A 53 -5.65 -2.16 8.61
CA ILE A 53 -5.89 -2.83 7.34
C ILE A 53 -5.73 -4.34 7.59
N VAL A 54 -6.84 -5.07 7.67
CA VAL A 54 -6.81 -6.52 7.84
C VAL A 54 -6.65 -7.17 6.46
N ILE A 55 -5.50 -7.81 6.23
CA ILE A 55 -5.20 -8.60 5.02
C ILE A 55 -5.16 -10.10 5.39
N GLY A 56 -4.91 -10.96 4.38
CA GLY A 56 -4.73 -12.40 4.64
C GLY A 56 -3.70 -13.01 3.71
N GLU A 57 -4.16 -13.89 2.81
CA GLU A 57 -3.30 -14.70 1.95
C GLU A 57 -2.99 -13.96 0.64
N PHE A 58 -1.72 -14.02 0.24
CA PHE A 58 -1.21 -13.45 -1.02
C PHE A 58 0.21 -14.00 -1.26
N ASP A 59 0.79 -13.69 -2.41
CA ASP A 59 2.17 -14.09 -2.74
C ASP A 59 3.09 -12.88 -2.50
N GLU A 60 4.06 -13.06 -1.58
CA GLU A 60 4.98 -11.99 -1.13
C GLU A 60 5.94 -11.56 -2.25
N GLU A 61 6.27 -12.49 -3.17
CA GLU A 61 7.24 -12.22 -4.26
C GLU A 61 6.62 -11.32 -5.34
N GLU A 62 5.32 -11.52 -5.61
CA GLU A 62 4.52 -10.61 -6.48
C GLU A 62 4.57 -9.20 -5.88
N ALA A 63 4.25 -9.15 -4.58
CA ALA A 63 4.22 -7.91 -3.79
C ALA A 63 5.62 -7.27 -3.68
N ARG A 64 6.67 -8.10 -3.68
CA ARG A 64 8.07 -7.64 -3.53
C ARG A 64 8.56 -6.99 -4.82
N GLU A 65 8.36 -7.68 -5.96
CA GLU A 65 8.87 -7.22 -7.28
C GLU A 65 8.09 -5.98 -7.77
N LEU A 66 6.78 -5.98 -7.52
CA LEU A 66 5.88 -4.87 -7.92
C LEU A 66 5.91 -3.77 -6.82
N GLY A 67 6.34 -4.14 -5.60
CA GLY A 67 6.57 -3.18 -4.53
C GLY A 67 7.85 -2.38 -4.75
N ARG A 68 8.91 -3.07 -5.21
CA ARG A 68 10.19 -2.43 -5.57
C ARG A 68 10.03 -1.70 -6.92
N LYS A 69 8.97 -2.07 -7.67
CA LYS A 69 8.54 -1.34 -8.87
C LYS A 69 8.05 0.07 -8.47
N TRP A 70 7.32 0.15 -7.33
CA TRP A 70 6.87 1.43 -6.72
C TRP A 70 8.07 2.32 -6.34
N LEU A 71 9.13 1.71 -5.76
CA LEU A 71 10.41 2.41 -5.51
C LEU A 71 11.02 2.91 -6.84
N GLU A 72 10.87 2.09 -7.90
CA GLU A 72 11.37 2.40 -9.26
C GLU A 72 10.48 3.46 -9.96
N GLU A 73 9.19 3.57 -9.54
CA GLU A 73 8.26 4.61 -10.05
C GLU A 73 8.77 6.01 -9.62
N LYS A 74 9.30 6.08 -8.39
CA LYS A 74 9.96 7.29 -7.86
C LYS A 74 11.44 7.33 -8.29
N SER A 75 11.94 6.16 -8.67
CA SER A 75 13.29 5.96 -9.25
C SER A 75 14.38 6.24 -8.21
N LYS A 76 14.25 5.57 -7.05
CA LYS A 76 15.17 5.78 -5.92
C LYS A 76 16.56 5.17 -6.20
N PRO A 77 17.66 5.97 -6.06
CA PRO A 77 19.02 5.58 -6.50
C PRO A 77 19.77 4.67 -5.49
N VAL A 78 21.11 4.66 -5.61
CA VAL A 78 22.03 3.88 -4.75
C VAL A 78 21.88 4.29 -3.26
N THR A 79 21.01 3.55 -2.54
CA THR A 79 20.75 3.77 -1.09
C THR A 79 20.36 2.44 -0.38
N LEU A 80 20.28 1.34 -1.15
CA LEU A 80 19.74 0.06 -0.65
C LEU A 80 20.84 -0.77 0.07
N GLU A 81 21.97 -0.95 -0.61
CA GLU A 81 23.17 -1.60 -0.04
C GLU A 81 23.73 -0.82 1.16
N GLU A 82 23.51 0.52 1.13
CA GLU A 82 24.00 1.46 2.17
C GLU A 82 23.45 1.12 3.57
N LEU A 83 22.15 0.73 3.63
CA LEU A 83 21.48 0.40 4.91
C LEU A 83 21.73 -1.07 5.34
N LYS A 84 22.52 -1.80 4.53
CA LYS A 84 22.97 -3.18 4.85
C LYS A 84 24.45 -3.13 5.29
N SER A 85 24.72 -2.29 6.32
CA SER A 85 26.08 -1.98 6.80
C SER A 85 26.78 -3.20 7.47
N TYR A 86 25.99 -4.19 7.90
CA TYR A 86 26.51 -5.44 8.51
C TYR A 86 27.22 -6.34 7.46
N GLY A 87 26.83 -6.17 6.18
CA GLY A 87 27.37 -6.97 5.07
C GLY A 87 26.82 -8.40 5.09
N PHE A 88 27.69 -9.37 5.48
CA PHE A 88 27.31 -10.79 5.64
C PHE A 88 28.31 -11.49 6.60
N GLY A 89 27.95 -12.70 7.05
CA GLY A 89 28.79 -13.47 7.98
C GLY A 89 27.96 -14.45 8.81
N GLU A 90 26.87 -13.95 9.39
CA GLU A 90 25.91 -14.75 10.20
C GLU A 90 24.79 -15.37 9.34
N GLU A 91 24.85 -15.11 8.02
CA GLU A 91 23.83 -15.58 7.07
C GLU A 91 23.92 -17.12 6.92
N GLY A 92 22.86 -17.82 7.38
CA GLY A 92 22.87 -19.28 7.42
C GLY A 92 21.48 -19.88 7.61
N GLU A 93 21.34 -20.75 8.63
CA GLU A 93 20.12 -21.56 8.87
C GLU A 93 18.93 -20.69 9.34
N GLY A 94 19.24 -19.64 10.15
CA GLY A 94 18.23 -18.70 10.64
C GLY A 94 18.00 -17.58 9.65
N SER A 95 18.79 -16.51 9.77
CA SER A 95 18.77 -15.38 8.86
C SER A 95 20.17 -15.26 8.20
N GLN A 1 -7.79 10.85 11.00
CA GLN A 1 -6.75 11.89 11.07
C GLN A 1 -6.59 12.52 9.69
N GLY A 2 -6.86 13.84 9.60
CA GLY A 2 -6.87 14.57 8.33
C GLY A 2 -8.19 14.36 7.59
N HIS A 3 -8.13 13.66 6.43
CA HIS A 3 -9.33 13.37 5.62
C HIS A 3 -9.06 12.16 4.67
N MET A 4 -7.84 11.62 4.70
CA MET A 4 -7.46 10.45 3.87
C MET A 4 -7.79 9.15 4.63
N ASP A 5 -7.08 8.94 5.77
CA ASP A 5 -7.25 7.77 6.67
C ASP A 5 -7.00 6.42 5.96
N LEU A 6 -6.32 6.46 4.79
CA LEU A 6 -5.94 5.26 4.03
C LEU A 6 -4.55 4.75 4.47
N ILE A 7 -3.73 5.69 4.95
CA ILE A 7 -2.34 5.45 5.35
C ILE A 7 -2.15 5.58 6.88
N CYS A 8 -0.91 5.31 7.34
CA CYS A 8 -0.49 5.36 8.76
C CYS A 8 -1.18 4.29 9.65
N MET A 9 -2.01 3.42 9.04
CA MET A 9 -2.78 2.39 9.77
C MET A 9 -1.99 1.08 9.82
N TYR A 10 -2.16 0.37 10.95
CA TYR A 10 -1.35 -0.80 11.29
C TYR A 10 -1.93 -2.07 10.63
N VAL A 11 -1.21 -2.57 9.62
CA VAL A 11 -1.64 -3.69 8.79
C VAL A 11 -1.37 -5.04 9.51
N PHE A 12 -2.45 -5.78 9.78
CA PHE A 12 -2.41 -7.12 10.35
C PHE A 12 -2.90 -8.14 9.32
N LYS A 13 -2.02 -9.07 8.93
CA LYS A 13 -2.34 -10.16 8.01
C LYS A 13 -3.11 -11.25 8.78
N GLY A 14 -4.45 -11.12 8.76
CA GLY A 14 -5.31 -11.94 9.60
C GLY A 14 -5.24 -11.46 11.05
N GLU A 15 -4.31 -12.07 11.81
CA GLU A 15 -4.05 -11.71 13.22
C GLU A 15 -2.58 -11.22 13.41
N GLU A 16 -1.66 -11.64 12.51
CA GLU A 16 -0.21 -11.39 12.66
C GLU A 16 0.13 -9.94 12.25
N SER A 17 1.04 -9.30 12.99
CA SER A 17 1.53 -7.95 12.69
C SER A 17 2.37 -7.99 11.40
N PHE A 18 1.74 -7.61 10.27
CA PHE A 18 2.39 -7.62 8.96
C PHE A 18 3.30 -6.39 8.81
N GLY A 19 2.68 -5.19 8.95
CA GLY A 19 3.40 -3.92 8.77
C GLY A 19 2.48 -2.71 8.96
N GLU A 20 2.63 -1.70 8.06
CA GLU A 20 1.85 -0.45 8.11
C GLU A 20 1.63 0.10 6.68
N SER A 21 0.40 0.56 6.40
CA SER A 21 0.03 1.14 5.10
C SER A 21 0.69 2.52 4.96
N ILE A 22 1.70 2.62 4.09
CA ILE A 22 2.48 3.87 3.88
C ILE A 22 1.95 4.64 2.66
N ASP A 23 1.46 3.90 1.64
CA ASP A 23 1.02 4.49 0.36
C ASP A 23 0.08 3.51 -0.40
N VAL A 24 -0.43 3.92 -1.58
CA VAL A 24 -1.26 3.08 -2.46
C VAL A 24 -1.12 3.59 -3.93
N TYR A 25 -1.03 2.67 -4.90
CA TYR A 25 -1.02 3.00 -6.35
C TYR A 25 -1.83 1.94 -7.12
N GLY A 26 -2.73 2.40 -8.01
CA GLY A 26 -3.43 1.51 -8.96
C GLY A 26 -4.25 0.42 -8.27
N ASP A 27 -3.71 -0.80 -8.30
CA ASP A 27 -4.36 -2.03 -7.81
C ASP A 27 -3.63 -2.62 -6.59
N TYR A 28 -2.75 -1.83 -5.92
CA TYR A 28 -1.89 -2.33 -4.82
C TYR A 28 -1.73 -1.29 -3.69
N LEU A 29 -2.06 -1.72 -2.45
CA LEU A 29 -1.79 -0.96 -1.23
C LEU A 29 -0.33 -1.19 -0.79
N ILE A 30 0.50 -0.14 -0.88
CA ILE A 30 1.91 -0.19 -0.45
C ILE A 30 1.98 -0.28 1.09
N VAL A 31 2.45 -1.42 1.60
CA VAL A 31 2.66 -1.63 3.03
C VAL A 31 4.16 -1.76 3.33
N LYS A 32 4.68 -0.83 4.13
CA LYS A 32 6.09 -0.82 4.57
C LYS A 32 6.30 -1.85 5.69
N VAL A 33 7.28 -2.75 5.47
CA VAL A 33 7.64 -3.83 6.39
C VAL A 33 9.19 -3.85 6.59
N GLY A 34 9.68 -2.87 7.38
CA GLY A 34 11.09 -2.80 7.81
C GLY A 34 12.10 -2.67 6.67
N THR A 35 12.44 -3.81 6.05
CA THR A 35 13.39 -3.90 4.94
C THR A 35 12.83 -3.27 3.64
N GLU A 36 11.59 -3.66 3.27
CA GLU A 36 11.04 -3.35 1.92
C GLU A 36 9.57 -2.92 1.97
N PHE A 37 9.05 -2.57 0.78
CA PHE A 37 7.64 -2.21 0.57
C PHE A 37 6.96 -3.37 -0.14
N LEU A 38 6.08 -4.09 0.60
CA LEU A 38 5.26 -5.17 0.03
C LEU A 38 3.89 -4.58 -0.32
N ALA A 39 3.69 -4.41 -1.63
CA ALA A 39 2.46 -3.87 -2.19
C ALA A 39 1.38 -4.94 -2.24
N VAL A 40 0.56 -4.96 -1.19
CA VAL A 40 -0.53 -5.94 -1.02
C VAL A 40 -1.65 -5.68 -2.04
N PRO A 41 -2.06 -6.70 -2.87
CA PRO A 41 -3.20 -6.56 -3.83
C PRO A 41 -4.51 -6.17 -3.08
N LYS A 42 -5.33 -5.29 -3.71
CA LYS A 42 -6.53 -4.69 -3.05
C LYS A 42 -7.57 -5.76 -2.63
N LYS A 43 -7.70 -6.84 -3.42
CA LYS A 43 -8.63 -7.95 -3.10
C LYS A 43 -8.16 -8.74 -1.85
N SER A 44 -6.86 -8.65 -1.52
CA SER A 44 -6.29 -9.34 -0.35
C SER A 44 -6.68 -8.63 0.96
N ILE A 45 -6.95 -7.30 0.91
CA ILE A 45 -7.43 -6.55 2.09
C ILE A 45 -8.83 -7.11 2.44
N LYS A 46 -8.92 -7.77 3.60
CA LYS A 46 -10.13 -8.46 4.06
C LYS A 46 -11.12 -7.45 4.66
N SER A 47 -10.60 -6.61 5.57
CA SER A 47 -11.40 -5.64 6.32
C SER A 47 -10.56 -4.39 6.63
N VAL A 48 -11.09 -3.22 6.27
CA VAL A 48 -10.56 -1.93 6.73
C VAL A 48 -11.23 -1.61 8.09
N GLU A 49 -10.44 -1.68 9.16
CA GLU A 49 -10.90 -1.52 10.55
C GLU A 49 -10.37 -0.20 11.15
N ASP A 50 -10.84 0.14 12.36
CA ASP A 50 -10.50 1.41 13.03
C ASP A 50 -9.00 1.44 13.41
N GLY A 51 -8.20 2.08 12.53
CA GLY A 51 -6.75 2.22 12.71
C GLY A 51 -5.96 0.95 12.37
N ARG A 52 -6.66 -0.08 11.86
CA ARG A 52 -6.08 -1.41 11.56
C ARG A 52 -6.50 -1.83 10.15
N ILE A 53 -5.56 -2.31 9.33
CA ILE A 53 -5.88 -2.86 7.99
C ILE A 53 -5.68 -4.39 8.02
N VAL A 54 -6.79 -5.14 8.09
CA VAL A 54 -6.74 -6.60 8.07
C VAL A 54 -6.63 -7.06 6.62
N ILE A 55 -5.49 -7.67 6.26
CA ILE A 55 -5.26 -8.26 4.93
C ILE A 55 -5.25 -9.80 5.06
N GLY A 56 -5.24 -10.50 3.93
CA GLY A 56 -5.38 -11.95 3.90
C GLY A 56 -4.12 -12.65 3.44
N GLU A 57 -4.29 -13.90 2.99
CA GLU A 57 -3.18 -14.72 2.46
C GLU A 57 -2.98 -14.40 0.97
N PHE A 58 -1.77 -13.93 0.65
CA PHE A 58 -1.33 -13.59 -0.71
C PHE A 58 0.15 -14.02 -0.83
N ASP A 59 0.69 -13.96 -2.04
CA ASP A 59 2.10 -14.28 -2.29
C ASP A 59 2.95 -13.01 -2.07
N GLU A 60 3.78 -13.02 -1.01
CA GLU A 60 4.60 -11.85 -0.60
C GLU A 60 5.73 -11.57 -1.60
N GLU A 61 6.14 -12.60 -2.35
CA GLU A 61 7.20 -12.49 -3.36
C GLU A 61 6.72 -11.63 -4.55
N GLU A 62 5.42 -11.79 -4.91
CA GLU A 62 4.74 -10.92 -5.89
C GLU A 62 4.75 -9.48 -5.37
N ALA A 63 4.23 -9.31 -4.13
CA ALA A 63 4.02 -8.00 -3.50
C ALA A 63 5.33 -7.18 -3.40
N ARG A 64 6.43 -7.87 -3.08
CA ARG A 64 7.73 -7.22 -2.87
C ARG A 64 8.33 -6.78 -4.20
N GLU A 65 8.30 -7.65 -5.24
CA GLU A 65 8.96 -7.38 -6.54
C GLU A 65 8.28 -6.20 -7.28
N LEU A 66 6.93 -6.16 -7.22
CA LEU A 66 6.15 -5.08 -7.84
C LEU A 66 6.10 -3.84 -6.91
N GLY A 67 6.45 -4.05 -5.62
CA GLY A 67 6.69 -2.96 -4.67
C GLY A 67 8.03 -2.26 -4.94
N ARG A 68 9.02 -3.05 -5.42
CA ARG A 68 10.34 -2.56 -5.87
C ARG A 68 10.22 -1.92 -7.27
N LYS A 69 9.24 -2.40 -8.06
CA LYS A 69 8.83 -1.75 -9.31
C LYS A 69 8.23 -0.36 -9.02
N TRP A 70 7.52 -0.27 -7.87
CA TRP A 70 6.97 1.01 -7.38
C TRP A 70 8.12 1.98 -7.01
N LEU A 71 9.20 1.44 -6.43
CA LEU A 71 10.44 2.20 -6.15
C LEU A 71 11.16 2.62 -7.46
N GLU A 72 10.97 1.82 -8.52
CA GLU A 72 11.56 2.07 -9.84
C GLU A 72 10.76 3.17 -10.61
N GLU A 73 9.42 3.12 -10.54
CA GLU A 73 8.52 4.00 -11.33
C GLU A 73 8.46 5.43 -10.76
N LYS A 74 8.58 5.54 -9.40
CA LYS A 74 8.60 6.85 -8.71
C LYS A 74 9.91 7.61 -9.02
N SER A 75 10.97 6.83 -9.37
CA SER A 75 12.29 7.37 -9.73
C SER A 75 12.19 8.25 -11.00
N LYS A 76 11.24 7.90 -11.90
CA LYS A 76 10.85 8.73 -13.04
C LYS A 76 9.78 9.75 -12.58
N PRO A 77 9.77 11.00 -13.15
CA PRO A 77 8.70 12.01 -12.85
C PRO A 77 7.31 11.50 -13.27
N VAL A 78 6.25 12.07 -12.65
CA VAL A 78 4.85 11.75 -12.98
C VAL A 78 4.54 12.23 -14.42
N THR A 79 4.80 11.34 -15.38
CA THR A 79 4.58 11.59 -16.81
C THR A 79 3.10 11.37 -17.17
N LEU A 80 2.42 10.43 -16.46
CA LEU A 80 0.98 10.18 -16.63
C LEU A 80 0.49 9.19 -15.53
N GLU A 81 -0.08 9.73 -14.42
CA GLU A 81 -0.61 8.91 -13.30
C GLU A 81 -2.13 8.67 -13.45
N GLU A 82 -2.77 9.39 -14.38
CA GLU A 82 -4.23 9.29 -14.59
C GLU A 82 -4.62 7.93 -15.19
N LEU A 83 -3.66 7.30 -15.92
CA LEU A 83 -3.83 5.94 -16.47
C LEU A 83 -3.71 4.88 -15.35
N LYS A 84 -3.04 5.25 -14.24
CA LYS A 84 -2.93 4.38 -13.04
C LYS A 84 -4.25 4.44 -12.23
N SER A 85 -4.96 5.57 -12.34
CA SER A 85 -6.28 5.78 -11.71
C SER A 85 -7.33 4.91 -12.44
N TYR A 86 -7.91 3.94 -11.72
CA TYR A 86 -8.86 2.97 -12.29
C TYR A 86 -10.26 3.59 -12.51
N GLY A 87 -10.90 3.16 -13.61
CA GLY A 87 -12.28 3.51 -13.93
C GLY A 87 -13.01 2.28 -14.44
N PHE A 88 -12.38 1.64 -15.47
CA PHE A 88 -12.72 0.28 -15.96
C PHE A 88 -14.12 0.26 -16.63
N GLY A 89 -14.67 1.45 -16.91
CA GLY A 89 -16.01 1.59 -17.47
C GLY A 89 -16.43 3.04 -17.50
N GLU A 90 -15.81 3.82 -18.42
CA GLU A 90 -16.09 5.25 -18.60
C GLU A 90 -17.37 5.44 -19.44
N GLU A 91 -18.51 5.08 -18.83
CA GLU A 91 -19.85 5.13 -19.44
C GLU A 91 -20.89 4.86 -18.35
N GLY A 92 -22.06 5.50 -18.46
CA GLY A 92 -23.15 5.30 -17.51
C GLY A 92 -24.51 5.61 -18.11
N GLU A 93 -25.53 4.81 -17.75
CA GLU A 93 -26.93 5.00 -18.17
C GLU A 93 -27.56 6.19 -17.41
N GLY A 94 -27.08 6.44 -16.18
CA GLY A 94 -27.55 7.55 -15.35
C GLY A 94 -27.38 7.25 -13.87
N SER A 95 -26.50 8.02 -13.21
CA SER A 95 -26.25 7.92 -11.76
C SER A 95 -27.17 8.93 -11.01
N GLN A 1 -16.80 10.42 -5.75
CA GLN A 1 -15.68 9.95 -4.89
C GLN A 1 -15.35 11.01 -3.82
N GLY A 2 -14.37 10.68 -2.96
CA GLY A 2 -13.97 11.57 -1.87
C GLY A 2 -12.66 11.15 -1.24
N HIS A 3 -12.54 11.30 0.09
CA HIS A 3 -11.29 11.03 0.84
C HIS A 3 -11.48 9.87 1.82
N MET A 4 -11.37 8.64 1.31
CA MET A 4 -11.35 7.43 2.14
C MET A 4 -9.89 7.13 2.53
N ASP A 5 -9.51 7.57 3.75
CA ASP A 5 -8.11 7.47 4.22
C ASP A 5 -7.81 6.07 4.81
N LEU A 6 -7.47 5.13 3.91
CA LEU A 6 -6.87 3.82 4.25
C LEU A 6 -5.36 3.87 3.93
N ILE A 7 -4.88 5.10 3.65
CA ILE A 7 -3.53 5.39 3.14
C ILE A 7 -2.47 5.21 4.26
N CYS A 8 -2.86 5.45 5.53
CA CYS A 8 -1.96 5.35 6.69
C CYS A 8 -2.66 4.60 7.84
N MET A 9 -2.47 3.27 7.91
CA MET A 9 -3.06 2.37 8.94
C MET A 9 -2.09 1.21 9.20
N TYR A 10 -2.21 0.57 10.38
CA TYR A 10 -1.41 -0.62 10.74
C TYR A 10 -2.00 -1.87 10.06
N VAL A 11 -1.29 -2.42 9.08
CA VAL A 11 -1.73 -3.62 8.35
C VAL A 11 -1.35 -4.89 9.13
N PHE A 12 -2.32 -5.79 9.31
CA PHE A 12 -2.15 -7.06 10.03
C PHE A 12 -2.39 -8.23 9.07
N LYS A 13 -1.40 -9.14 8.98
CA LYS A 13 -1.50 -10.38 8.22
C LYS A 13 -2.29 -11.40 9.07
N GLY A 14 -3.62 -11.43 8.86
CA GLY A 14 -4.51 -12.23 9.69
C GLY A 14 -4.64 -11.63 11.08
N GLU A 15 -3.83 -12.14 12.05
CA GLU A 15 -3.83 -11.66 13.44
C GLU A 15 -2.48 -10.99 13.81
N GLU A 16 -1.41 -11.32 13.06
CA GLU A 16 -0.04 -10.81 13.35
C GLU A 16 0.20 -9.46 12.64
N SER A 17 1.12 -8.64 13.16
CA SER A 17 1.48 -7.35 12.57
C SER A 17 2.26 -7.57 11.27
N PHE A 18 1.65 -7.19 10.14
CA PHE A 18 2.29 -7.28 8.82
C PHE A 18 3.23 -6.07 8.61
N GLY A 19 2.67 -4.87 8.81
CA GLY A 19 3.41 -3.62 8.66
C GLY A 19 2.51 -2.40 8.81
N GLU A 20 2.74 -1.40 7.96
CA GLU A 20 1.96 -0.15 7.93
C GLU A 20 1.73 0.25 6.46
N SER A 21 0.50 0.59 6.09
CA SER A 21 0.21 1.14 4.76
C SER A 21 0.81 2.55 4.66
N ILE A 22 1.66 2.77 3.65
CA ILE A 22 2.37 4.05 3.44
C ILE A 22 1.80 4.75 2.20
N ASP A 23 1.46 3.95 1.16
CA ASP A 23 1.07 4.48 -0.15
C ASP A 23 0.09 3.51 -0.85
N VAL A 24 -0.54 3.98 -1.94
CA VAL A 24 -1.40 3.16 -2.81
C VAL A 24 -0.92 3.31 -4.27
N TYR A 25 -0.90 2.20 -5.02
CA TYR A 25 -0.28 2.10 -6.34
C TYR A 25 -1.05 1.07 -7.20
N GLY A 26 -1.93 1.58 -8.08
CA GLY A 26 -2.74 0.73 -8.96
C GLY A 26 -3.84 0.02 -8.19
N ASP A 27 -3.70 -1.31 -8.03
CA ASP A 27 -4.59 -2.12 -7.17
C ASP A 27 -3.85 -2.48 -5.87
N TYR A 28 -2.56 -2.13 -5.79
CA TYR A 28 -1.68 -2.57 -4.71
C TYR A 28 -1.51 -1.46 -3.66
N LEU A 29 -2.03 -1.73 -2.45
CA LEU A 29 -1.77 -0.94 -1.26
C LEU A 29 -0.34 -1.23 -0.79
N ILE A 30 0.56 -0.25 -1.03
CA ILE A 30 1.98 -0.34 -0.65
C ILE A 30 2.11 -0.34 0.87
N VAL A 31 2.42 -1.51 1.44
CA VAL A 31 2.63 -1.67 2.87
C VAL A 31 4.14 -1.70 3.17
N LYS A 32 4.58 -0.71 3.93
CA LYS A 32 5.95 -0.62 4.45
C LYS A 32 6.08 -1.68 5.56
N VAL A 33 6.88 -2.72 5.30
CA VAL A 33 7.10 -3.85 6.21
C VAL A 33 8.55 -3.83 6.77
N GLY A 34 8.73 -3.06 7.85
CA GLY A 34 10.02 -2.96 8.54
C GLY A 34 11.11 -2.27 7.71
N THR A 35 11.87 -3.06 6.95
CA THR A 35 12.99 -2.57 6.12
C THR A 35 12.62 -2.55 4.62
N GLU A 36 11.46 -3.17 4.28
CA GLU A 36 11.03 -3.35 2.87
C GLU A 36 9.63 -2.77 2.64
N PHE A 37 9.13 -2.96 1.40
CA PHE A 37 7.77 -2.58 0.96
C PHE A 37 7.11 -3.78 0.24
N LEU A 38 6.10 -4.37 0.89
CA LEU A 38 5.27 -5.45 0.33
C LEU A 38 3.92 -4.86 -0.11
N ALA A 39 3.71 -4.80 -1.43
CA ALA A 39 2.54 -4.17 -2.05
C ALA A 39 1.37 -5.16 -2.17
N VAL A 40 0.48 -5.17 -1.17
CA VAL A 40 -0.66 -6.11 -1.12
C VAL A 40 -1.83 -5.55 -1.98
N PRO A 41 -2.45 -6.37 -2.88
CA PRO A 41 -3.61 -5.92 -3.69
C PRO A 41 -4.85 -5.62 -2.82
N LYS A 42 -5.79 -4.83 -3.35
CA LYS A 42 -7.01 -4.40 -2.61
C LYS A 42 -7.94 -5.60 -2.32
N LYS A 43 -7.80 -6.67 -3.11
CA LYS A 43 -8.52 -7.94 -2.93
C LYS A 43 -7.95 -8.78 -1.76
N SER A 44 -6.70 -8.47 -1.35
CA SER A 44 -6.06 -9.14 -0.20
C SER A 44 -6.70 -8.70 1.13
N ILE A 45 -7.22 -7.46 1.17
CA ILE A 45 -7.81 -6.87 2.37
C ILE A 45 -9.14 -7.57 2.71
N LYS A 46 -9.19 -8.20 3.89
CA LYS A 46 -10.37 -8.88 4.43
C LYS A 46 -11.28 -7.89 5.17
N SER A 47 -10.69 -7.18 6.14
CA SER A 47 -11.42 -6.31 7.07
C SER A 47 -10.72 -4.96 7.22
N VAL A 48 -11.52 -3.90 7.42
CA VAL A 48 -11.03 -2.54 7.71
C VAL A 48 -11.48 -2.14 9.14
N GLU A 49 -10.52 -1.73 9.96
CA GLU A 49 -10.76 -1.28 11.35
C GLU A 49 -10.23 0.17 11.51
N ASP A 50 -10.51 0.77 12.67
CA ASP A 50 -10.04 2.12 13.01
C ASP A 50 -8.51 2.12 13.23
N GLY A 51 -7.77 2.51 12.16
CA GLY A 51 -6.31 2.53 12.20
C GLY A 51 -5.67 1.17 12.00
N ARG A 52 -6.44 0.21 11.44
CA ARG A 52 -5.97 -1.16 11.15
C ARG A 52 -6.53 -1.65 9.81
N ILE A 53 -5.77 -2.52 9.12
CA ILE A 53 -6.16 -3.16 7.86
C ILE A 53 -5.81 -4.67 7.93
N VAL A 54 -6.81 -5.53 8.12
CA VAL A 54 -6.62 -7.00 8.13
C VAL A 54 -6.59 -7.51 6.69
N ILE A 55 -5.48 -8.19 6.31
CA ILE A 55 -5.33 -8.87 5.00
C ILE A 55 -5.28 -10.40 5.22
N GLY A 56 -5.67 -11.17 4.21
CA GLY A 56 -5.81 -12.63 4.33
C GLY A 56 -4.67 -13.36 3.65
N GLU A 57 -4.56 -13.23 2.32
CA GLU A 57 -3.48 -13.83 1.53
C GLU A 57 -3.31 -13.06 0.21
N PHE A 58 -2.12 -13.23 -0.39
CA PHE A 58 -1.72 -12.55 -1.63
C PHE A 58 -0.46 -13.23 -2.18
N ASP A 59 -0.04 -12.83 -3.40
CA ASP A 59 1.20 -13.30 -4.03
C ASP A 59 2.37 -12.51 -3.41
N GLU A 60 3.06 -13.14 -2.46
CA GLU A 60 4.04 -12.47 -1.57
C GLU A 60 5.30 -12.01 -2.32
N GLU A 61 5.97 -12.95 -2.96
CA GLU A 61 7.24 -12.69 -3.68
C GLU A 61 6.99 -11.80 -4.91
N GLU A 62 5.78 -11.92 -5.51
CA GLU A 62 5.34 -11.03 -6.59
C GLU A 62 5.05 -9.61 -6.06
N ALA A 63 4.46 -9.51 -4.86
CA ALA A 63 4.17 -8.21 -4.21
C ALA A 63 5.47 -7.50 -3.79
N ARG A 64 6.53 -8.30 -3.57
CA ARG A 64 7.86 -7.80 -3.21
C ARG A 64 8.54 -7.20 -4.45
N GLU A 65 8.47 -7.91 -5.60
CA GLU A 65 9.13 -7.48 -6.86
C GLU A 65 8.41 -6.27 -7.50
N LEU A 66 7.07 -6.25 -7.41
CA LEU A 66 6.28 -5.09 -7.88
C LEU A 66 6.23 -3.99 -6.79
N GLY A 67 6.63 -4.37 -5.56
CA GLY A 67 6.87 -3.40 -4.49
C GLY A 67 8.12 -2.57 -4.76
N ARG A 68 9.23 -3.25 -5.15
CA ARG A 68 10.49 -2.57 -5.54
C ARG A 68 10.31 -1.86 -6.90
N LYS A 69 9.33 -2.35 -7.73
CA LYS A 69 8.90 -1.66 -8.96
C LYS A 69 8.31 -0.28 -8.60
N TRP A 70 7.55 -0.21 -7.50
CA TRP A 70 7.06 1.07 -6.96
C TRP A 70 8.25 1.99 -6.59
N LEU A 71 9.34 1.39 -6.02
CA LEU A 71 10.57 2.14 -5.67
C LEU A 71 11.24 2.79 -6.91
N GLU A 72 11.27 2.11 -8.06
CA GLU A 72 11.90 2.67 -9.29
C GLU A 72 10.95 3.69 -9.97
N GLU A 73 9.62 3.51 -9.81
CA GLU A 73 8.61 4.40 -10.45
C GLU A 73 8.44 5.73 -9.70
N LYS A 74 8.64 5.72 -8.37
CA LYS A 74 8.70 6.97 -7.57
C LYS A 74 10.03 7.73 -7.85
N SER A 75 10.92 7.04 -8.61
CA SER A 75 12.23 7.53 -9.05
C SER A 75 13.22 7.53 -7.87
N LYS A 76 13.79 6.35 -7.61
CA LYS A 76 14.88 6.18 -6.64
C LYS A 76 16.23 6.53 -7.34
N PRO A 77 17.32 6.88 -6.57
CA PRO A 77 18.68 6.99 -7.14
C PRO A 77 19.19 5.60 -7.63
N VAL A 78 19.99 5.61 -8.71
CA VAL A 78 20.56 4.37 -9.29
C VAL A 78 21.66 3.79 -8.38
N THR A 79 22.21 4.67 -7.49
CA THR A 79 23.20 4.36 -6.42
C THR A 79 24.42 3.54 -6.91
N LEU A 80 24.71 3.63 -8.22
CA LEU A 80 25.73 2.80 -8.87
C LEU A 80 26.10 3.44 -10.23
N GLU A 81 27.39 3.71 -10.43
CA GLU A 81 27.90 4.43 -11.63
C GLU A 81 27.83 3.55 -12.89
N GLU A 82 27.89 2.22 -12.72
CA GLU A 82 27.70 1.26 -13.83
C GLU A 82 26.20 1.22 -14.26
N LEU A 83 25.32 1.50 -13.29
CA LEU A 83 23.85 1.56 -13.50
C LEU A 83 23.45 2.90 -14.18
N LYS A 84 24.43 3.82 -14.34
CA LYS A 84 24.22 5.12 -15.03
C LYS A 84 23.78 4.92 -16.48
N SER A 85 24.45 3.98 -17.18
CA SER A 85 24.16 3.65 -18.59
C SER A 85 23.13 2.51 -18.71
N TYR A 86 22.44 2.19 -17.59
CA TYR A 86 21.49 1.06 -17.52
C TYR A 86 20.13 1.54 -16.96
N GLY A 87 19.05 0.85 -17.37
CA GLY A 87 17.71 1.14 -16.87
C GLY A 87 16.65 0.61 -17.81
N PHE A 88 16.26 -0.65 -17.62
CA PHE A 88 15.24 -1.33 -18.45
C PHE A 88 14.13 -1.93 -17.58
N GLY A 89 13.02 -2.29 -18.23
CA GLY A 89 11.86 -2.88 -17.57
C GLY A 89 10.57 -2.43 -18.26
N GLU A 90 9.45 -2.53 -17.53
CA GLU A 90 8.13 -2.05 -18.00
C GLU A 90 7.93 -0.61 -17.51
N GLU A 91 7.47 0.30 -18.38
CA GLU A 91 7.28 1.72 -18.01
C GLU A 91 5.92 1.95 -17.34
N GLY A 92 5.96 2.18 -16.02
CA GLY A 92 4.81 2.65 -15.24
C GLY A 92 3.65 1.66 -15.16
N GLU A 93 2.51 2.16 -14.69
CA GLU A 93 1.21 1.44 -14.72
C GLU A 93 0.26 2.09 -15.76
N GLY A 94 0.72 3.22 -16.34
CA GLY A 94 0.04 3.87 -17.48
C GLY A 94 -1.22 4.63 -17.11
N SER A 95 -1.38 4.94 -15.80
CA SER A 95 -2.57 5.60 -15.23
C SER A 95 -3.82 4.69 -15.41
N GLN A 1 -16.63 12.66 12.21
CA GLN A 1 -17.04 12.67 10.78
C GLN A 1 -15.81 12.84 9.88
N GLY A 2 -15.70 12.00 8.83
CA GLY A 2 -14.58 12.06 7.90
C GLY A 2 -13.49 11.05 8.20
N HIS A 3 -12.46 11.03 7.35
CA HIS A 3 -11.31 10.11 7.48
C HIS A 3 -10.00 10.89 7.23
N MET A 4 -9.01 10.69 8.12
CA MET A 4 -7.67 11.26 7.96
C MET A 4 -6.85 10.35 7.05
N ASP A 5 -6.76 10.71 5.77
CA ASP A 5 -6.00 9.97 4.72
C ASP A 5 -4.47 10.12 4.90
N LEU A 6 -4.06 10.89 5.92
CA LEU A 6 -2.65 11.15 6.24
C LEU A 6 -2.10 10.10 7.23
N ILE A 7 -2.96 9.19 7.76
CA ILE A 7 -2.58 8.20 8.78
C ILE A 7 -1.87 6.97 8.12
N CYS A 8 -0.86 6.44 8.83
CA CYS A 8 -0.22 5.16 8.47
C CYS A 8 -1.04 4.02 9.11
N MET A 9 -1.97 3.45 8.31
CA MET A 9 -2.91 2.42 8.78
C MET A 9 -2.16 1.08 9.02
N TYR A 10 -1.99 0.71 10.30
CA TYR A 10 -1.21 -0.48 10.69
C TYR A 10 -1.84 -1.77 10.12
N VAL A 11 -1.03 -2.51 9.35
CA VAL A 11 -1.47 -3.71 8.61
C VAL A 11 -1.22 -4.97 9.45
N PHE A 12 -2.25 -5.81 9.55
CA PHE A 12 -2.22 -7.10 10.25
C PHE A 12 -2.50 -8.21 9.23
N LYS A 13 -1.60 -9.23 9.19
CA LYS A 13 -1.78 -10.42 8.35
C LYS A 13 -2.78 -11.35 9.07
N GLY A 14 -4.07 -11.13 8.81
CA GLY A 14 -5.13 -11.81 9.52
C GLY A 14 -5.25 -11.25 10.94
N GLU A 15 -4.58 -11.91 11.89
CA GLU A 15 -4.56 -11.51 13.32
C GLU A 15 -3.16 -11.02 13.77
N GLU A 16 -2.10 -11.51 13.10
CA GLU A 16 -0.70 -11.20 13.50
C GLU A 16 -0.28 -9.83 12.96
N SER A 17 0.54 -9.10 13.72
CA SER A 17 1.06 -7.78 13.32
C SER A 17 2.05 -7.96 12.16
N PHE A 18 1.68 -7.43 10.97
CA PHE A 18 2.47 -7.61 9.74
C PHE A 18 3.42 -6.41 9.53
N GLY A 19 2.86 -5.20 9.63
CA GLY A 19 3.62 -3.96 9.44
C GLY A 19 2.73 -2.73 9.49
N GLU A 20 2.99 -1.79 8.57
CA GLU A 20 2.27 -0.50 8.49
C GLU A 20 2.04 -0.12 7.01
N SER A 21 0.90 0.50 6.72
CA SER A 21 0.62 1.07 5.40
C SER A 21 1.38 2.40 5.27
N ILE A 22 1.77 2.74 4.03
CA ILE A 22 2.51 3.97 3.74
C ILE A 22 1.90 4.64 2.49
N ASP A 23 1.52 3.81 1.50
CA ASP A 23 1.00 4.32 0.20
C ASP A 23 0.04 3.27 -0.41
N VAL A 24 -0.67 3.68 -1.48
CA VAL A 24 -1.50 2.78 -2.29
C VAL A 24 -1.67 3.37 -3.69
N TYR A 25 -1.28 2.61 -4.74
CA TYR A 25 -1.45 3.00 -6.14
C TYR A 25 -2.25 1.89 -6.86
N GLY A 26 -3.26 2.30 -7.62
CA GLY A 26 -4.08 1.36 -8.40
C GLY A 26 -4.82 0.33 -7.55
N ASP A 27 -4.33 -0.92 -7.60
CA ASP A 27 -4.93 -2.06 -6.89
C ASP A 27 -3.96 -2.67 -5.87
N TYR A 28 -2.90 -1.92 -5.49
CA TYR A 28 -1.85 -2.43 -4.58
C TYR A 28 -1.54 -1.43 -3.47
N LEU A 29 -1.89 -1.83 -2.24
CA LEU A 29 -1.57 -1.12 -1.00
C LEU A 29 -0.11 -1.39 -0.61
N ILE A 30 0.72 -0.35 -0.69
CA ILE A 30 2.14 -0.41 -0.33
C ILE A 30 2.29 -0.49 1.20
N VAL A 31 2.76 -1.67 1.68
CA VAL A 31 2.97 -1.97 3.10
C VAL A 31 4.47 -2.06 3.40
N LYS A 32 4.93 -1.28 4.39
CA LYS A 32 6.29 -1.36 4.96
C LYS A 32 6.40 -2.61 5.83
N VAL A 33 7.33 -3.52 5.46
CA VAL A 33 7.68 -4.72 6.24
C VAL A 33 9.22 -4.90 6.23
N GLY A 34 9.78 -5.17 7.42
CA GLY A 34 11.22 -5.34 7.60
C GLY A 34 11.99 -4.05 7.33
N THR A 35 12.56 -3.95 6.12
CA THR A 35 13.34 -2.78 5.66
C THR A 35 12.77 -2.25 4.31
N GLU A 36 11.87 -3.03 3.68
CA GLU A 36 11.37 -2.76 2.30
C GLU A 36 9.83 -2.67 2.27
N PHE A 37 9.28 -2.59 1.03
CA PHE A 37 7.84 -2.39 0.77
C PHE A 37 7.28 -3.56 -0.06
N LEU A 38 6.42 -4.38 0.56
CA LEU A 38 5.64 -5.44 -0.11
C LEU A 38 4.20 -4.92 -0.30
N ALA A 39 3.80 -4.80 -1.57
CA ALA A 39 2.50 -4.24 -1.95
C ALA A 39 1.42 -5.33 -2.03
N VAL A 40 0.51 -5.32 -1.07
CA VAL A 40 -0.60 -6.29 -1.00
C VAL A 40 -1.77 -5.82 -1.90
N PRO A 41 -2.45 -6.74 -2.65
CA PRO A 41 -3.62 -6.38 -3.49
C PRO A 41 -4.86 -6.01 -2.64
N LYS A 42 -5.76 -5.21 -3.25
CA LYS A 42 -7.02 -4.75 -2.62
C LYS A 42 -8.01 -5.91 -2.41
N LYS A 43 -7.90 -6.93 -3.28
CA LYS A 43 -8.70 -8.17 -3.19
C LYS A 43 -8.20 -9.09 -2.06
N SER A 44 -7.02 -8.76 -1.45
CA SER A 44 -6.48 -9.50 -0.30
C SER A 44 -7.01 -8.93 1.03
N ILE A 45 -7.54 -7.68 1.00
CA ILE A 45 -8.02 -7.00 2.22
C ILE A 45 -9.22 -7.77 2.78
N LYS A 46 -9.03 -8.39 3.97
CA LYS A 46 -10.10 -9.12 4.68
C LYS A 46 -11.15 -8.15 5.23
N SER A 47 -10.66 -7.06 5.83
CA SER A 47 -11.49 -6.06 6.49
C SER A 47 -10.71 -4.75 6.63
N VAL A 48 -11.41 -3.63 6.52
CA VAL A 48 -10.85 -2.29 6.76
C VAL A 48 -11.46 -1.72 8.06
N GLU A 49 -10.58 -1.43 9.03
CA GLU A 49 -10.95 -0.81 10.32
C GLU A 49 -10.55 0.67 10.32
N ASP A 50 -11.06 1.43 11.29
CA ASP A 50 -10.67 2.84 11.48
C ASP A 50 -9.17 2.92 11.88
N GLY A 51 -8.33 3.30 10.90
CA GLY A 51 -6.88 3.44 11.11
C GLY A 51 -6.11 2.11 11.06
N ARG A 52 -6.80 1.00 10.75
CA ARG A 52 -6.18 -0.35 10.67
C ARG A 52 -6.58 -1.05 9.37
N ILE A 53 -5.68 -1.89 8.85
CA ILE A 53 -5.92 -2.74 7.67
C ILE A 53 -5.72 -4.21 8.07
N VAL A 54 -6.68 -5.07 7.71
CA VAL A 54 -6.58 -6.53 7.86
C VAL A 54 -6.49 -7.15 6.46
N ILE A 55 -5.41 -7.92 6.21
CA ILE A 55 -5.16 -8.58 4.91
C ILE A 55 -5.12 -10.11 5.06
N GLY A 56 -5.21 -10.79 3.92
CA GLY A 56 -5.10 -12.26 3.86
C GLY A 56 -3.78 -12.68 3.27
N GLU A 57 -3.63 -13.99 3.01
CA GLU A 57 -2.41 -14.55 2.43
C GLU A 57 -2.29 -14.14 0.96
N PHE A 58 -1.11 -13.63 0.59
CA PHE A 58 -0.77 -13.14 -0.75
C PHE A 58 0.62 -13.67 -1.14
N ASP A 59 0.98 -13.57 -2.42
CA ASP A 59 2.33 -13.93 -2.91
C ASP A 59 3.30 -12.78 -2.61
N GLU A 60 4.20 -13.00 -1.64
CA GLU A 60 5.19 -12.01 -1.18
C GLU A 60 6.21 -11.68 -2.28
N GLU A 61 6.45 -12.69 -3.16
CA GLU A 61 7.35 -12.58 -4.31
C GLU A 61 6.79 -11.61 -5.36
N GLU A 62 5.47 -11.70 -5.62
CA GLU A 62 4.79 -10.75 -6.52
C GLU A 62 4.72 -9.35 -5.89
N ALA A 63 4.41 -9.31 -4.58
CA ALA A 63 4.27 -8.07 -3.81
C ALA A 63 5.58 -7.24 -3.79
N ARG A 64 6.72 -7.93 -3.66
CA ARG A 64 8.05 -7.28 -3.59
C ARG A 64 8.54 -6.78 -4.97
N GLU A 65 8.20 -7.51 -6.06
CA GLU A 65 8.67 -7.14 -7.42
C GLU A 65 7.87 -5.97 -8.02
N LEU A 66 6.55 -5.96 -7.82
CA LEU A 66 5.70 -4.84 -8.27
C LEU A 66 5.79 -3.70 -7.24
N GLY A 67 6.10 -4.08 -5.99
CA GLY A 67 6.41 -3.13 -4.93
C GLY A 67 7.73 -2.42 -5.18
N ARG A 68 8.71 -3.12 -5.77
CA ARG A 68 10.01 -2.52 -6.14
C ARG A 68 9.85 -1.67 -7.43
N LYS A 69 8.76 -1.91 -8.19
CA LYS A 69 8.34 -0.98 -9.27
C LYS A 69 7.84 0.35 -8.66
N TRP A 70 7.23 0.27 -7.46
CA TRP A 70 6.92 1.45 -6.65
C TRP A 70 8.23 2.13 -6.17
N LEU A 71 9.27 1.31 -5.91
CA LEU A 71 10.64 1.82 -5.56
C LEU A 71 11.31 2.55 -6.75
N GLU A 72 11.02 2.14 -8.02
CA GLU A 72 11.53 2.87 -9.22
C GLU A 72 10.64 4.10 -9.51
N GLU A 73 9.37 4.02 -9.06
CA GLU A 73 8.44 5.17 -9.06
C GLU A 73 8.93 6.26 -8.07
N LYS A 74 9.61 5.83 -6.97
CA LYS A 74 10.27 6.76 -6.02
C LYS A 74 11.36 7.58 -6.72
N SER A 75 12.30 6.88 -7.38
CA SER A 75 13.45 7.49 -8.07
C SER A 75 13.25 7.36 -9.61
N LYS A 76 12.80 8.46 -10.23
CA LYS A 76 12.37 8.52 -11.65
C LYS A 76 13.51 8.15 -12.63
N PRO A 77 13.21 7.48 -13.79
CA PRO A 77 14.24 7.07 -14.77
C PRO A 77 14.66 8.21 -15.72
N VAL A 78 15.65 7.93 -16.61
CA VAL A 78 16.13 8.90 -17.62
C VAL A 78 15.07 9.09 -18.73
N THR A 79 14.21 8.07 -18.92
CA THR A 79 13.03 8.15 -19.79
C THR A 79 11.99 9.10 -19.18
N LEU A 80 11.37 9.94 -20.04
CA LEU A 80 10.26 10.84 -19.66
C LEU A 80 9.12 10.01 -19.05
N GLU A 81 8.81 10.27 -17.76
CA GLU A 81 7.80 9.47 -17.00
C GLU A 81 6.36 9.81 -17.44
N GLU A 82 6.21 10.83 -18.32
CA GLU A 82 4.94 11.14 -19.01
C GLU A 82 4.60 9.98 -19.99
N LEU A 83 5.65 9.34 -20.52
CA LEU A 83 5.55 8.16 -21.42
C LEU A 83 5.09 6.91 -20.63
N LYS A 84 5.35 6.87 -19.31
CA LYS A 84 4.84 5.80 -18.41
C LYS A 84 3.30 5.88 -18.36
N SER A 85 2.65 5.17 -19.29
CA SER A 85 1.19 5.21 -19.48
C SER A 85 0.56 3.95 -18.89
N TYR A 86 -0.38 4.16 -17.97
CA TYR A 86 -1.10 3.12 -17.23
C TYR A 86 -2.12 3.81 -16.31
N GLY A 87 -1.66 4.94 -15.72
CA GLY A 87 -2.40 5.65 -14.69
C GLY A 87 -2.40 4.85 -13.40
N PHE A 88 -3.56 4.25 -13.07
CA PHE A 88 -3.74 3.40 -11.88
C PHE A 88 -4.58 2.15 -12.25
N GLY A 89 -5.14 2.11 -13.48
CA GLY A 89 -5.99 1.00 -13.92
C GLY A 89 -7.32 0.96 -13.17
N GLU A 90 -7.88 2.15 -12.91
CA GLU A 90 -9.13 2.34 -12.13
C GLU A 90 -10.32 1.64 -12.81
N GLU A 91 -10.78 0.55 -12.16
CA GLU A 91 -11.85 -0.33 -12.65
C GLU A 91 -12.41 -1.08 -11.43
N GLY A 92 -13.74 -1.04 -11.24
CA GLY A 92 -14.40 -1.62 -10.07
C GLY A 92 -14.39 -0.66 -8.88
N GLU A 93 -15.28 -0.90 -7.91
CA GLU A 93 -15.45 -0.04 -6.72
C GLU A 93 -15.89 -0.87 -5.50
N GLY A 94 -16.09 -0.18 -4.37
CA GLY A 94 -16.50 -0.82 -3.11
C GLY A 94 -16.26 0.10 -1.94
N SER A 95 -14.99 0.46 -1.74
CA SER A 95 -14.54 1.40 -0.71
C SER A 95 -13.41 2.29 -1.30
#